data_1DAQ
# 
_entry.id   1DAQ 
# 
_audit_conform.dict_name       mmcif_pdbx.dic 
_audit_conform.dict_version    5.392 
_audit_conform.dict_location   http://mmcif.pdb.org/dictionaries/ascii/mmcif_pdbx.dic 
# 
loop_
_database_2.database_id 
_database_2.database_code 
_database_2.pdbx_database_accession 
_database_2.pdbx_DOI 
PDB   1DAQ         pdb_00001daq 10.2210/pdb1daq/pdb 
RCSB  RCSB009931   ?            ?                   
WWPDB D_1000009931 ?            ?                   
# 
loop_
_pdbx_audit_revision_history.ordinal 
_pdbx_audit_revision_history.data_content_type 
_pdbx_audit_revision_history.major_revision 
_pdbx_audit_revision_history.minor_revision 
_pdbx_audit_revision_history.revision_date 
1 'Structure model' 1 0 2001-04-04 
2 'Structure model' 1 1 2008-04-27 
3 'Structure model' 1 2 2011-07-13 
4 'Structure model' 1 3 2021-11-03 
5 'Structure model' 1 4 2024-05-22 
# 
_pdbx_audit_revision_details.ordinal             1 
_pdbx_audit_revision_details.revision_ordinal    1 
_pdbx_audit_revision_details.data_content_type   'Structure model' 
_pdbx_audit_revision_details.provider            repository 
_pdbx_audit_revision_details.type                'Initial release' 
_pdbx_audit_revision_details.description         ? 
_pdbx_audit_revision_details.details             ? 
# 
loop_
_pdbx_audit_revision_group.ordinal 
_pdbx_audit_revision_group.revision_ordinal 
_pdbx_audit_revision_group.data_content_type 
_pdbx_audit_revision_group.group 
1 2 'Structure model' 'Version format compliance' 
2 3 'Structure model' 'Version format compliance' 
3 4 'Structure model' 'Data collection'           
4 4 'Structure model' 'Database references'       
5 4 'Structure model' 'Derived calculations'      
6 5 'Structure model' 'Data collection'           
# 
loop_
_pdbx_audit_revision_category.ordinal 
_pdbx_audit_revision_category.revision_ordinal 
_pdbx_audit_revision_category.data_content_type 
_pdbx_audit_revision_category.category 
1  4 'Structure model' database_2             
2  4 'Structure model' pdbx_nmr_software      
3  4 'Structure model' pdbx_struct_assembly   
4  4 'Structure model' pdbx_struct_conn_angle 
5  4 'Structure model' pdbx_struct_oper_list  
6  4 'Structure model' struct_conn            
7  4 'Structure model' struct_ref_seq_dif     
8  4 'Structure model' struct_site            
9  5 'Structure model' chem_comp_atom         
10 5 'Structure model' chem_comp_bond         
# 
loop_
_pdbx_audit_revision_item.ordinal 
_pdbx_audit_revision_item.revision_ordinal 
_pdbx_audit_revision_item.data_content_type 
_pdbx_audit_revision_item.item 
1  4 'Structure model' '_database_2.pdbx_DOI'                        
2  4 'Structure model' '_database_2.pdbx_database_accession'         
3  4 'Structure model' '_pdbx_nmr_software.name'                     
4  4 'Structure model' '_pdbx_struct_conn_angle.ptnr1_auth_comp_id'  
5  4 'Structure model' '_pdbx_struct_conn_angle.ptnr1_auth_seq_id'   
6  4 'Structure model' '_pdbx_struct_conn_angle.ptnr1_label_atom_id' 
7  4 'Structure model' '_pdbx_struct_conn_angle.ptnr1_label_comp_id' 
8  4 'Structure model' '_pdbx_struct_conn_angle.ptnr1_label_seq_id'  
9  4 'Structure model' '_pdbx_struct_conn_angle.ptnr3_auth_comp_id'  
10 4 'Structure model' '_pdbx_struct_conn_angle.ptnr3_auth_seq_id'   
11 4 'Structure model' '_pdbx_struct_conn_angle.ptnr3_label_atom_id' 
12 4 'Structure model' '_pdbx_struct_conn_angle.ptnr3_label_comp_id' 
13 4 'Structure model' '_pdbx_struct_conn_angle.ptnr3_label_seq_id'  
14 4 'Structure model' '_pdbx_struct_conn_angle.value'               
15 4 'Structure model' '_struct_conn.pdbx_dist_value'                
16 4 'Structure model' '_struct_conn.ptnr1_auth_comp_id'             
17 4 'Structure model' '_struct_conn.ptnr1_auth_seq_id'              
18 4 'Structure model' '_struct_conn.ptnr1_label_asym_id'            
19 4 'Structure model' '_struct_conn.ptnr1_label_atom_id'            
20 4 'Structure model' '_struct_conn.ptnr1_label_comp_id'            
21 4 'Structure model' '_struct_conn.ptnr1_label_seq_id'             
22 4 'Structure model' '_struct_conn.ptnr2_auth_comp_id'             
23 4 'Structure model' '_struct_conn.ptnr2_auth_seq_id'              
24 4 'Structure model' '_struct_conn.ptnr2_label_asym_id'            
25 4 'Structure model' '_struct_conn.ptnr2_label_atom_id'            
26 4 'Structure model' '_struct_conn.ptnr2_label_comp_id'            
27 4 'Structure model' '_struct_conn.ptnr2_label_seq_id'             
28 4 'Structure model' '_struct_ref_seq_dif.details'                 
29 4 'Structure model' '_struct_site.pdbx_auth_asym_id'              
30 4 'Structure model' '_struct_site.pdbx_auth_comp_id'              
31 4 'Structure model' '_struct_site.pdbx_auth_seq_id'               
# 
_pdbx_database_status.status_code                     REL 
_pdbx_database_status.entry_id                        1DAQ 
_pdbx_database_status.recvd_initial_deposition_date   1999-10-31 
_pdbx_database_status.deposit_site                    RCSB 
_pdbx_database_status.process_site                    RCSB 
_pdbx_database_status.status_code_mr                  REL 
_pdbx_database_status.SG_entry                        . 
_pdbx_database_status.pdb_format_compatible           Y 
_pdbx_database_status.status_code_sf                  ? 
_pdbx_database_status.status_code_cs                  ? 
_pdbx_database_status.status_code_nmr_data            ? 
_pdbx_database_status.methods_development_category    ? 
# 
_pdbx_database_related.db_name        PDB 
_pdbx_database_related.db_id          1DAV 
_pdbx_database_related.details        'NMR, 20 STRUCTURES' 
_pdbx_database_related.content_type   unspecified 
# 
loop_
_audit_author.name 
_audit_author.pdbx_ordinal 
'Lytle, B.L.'   1 
'Volkman, B.F.' 2 
'Westler, W.M.' 3 
'Heckman, M.P.' 4 
'Wu, J.H.D.'    5 
# 
loop_
_citation.id 
_citation.title 
_citation.journal_abbrev 
_citation.journal_volume 
_citation.page_first 
_citation.page_last 
_citation.year 
_citation.journal_id_ASTM 
_citation.country 
_citation.journal_id_ISSN 
_citation.journal_id_CSD 
_citation.book_publisher 
_citation.pdbx_database_id_PubMed 
_citation.pdbx_database_id_DOI 
primary 'Solution structure of a type I dockerin domain, a novel prokaryotic, extracellular calcium-binding domain.' J.Mol.Biol. 
307 745  753  2001 JMOBAK UK 0022-2836 0070 ? 11273698 10.1006/jmbi.2001.4522 
1       
'Secondary Structure and Calcium-induced Folding of the Clostridium thermocellum Dockerin Domain Determined by NMR Spectroscopy' 
ARCH.BIOCHEM.BIOPHYS. 379 237  ?    2000 ABBIA4 US 0003-9861 0158 ? ?        10.1006/abbi.2000.1882 
2       'Involvement of Both Dockerin Subdomains in Assembly of the Clostridium thermocellum Cellulosome' J.Bacteriol.          
180 6581 6585 1998 JOBAAY US 0021-9193 0767 ? ?        ?                      
# 
loop_
_citation_author.citation_id 
_citation_author.name 
_citation_author.ordinal 
_citation_author.identifier_ORCID 
primary 'Lytle, B.L.'   1  ? 
primary 'Volkman, B.F.' 2  ? 
primary 'Westler, W.M.' 3  ? 
primary 'Heckman, M.P.' 4  ? 
primary 'Wu, J.H.'      5  ? 
1       'Lytle, B.L.'   6  ? 
1       'Volkman, B.F.' 7  ? 
1       'Westler, W.M.' 8  ? 
1       'Wu, J.H.D.'    9  ? 
2       'Lytle, B.'     10 ? 
2       'Wu, J.H.D.'    11 ? 
# 
loop_
_entity.id 
_entity.type 
_entity.src_method 
_entity.pdbx_description 
_entity.formula_weight 
_entity.pdbx_number_of_molecules 
_entity.pdbx_ec 
_entity.pdbx_mutation 
_entity.pdbx_fragment 
_entity.details 
1 polymer     man 'ENDOGLUCANASE SS' 7858.770 1 3.2.1.4 ? 'TYPE I DOCKERIN DOMAIN (RESIDUES 673-741)' ? 
2 non-polymer syn 'CALCIUM ION'      40.078   2 ?       ? ?                                           ? 
# 
_entity_name_com.entity_id   1 
_entity_name_com.name        CELS 
# 
_entity_name_sys.entity_id   1 
_entity_name_sys.name        CELS 
# 
_entity_poly.entity_id                      1 
_entity_poly.type                           'polypeptide(L)' 
_entity_poly.nstd_linkage                   no 
_entity_poly.nstd_monomer                   no 
_entity_poly.pdbx_seq_one_letter_code       MSTKLYGDVNDDGKVNSTDAVALKRYVLRSGISINTDNADLNEDGRVNSTDLGILKRYILKEIDTLPYKNG 
_entity_poly.pdbx_seq_one_letter_code_can   MSTKLYGDVNDDGKVNSTDAVALKRYVLRSGISINTDNADLNEDGRVNSTDLGILKRYILKEIDTLPYKNG 
_entity_poly.pdbx_strand_id                 A 
_entity_poly.pdbx_target_identifier         ? 
# 
_pdbx_entity_nonpoly.entity_id   2 
_pdbx_entity_nonpoly.name        'CALCIUM ION' 
_pdbx_entity_nonpoly.comp_id     CA 
# 
loop_
_entity_poly_seq.entity_id 
_entity_poly_seq.num 
_entity_poly_seq.mon_id 
_entity_poly_seq.hetero 
1 1  MET n 
1 2  SER n 
1 3  THR n 
1 4  LYS n 
1 5  LEU n 
1 6  TYR n 
1 7  GLY n 
1 8  ASP n 
1 9  VAL n 
1 10 ASN n 
1 11 ASP n 
1 12 ASP n 
1 13 GLY n 
1 14 LYS n 
1 15 VAL n 
1 16 ASN n 
1 17 SER n 
1 18 THR n 
1 19 ASP n 
1 20 ALA n 
1 21 VAL n 
1 22 ALA n 
1 23 LEU n 
1 24 LYS n 
1 25 ARG n 
1 26 TYR n 
1 27 VAL n 
1 28 LEU n 
1 29 ARG n 
1 30 SER n 
1 31 GLY n 
1 32 ILE n 
1 33 SER n 
1 34 ILE n 
1 35 ASN n 
1 36 THR n 
1 37 ASP n 
1 38 ASN n 
1 39 ALA n 
1 40 ASP n 
1 41 LEU n 
1 42 ASN n 
1 43 GLU n 
1 44 ASP n 
1 45 GLY n 
1 46 ARG n 
1 47 VAL n 
1 48 ASN n 
1 49 SER n 
1 50 THR n 
1 51 ASP n 
1 52 LEU n 
1 53 GLY n 
1 54 ILE n 
1 55 LEU n 
1 56 LYS n 
1 57 ARG n 
1 58 TYR n 
1 59 ILE n 
1 60 LEU n 
1 61 LYS n 
1 62 GLU n 
1 63 ILE n 
1 64 ASP n 
1 65 THR n 
1 66 LEU n 
1 67 PRO n 
1 68 TYR n 
1 69 LYS n 
1 70 ASN n 
1 71 GLY n 
# 
_entity_src_gen.entity_id                          1 
_entity_src_gen.pdbx_src_id                        1 
_entity_src_gen.pdbx_alt_source_flag               sample 
_entity_src_gen.pdbx_seq_type                      ? 
_entity_src_gen.pdbx_beg_seq_num                   ? 
_entity_src_gen.pdbx_end_seq_num                   ? 
_entity_src_gen.gene_src_common_name               ? 
_entity_src_gen.gene_src_genus                     Clostridium 
_entity_src_gen.pdbx_gene_src_gene                 ? 
_entity_src_gen.gene_src_species                   ? 
_entity_src_gen.gene_src_strain                    ? 
_entity_src_gen.gene_src_tissue                    ? 
_entity_src_gen.gene_src_tissue_fraction           ? 
_entity_src_gen.gene_src_details                   ? 
_entity_src_gen.pdbx_gene_src_fragment             ? 
_entity_src_gen.pdbx_gene_src_scientific_name      'Clostridium thermocellum' 
_entity_src_gen.pdbx_gene_src_ncbi_taxonomy_id     1515 
_entity_src_gen.pdbx_gene_src_variant              ? 
_entity_src_gen.pdbx_gene_src_cell_line            ? 
_entity_src_gen.pdbx_gene_src_atcc                 ? 
_entity_src_gen.pdbx_gene_src_organ                ? 
_entity_src_gen.pdbx_gene_src_organelle            ? 
_entity_src_gen.pdbx_gene_src_cell                 ? 
_entity_src_gen.pdbx_gene_src_cellular_location    ? 
_entity_src_gen.host_org_common_name               ? 
_entity_src_gen.pdbx_host_org_scientific_name      'Escherichia coli' 
_entity_src_gen.pdbx_host_org_ncbi_taxonomy_id     562 
_entity_src_gen.host_org_genus                     Escherichia 
_entity_src_gen.pdbx_host_org_gene                 ? 
_entity_src_gen.pdbx_host_org_organ                ? 
_entity_src_gen.host_org_species                   ? 
_entity_src_gen.pdbx_host_org_tissue               ? 
_entity_src_gen.pdbx_host_org_tissue_fraction      ? 
_entity_src_gen.pdbx_host_org_strain               'JM109(DE3)' 
_entity_src_gen.pdbx_host_org_variant              ? 
_entity_src_gen.pdbx_host_org_cell_line            ? 
_entity_src_gen.pdbx_host_org_atcc                 ? 
_entity_src_gen.pdbx_host_org_culture_collection   ? 
_entity_src_gen.pdbx_host_org_cell                 ? 
_entity_src_gen.pdbx_host_org_organelle            ? 
_entity_src_gen.pdbx_host_org_cellular_location    ? 
_entity_src_gen.pdbx_host_org_vector_type          PLASMID 
_entity_src_gen.pdbx_host_org_vector               ? 
_entity_src_gen.host_org_details                   ? 
_entity_src_gen.expression_system_id               ? 
_entity_src_gen.plasmid_name                       PCYB2 
_entity_src_gen.plasmid_details                    ? 
_entity_src_gen.pdbx_description                   ? 
# 
loop_
_chem_comp.id 
_chem_comp.type 
_chem_comp.mon_nstd_flag 
_chem_comp.name 
_chem_comp.pdbx_synonyms 
_chem_comp.formula 
_chem_comp.formula_weight 
ALA 'L-peptide linking' y ALANINE         ? 'C3 H7 N O2'     89.093  
ARG 'L-peptide linking' y ARGININE        ? 'C6 H15 N4 O2 1' 175.209 
ASN 'L-peptide linking' y ASPARAGINE      ? 'C4 H8 N2 O3'    132.118 
ASP 'L-peptide linking' y 'ASPARTIC ACID' ? 'C4 H7 N O4'     133.103 
CA  non-polymer         . 'CALCIUM ION'   ? 'Ca 2'           40.078  
GLU 'L-peptide linking' y 'GLUTAMIC ACID' ? 'C5 H9 N O4'     147.129 
GLY 'peptide linking'   y GLYCINE         ? 'C2 H5 N O2'     75.067  
ILE 'L-peptide linking' y ISOLEUCINE      ? 'C6 H13 N O2'    131.173 
LEU 'L-peptide linking' y LEUCINE         ? 'C6 H13 N O2'    131.173 
LYS 'L-peptide linking' y LYSINE          ? 'C6 H15 N2 O2 1' 147.195 
MET 'L-peptide linking' y METHIONINE      ? 'C5 H11 N O2 S'  149.211 
PRO 'L-peptide linking' y PROLINE         ? 'C5 H9 N O2'     115.130 
SER 'L-peptide linking' y SERINE          ? 'C3 H7 N O3'     105.093 
THR 'L-peptide linking' y THREONINE       ? 'C4 H9 N O3'     119.119 
TYR 'L-peptide linking' y TYROSINE        ? 'C9 H11 N O3'    181.189 
VAL 'L-peptide linking' y VALINE          ? 'C5 H11 N O2'    117.146 
# 
loop_
_pdbx_poly_seq_scheme.asym_id 
_pdbx_poly_seq_scheme.entity_id 
_pdbx_poly_seq_scheme.seq_id 
_pdbx_poly_seq_scheme.mon_id 
_pdbx_poly_seq_scheme.ndb_seq_num 
_pdbx_poly_seq_scheme.pdb_seq_num 
_pdbx_poly_seq_scheme.auth_seq_num 
_pdbx_poly_seq_scheme.pdb_mon_id 
_pdbx_poly_seq_scheme.auth_mon_id 
_pdbx_poly_seq_scheme.pdb_strand_id 
_pdbx_poly_seq_scheme.pdb_ins_code 
_pdbx_poly_seq_scheme.hetero 
A 1 1  MET 1  1  1  MET MET A . n 
A 1 2  SER 2  2  2  SER SER A . n 
A 1 3  THR 3  3  3  THR THR A . n 
A 1 4  LYS 4  4  4  LYS LYS A . n 
A 1 5  LEU 5  5  5  LEU LEU A . n 
A 1 6  TYR 6  6  6  TYR TYR A . n 
A 1 7  GLY 7  7  7  GLY GLY A . n 
A 1 8  ASP 8  8  8  ASP ASP A . n 
A 1 9  VAL 9  9  9  VAL VAL A . n 
A 1 10 ASN 10 10 10 ASN ASN A . n 
A 1 11 ASP 11 11 11 ASP ASP A . n 
A 1 12 ASP 12 12 12 ASP ASP A . n 
A 1 13 GLY 13 13 13 GLY GLY A . n 
A 1 14 LYS 14 14 14 LYS LYS A . n 
A 1 15 VAL 15 15 15 VAL VAL A . n 
A 1 16 ASN 16 16 16 ASN ASN A . n 
A 1 17 SER 17 17 17 SER SER A . n 
A 1 18 THR 18 18 18 THR THR A . n 
A 1 19 ASP 19 19 19 ASP ASP A . n 
A 1 20 ALA 20 20 20 ALA ALA A . n 
A 1 21 VAL 21 21 21 VAL VAL A . n 
A 1 22 ALA 22 22 22 ALA ALA A . n 
A 1 23 LEU 23 23 23 LEU LEU A . n 
A 1 24 LYS 24 24 24 LYS LYS A . n 
A 1 25 ARG 25 25 25 ARG ARG A . n 
A 1 26 TYR 26 26 26 TYR TYR A . n 
A 1 27 VAL 27 27 27 VAL VAL A . n 
A 1 28 LEU 28 28 28 LEU LEU A . n 
A 1 29 ARG 29 29 29 ARG ARG A . n 
A 1 30 SER 30 30 30 SER SER A . n 
A 1 31 GLY 31 31 31 GLY GLY A . n 
A 1 32 ILE 32 32 32 ILE ILE A . n 
A 1 33 SER 33 33 33 SER SER A . n 
A 1 34 ILE 34 34 34 ILE ILE A . n 
A 1 35 ASN 35 35 35 ASN ASN A . n 
A 1 36 THR 36 36 36 THR THR A . n 
A 1 37 ASP 37 37 37 ASP ASP A . n 
A 1 38 ASN 38 38 38 ASN ASN A . n 
A 1 39 ALA 39 39 39 ALA ALA A . n 
A 1 40 ASP 40 40 40 ASP ASP A . n 
A 1 41 LEU 41 41 41 LEU LEU A . n 
A 1 42 ASN 42 42 42 ASN ASN A . n 
A 1 43 GLU 43 43 43 GLU GLU A . n 
A 1 44 ASP 44 44 44 ASP ASP A . n 
A 1 45 GLY 45 45 45 GLY GLY A . n 
A 1 46 ARG 46 46 46 ARG ARG A . n 
A 1 47 VAL 47 47 47 VAL VAL A . n 
A 1 48 ASN 48 48 48 ASN ASN A . n 
A 1 49 SER 49 49 49 SER SER A . n 
A 1 50 THR 50 50 50 THR THR A . n 
A 1 51 ASP 51 51 51 ASP ASP A . n 
A 1 52 LEU 52 52 52 LEU LEU A . n 
A 1 53 GLY 53 53 53 GLY GLY A . n 
A 1 54 ILE 54 54 54 ILE ILE A . n 
A 1 55 LEU 55 55 55 LEU LEU A . n 
A 1 56 LYS 56 56 56 LYS LYS A . n 
A 1 57 ARG 57 57 57 ARG ARG A . n 
A 1 58 TYR 58 58 58 TYR TYR A . n 
A 1 59 ILE 59 59 59 ILE ILE A . n 
A 1 60 LEU 60 60 60 LEU LEU A . n 
A 1 61 LYS 61 61 61 LYS LYS A . n 
A 1 62 GLU 62 62 62 GLU GLU A . n 
A 1 63 ILE 63 63 63 ILE ILE A . n 
A 1 64 ASP 64 64 64 ASP ASP A . n 
A 1 65 THR 65 65 65 THR THR A . n 
A 1 66 LEU 66 66 66 LEU LEU A . n 
A 1 67 PRO 67 67 67 PRO PRO A . n 
A 1 68 TYR 68 68 68 TYR TYR A . n 
A 1 69 LYS 69 69 69 LYS LYS A . n 
A 1 70 ASN 70 70 70 ASN ASN A . n 
A 1 71 GLY 71 71 71 GLY GLY A . n 
# 
loop_
_pdbx_nonpoly_scheme.asym_id 
_pdbx_nonpoly_scheme.entity_id 
_pdbx_nonpoly_scheme.mon_id 
_pdbx_nonpoly_scheme.ndb_seq_num 
_pdbx_nonpoly_scheme.pdb_seq_num 
_pdbx_nonpoly_scheme.auth_seq_num 
_pdbx_nonpoly_scheme.pdb_mon_id 
_pdbx_nonpoly_scheme.auth_mon_id 
_pdbx_nonpoly_scheme.pdb_strand_id 
_pdbx_nonpoly_scheme.pdb_ins_code 
B 2 CA 1 72 72 CA CA A . 
C 2 CA 1 73 73 CA CA A . 
# 
_cell.entry_id           1DAQ 
_cell.length_a           1.000 
_cell.length_b           1.000 
_cell.length_c           1.000 
_cell.angle_alpha        90.00 
_cell.angle_beta         90.00 
_cell.angle_gamma        90.00 
_cell.Z_PDB              1 
_cell.pdbx_unique_axis   ? 
# 
_symmetry.entry_id                         1DAQ 
_symmetry.space_group_name_H-M             'P 1' 
_symmetry.pdbx_full_space_group_name_H-M   ? 
_symmetry.cell_setting                     ? 
_symmetry.Int_Tables_number                1 
# 
_exptl.entry_id          1DAQ 
_exptl.method            'SOLUTION NMR' 
_exptl.crystals_number   ? 
# 
_struct.entry_id                  1DAQ 
_struct.title                     
'SOLUTION STRUCTURE OF THE TYPE I DOCKERIN DOMAIN FROM THE CLOSTRIDIUM THERMOCELLUM CELLULOSOME (MINIMIZED AVERAGE STRUCTURE)' 
_struct.pdbx_model_details        ? 
_struct.pdbx_CASP_flag            ? 
_struct.pdbx_model_type_details   'minimized average' 
# 
_struct_keywords.entry_id        1DAQ 
_struct_keywords.pdbx_keywords   HYDROLASE 
_struct_keywords.text            'CELLULOSE DEGRADATION, CELLULOSOME, CALCIUM-BINDING, HYDROLASE' 
# 
loop_
_struct_asym.id 
_struct_asym.pdbx_blank_PDB_chainid_flag 
_struct_asym.pdbx_modified 
_struct_asym.entity_id 
_struct_asym.details 
A N N 1 ? 
B N N 2 ? 
C N N 2 ? 
# 
_struct_ref.id                         1 
_struct_ref.db_name                    UNP 
_struct_ref.db_code                    GUNS_CLOTM 
_struct_ref.entity_id                  1 
_struct_ref.pdbx_db_accession          P38686 
_struct_ref.pdbx_align_begin           ? 
_struct_ref.pdbx_seq_one_letter_code   ? 
_struct_ref.pdbx_db_isoform            ? 
# 
_struct_ref_seq.align_id                      1 
_struct_ref_seq.ref_id                        1 
_struct_ref_seq.pdbx_PDB_id_code              1DAQ 
_struct_ref_seq.pdbx_strand_id                A 
_struct_ref_seq.seq_align_beg                 1 
_struct_ref_seq.pdbx_seq_align_beg_ins_code   ? 
_struct_ref_seq.seq_align_end                 70 
_struct_ref_seq.pdbx_seq_align_end_ins_code   ? 
_struct_ref_seq.pdbx_db_accession             P38686 
_struct_ref_seq.db_align_beg                  672 
_struct_ref_seq.pdbx_db_align_beg_ins_code    ? 
_struct_ref_seq.db_align_end                  741 
_struct_ref_seq.pdbx_db_align_end_ins_code    ? 
_struct_ref_seq.pdbx_auth_seq_align_beg       1 
_struct_ref_seq.pdbx_auth_seq_align_end       70 
# 
loop_
_struct_ref_seq_dif.align_id 
_struct_ref_seq_dif.pdbx_pdb_id_code 
_struct_ref_seq_dif.mon_id 
_struct_ref_seq_dif.pdbx_pdb_strand_id 
_struct_ref_seq_dif.seq_num 
_struct_ref_seq_dif.pdbx_pdb_ins_code 
_struct_ref_seq_dif.pdbx_seq_db_name 
_struct_ref_seq_dif.pdbx_seq_db_accession_code 
_struct_ref_seq_dif.db_mon_id 
_struct_ref_seq_dif.pdbx_seq_db_seq_num 
_struct_ref_seq_dif.details 
_struct_ref_seq_dif.pdbx_auth_seq_num 
_struct_ref_seq_dif.pdbx_ordinal 
1 1DAQ MET A 1  ? UNP P38686 PRO 672 'engineered mutation' 1  1 
1 1DAQ GLY A 71 ? UNP P38686 ?   ?   'engineered mutation' 71 2 
# 
_pdbx_struct_assembly.id                   1 
_pdbx_struct_assembly.details              author_defined_assembly 
_pdbx_struct_assembly.method_details       ? 
_pdbx_struct_assembly.oligomeric_details   monomeric 
_pdbx_struct_assembly.oligomeric_count     1 
# 
_pdbx_struct_assembly_gen.assembly_id       1 
_pdbx_struct_assembly_gen.oper_expression   1 
_pdbx_struct_assembly_gen.asym_id_list      A,B,C 
# 
_pdbx_struct_oper_list.id                   1 
_pdbx_struct_oper_list.type                 'identity operation' 
_pdbx_struct_oper_list.name                 1_555 
_pdbx_struct_oper_list.symmetry_operation   ? 
_pdbx_struct_oper_list.matrix[1][1]         1.0000000000 
_pdbx_struct_oper_list.matrix[1][2]         0.0000000000 
_pdbx_struct_oper_list.matrix[1][3]         0.0000000000 
_pdbx_struct_oper_list.vector[1]            0.0000000000 
_pdbx_struct_oper_list.matrix[2][1]         0.0000000000 
_pdbx_struct_oper_list.matrix[2][2]         1.0000000000 
_pdbx_struct_oper_list.matrix[2][3]         0.0000000000 
_pdbx_struct_oper_list.vector[2]            0.0000000000 
_pdbx_struct_oper_list.matrix[3][1]         0.0000000000 
_pdbx_struct_oper_list.matrix[3][2]         0.0000000000 
_pdbx_struct_oper_list.matrix[3][3]         1.0000000000 
_pdbx_struct_oper_list.vector[3]            0.0000000000 
# 
_struct_biol.id   1 
# 
loop_
_struct_conf.conf_type_id 
_struct_conf.id 
_struct_conf.pdbx_PDB_helix_id 
_struct_conf.beg_label_comp_id 
_struct_conf.beg_label_asym_id 
_struct_conf.beg_label_seq_id 
_struct_conf.pdbx_beg_PDB_ins_code 
_struct_conf.end_label_comp_id 
_struct_conf.end_label_asym_id 
_struct_conf.end_label_seq_id 
_struct_conf.pdbx_end_PDB_ins_code 
_struct_conf.beg_auth_comp_id 
_struct_conf.beg_auth_asym_id 
_struct_conf.beg_auth_seq_id 
_struct_conf.end_auth_comp_id 
_struct_conf.end_auth_asym_id 
_struct_conf.end_auth_seq_id 
_struct_conf.pdbx_PDB_helix_class 
_struct_conf.details 
_struct_conf.pdbx_PDB_helix_length 
HELX_P HELX_P1 1 ASP A 19 ? ARG A 29 ? ASP A 19 ARG A 29 1 ? 11 
HELX_P HELX_P2 2 THR A 36 ? ALA A 39 ? THR A 36 ALA A 39 5 ? 4  
HELX_P HELX_P3 3 ASP A 51 ? ILE A 59 ? ASP A 51 ILE A 59 1 ? 9  
# 
_struct_conf_type.id          HELX_P 
_struct_conf_type.criteria    ? 
_struct_conf_type.reference   ? 
# 
loop_
_struct_conn.id 
_struct_conn.conn_type_id 
_struct_conn.pdbx_leaving_atom_flag 
_struct_conn.pdbx_PDB_id 
_struct_conn.ptnr1_label_asym_id 
_struct_conn.ptnr1_label_comp_id 
_struct_conn.ptnr1_label_seq_id 
_struct_conn.ptnr1_label_atom_id 
_struct_conn.pdbx_ptnr1_label_alt_id 
_struct_conn.pdbx_ptnr1_PDB_ins_code 
_struct_conn.pdbx_ptnr1_standard_comp_id 
_struct_conn.ptnr1_symmetry 
_struct_conn.ptnr2_label_asym_id 
_struct_conn.ptnr2_label_comp_id 
_struct_conn.ptnr2_label_seq_id 
_struct_conn.ptnr2_label_atom_id 
_struct_conn.pdbx_ptnr2_label_alt_id 
_struct_conn.pdbx_ptnr2_PDB_ins_code 
_struct_conn.ptnr1_auth_asym_id 
_struct_conn.ptnr1_auth_comp_id 
_struct_conn.ptnr1_auth_seq_id 
_struct_conn.ptnr2_auth_asym_id 
_struct_conn.ptnr2_auth_comp_id 
_struct_conn.ptnr2_auth_seq_id 
_struct_conn.ptnr2_symmetry 
_struct_conn.pdbx_ptnr3_label_atom_id 
_struct_conn.pdbx_ptnr3_label_seq_id 
_struct_conn.pdbx_ptnr3_label_comp_id 
_struct_conn.pdbx_ptnr3_label_asym_id 
_struct_conn.pdbx_ptnr3_label_alt_id 
_struct_conn.pdbx_ptnr3_PDB_ins_code 
_struct_conn.details 
_struct_conn.pdbx_dist_value 
_struct_conn.pdbx_value_order 
_struct_conn.pdbx_role 
metalc1  metalc ? ? A ASP 8  OD1 ? ? ? 1_555 B CA . CA ? ? A ASP 8  A CA 72 1_555 ? ? ? ? ? ? ? 3.000 ? ? 
metalc2  metalc ? ? A ASN 10 OD1 ? ? ? 1_555 B CA . CA ? ? A ASN 10 A CA 72 1_555 ? ? ? ? ? ? ? 2.804 ? ? 
metalc3  metalc ? ? A ASP 12 OD2 ? ? ? 1_555 B CA . CA ? ? A ASP 12 A CA 72 1_555 ? ? ? ? ? ? ? 2.819 ? ? 
metalc4  metalc ? ? A LYS 14 O   ? ? ? 1_555 B CA . CA ? ? A LYS 14 A CA 72 1_555 ? ? ? ? ? ? ? 2.726 ? ? 
metalc5  metalc ? ? A ASP 19 OD1 ? ? ? 1_555 B CA . CA ? ? A ASP 19 A CA 72 1_555 ? ? ? ? ? ? ? 2.775 ? ? 
metalc6  metalc ? ? A ASP 19 OD2 ? ? ? 1_555 B CA . CA ? ? A ASP 19 A CA 72 1_555 ? ? ? ? ? ? ? 2.817 ? ? 
metalc7  metalc ? ? A ASP 40 OD1 ? ? ? 1_555 C CA . CA ? ? A ASP 40 A CA 73 1_555 ? ? ? ? ? ? ? 3.063 ? ? 
metalc8  metalc ? ? A LEU 41 N   ? ? ? 1_555 C CA . CA ? ? A LEU 41 A CA 73 1_555 ? ? ? ? ? ? ? 3.188 ? ? 
metalc9  metalc ? ? A ASN 42 OD1 ? ? ? 1_555 C CA . CA ? ? A ASN 42 A CA 73 1_555 ? ? ? ? ? ? ? 2.559 ? ? 
metalc10 metalc ? ? A ASP 44 OD2 ? ? ? 1_555 C CA . CA ? ? A ASP 44 A CA 73 1_555 ? ? ? ? ? ? ? 2.769 ? ? 
metalc11 metalc ? ? A ARG 46 O   ? ? ? 1_555 C CA . CA ? ? A ARG 46 A CA 73 1_555 ? ? ? ? ? ? ? 2.853 ? ? 
metalc12 metalc ? ? A ASP 51 OD1 ? ? ? 1_555 C CA . CA ? ? A ASP 51 A CA 73 1_555 ? ? ? ? ? ? ? 2.827 ? ? 
metalc13 metalc ? ? A ASP 51 OD2 ? ? ? 1_555 C CA . CA ? ? A ASP 51 A CA 73 1_555 ? ? ? ? ? ? ? 2.123 ? ? 
# 
_struct_conn_type.id          metalc 
_struct_conn_type.criteria    ? 
_struct_conn_type.reference   ? 
# 
loop_
_pdbx_struct_conn_angle.id 
_pdbx_struct_conn_angle.ptnr1_label_atom_id 
_pdbx_struct_conn_angle.ptnr1_label_alt_id 
_pdbx_struct_conn_angle.ptnr1_label_asym_id 
_pdbx_struct_conn_angle.ptnr1_label_comp_id 
_pdbx_struct_conn_angle.ptnr1_label_seq_id 
_pdbx_struct_conn_angle.ptnr1_auth_atom_id 
_pdbx_struct_conn_angle.ptnr1_auth_asym_id 
_pdbx_struct_conn_angle.ptnr1_auth_comp_id 
_pdbx_struct_conn_angle.ptnr1_auth_seq_id 
_pdbx_struct_conn_angle.ptnr1_PDB_ins_code 
_pdbx_struct_conn_angle.ptnr1_symmetry 
_pdbx_struct_conn_angle.ptnr2_label_atom_id 
_pdbx_struct_conn_angle.ptnr2_label_alt_id 
_pdbx_struct_conn_angle.ptnr2_label_asym_id 
_pdbx_struct_conn_angle.ptnr2_label_comp_id 
_pdbx_struct_conn_angle.ptnr2_label_seq_id 
_pdbx_struct_conn_angle.ptnr2_auth_atom_id 
_pdbx_struct_conn_angle.ptnr2_auth_asym_id 
_pdbx_struct_conn_angle.ptnr2_auth_comp_id 
_pdbx_struct_conn_angle.ptnr2_auth_seq_id 
_pdbx_struct_conn_angle.ptnr2_PDB_ins_code 
_pdbx_struct_conn_angle.ptnr2_symmetry 
_pdbx_struct_conn_angle.ptnr3_label_atom_id 
_pdbx_struct_conn_angle.ptnr3_label_alt_id 
_pdbx_struct_conn_angle.ptnr3_label_asym_id 
_pdbx_struct_conn_angle.ptnr3_label_comp_id 
_pdbx_struct_conn_angle.ptnr3_label_seq_id 
_pdbx_struct_conn_angle.ptnr3_auth_atom_id 
_pdbx_struct_conn_angle.ptnr3_auth_asym_id 
_pdbx_struct_conn_angle.ptnr3_auth_comp_id 
_pdbx_struct_conn_angle.ptnr3_auth_seq_id 
_pdbx_struct_conn_angle.ptnr3_PDB_ins_code 
_pdbx_struct_conn_angle.ptnr3_symmetry 
_pdbx_struct_conn_angle.value 
_pdbx_struct_conn_angle.value_esd 
1  OD1 ? A ASP 8  ? A ASP 8  ? 1_555 CA ? B CA . ? A CA 72 ? 1_555 OD1 ? A ASN 10 ? A ASN 10 ? 1_555 75.7  ? 
2  OD1 ? A ASP 8  ? A ASP 8  ? 1_555 CA ? B CA . ? A CA 72 ? 1_555 OD2 ? A ASP 12 ? A ASP 12 ? 1_555 108.7 ? 
3  OD1 ? A ASN 10 ? A ASN 10 ? 1_555 CA ? B CA . ? A CA 72 ? 1_555 OD2 ? A ASP 12 ? A ASP 12 ? 1_555 106.2 ? 
4  OD1 ? A ASP 8  ? A ASP 8  ? 1_555 CA ? B CA . ? A CA 72 ? 1_555 O   ? A LYS 14 ? A LYS 14 ? 1_555 70.9  ? 
5  OD1 ? A ASN 10 ? A ASN 10 ? 1_555 CA ? B CA . ? A CA 72 ? 1_555 O   ? A LYS 14 ? A LYS 14 ? 1_555 126.1 ? 
6  OD2 ? A ASP 12 ? A ASP 12 ? 1_555 CA ? B CA . ? A CA 72 ? 1_555 O   ? A LYS 14 ? A LYS 14 ? 1_555 123.9 ? 
7  OD1 ? A ASP 8  ? A ASP 8  ? 1_555 CA ? B CA . ? A CA 72 ? 1_555 OD1 ? A ASP 19 ? A ASP 19 ? 1_555 121.5 ? 
8  OD1 ? A ASN 10 ? A ASN 10 ? 1_555 CA ? B CA . ? A CA 72 ? 1_555 OD1 ? A ASP 19 ? A ASP 19 ? 1_555 71.0  ? 
9  OD2 ? A ASP 12 ? A ASP 12 ? 1_555 CA ? B CA . ? A CA 72 ? 1_555 OD1 ? A ASP 19 ? A ASP 19 ? 1_555 126.0 ? 
10 O   ? A LYS 14 ? A LYS 14 ? 1_555 CA ? B CA . ? A CA 72 ? 1_555 OD1 ? A ASP 19 ? A ASP 19 ? 1_555 92.1  ? 
11 OD1 ? A ASP 8  ? A ASP 8  ? 1_555 CA ? B CA . ? A CA 72 ? 1_555 OD2 ? A ASP 19 ? A ASP 19 ? 1_555 84.2  ? 
12 OD1 ? A ASN 10 ? A ASN 10 ? 1_555 CA ? B CA . ? A CA 72 ? 1_555 OD2 ? A ASP 19 ? A ASP 19 ? 1_555 85.0  ? 
13 OD2 ? A ASP 12 ? A ASP 12 ? 1_555 CA ? B CA . ? A CA 72 ? 1_555 OD2 ? A ASP 19 ? A ASP 19 ? 1_555 164.5 ? 
14 O   ? A LYS 14 ? A LYS 14 ? 1_555 CA ? B CA . ? A CA 72 ? 1_555 OD2 ? A ASP 19 ? A ASP 19 ? 1_555 51.0  ? 
15 OD1 ? A ASP 19 ? A ASP 19 ? 1_555 CA ? B CA . ? A CA 72 ? 1_555 OD2 ? A ASP 19 ? A ASP 19 ? 1_555 46.9  ? 
16 OD1 ? A ASP 40 ? A ASP 40 ? 1_555 CA ? C CA . ? A CA 73 ? 1_555 N   ? A LEU 41 ? A LEU 41 ? 1_555 52.3  ? 
17 OD1 ? A ASP 40 ? A ASP 40 ? 1_555 CA ? C CA . ? A CA 73 ? 1_555 OD1 ? A ASN 42 ? A ASN 42 ? 1_555 87.2  ? 
18 N   ? A LEU 41 ? A LEU 41 ? 1_555 CA ? C CA . ? A CA 73 ? 1_555 OD1 ? A ASN 42 ? A ASN 42 ? 1_555 66.4  ? 
19 OD1 ? A ASP 40 ? A ASP 40 ? 1_555 CA ? C CA . ? A CA 73 ? 1_555 OD2 ? A ASP 44 ? A ASP 44 ? 1_555 83.9  ? 
20 N   ? A LEU 41 ? A LEU 41 ? 1_555 CA ? C CA . ? A CA 73 ? 1_555 OD2 ? A ASP 44 ? A ASP 44 ? 1_555 121.6 ? 
21 OD1 ? A ASN 42 ? A ASN 42 ? 1_555 CA ? C CA . ? A CA 73 ? 1_555 OD2 ? A ASP 44 ? A ASP 44 ? 1_555 76.2  ? 
22 OD1 ? A ASP 40 ? A ASP 40 ? 1_555 CA ? C CA . ? A CA 73 ? 1_555 O   ? A ARG 46 ? A ARG 46 ? 1_555 122.4 ? 
23 N   ? A LEU 41 ? A LEU 41 ? 1_555 CA ? C CA . ? A CA 73 ? 1_555 O   ? A ARG 46 ? A ARG 46 ? 1_555 121.3 ? 
24 OD1 ? A ASN 42 ? A ASN 42 ? 1_555 CA ? C CA . ? A CA 73 ? 1_555 O   ? A ARG 46 ? A ARG 46 ? 1_555 148.5 ? 
25 OD2 ? A ASP 44 ? A ASP 44 ? 1_555 CA ? C CA . ? A CA 73 ? 1_555 O   ? A ARG 46 ? A ARG 46 ? 1_555 114.2 ? 
26 OD1 ? A ASP 40 ? A ASP 40 ? 1_555 CA ? C CA . ? A CA 73 ? 1_555 OD1 ? A ASP 51 ? A ASP 51 ? 1_555 131.5 ? 
27 N   ? A LEU 41 ? A LEU 41 ? 1_555 CA ? C CA . ? A CA 73 ? 1_555 OD1 ? A ASP 51 ? A ASP 51 ? 1_555 115.6 ? 
28 OD1 ? A ASN 42 ? A ASN 42 ? 1_555 CA ? C CA . ? A CA 73 ? 1_555 OD1 ? A ASP 51 ? A ASP 51 ? 1_555 52.3  ? 
29 OD2 ? A ASP 44 ? A ASP 44 ? 1_555 CA ? C CA . ? A CA 73 ? 1_555 OD1 ? A ASP 51 ? A ASP 51 ? 1_555 63.4  ? 
30 O   ? A ARG 46 ? A ARG 46 ? 1_555 CA ? C CA . ? A CA 73 ? 1_555 OD1 ? A ASP 51 ? A ASP 51 ? 1_555 104.0 ? 
31 OD1 ? A ASP 40 ? A ASP 40 ? 1_555 CA ? C CA . ? A CA 73 ? 1_555 OD2 ? A ASP 51 ? A ASP 51 ? 1_555 134.7 ? 
32 N   ? A LEU 41 ? A LEU 41 ? 1_555 CA ? C CA . ? A CA 73 ? 1_555 OD2 ? A ASP 51 ? A ASP 51 ? 1_555 84.5  ? 
33 OD1 ? A ASN 42 ? A ASN 42 ? 1_555 CA ? C CA . ? A CA 73 ? 1_555 OD2 ? A ASP 51 ? A ASP 51 ? 1_555 60.3  ? 
34 OD2 ? A ASP 44 ? A ASP 44 ? 1_555 CA ? C CA . ? A CA 73 ? 1_555 OD2 ? A ASP 51 ? A ASP 51 ? 1_555 114.1 ? 
35 O   ? A ARG 46 ? A ARG 46 ? 1_555 CA ? C CA . ? A CA 73 ? 1_555 OD2 ? A ASP 51 ? A ASP 51 ? 1_555 89.1  ? 
36 OD1 ? A ASP 51 ? A ASP 51 ? 1_555 CA ? C CA . ? A CA 73 ? 1_555 OD2 ? A ASP 51 ? A ASP 51 ? 1_555 51.1  ? 
# 
loop_
_struct_site.id 
_struct_site.pdbx_evidence_code 
_struct_site.pdbx_auth_asym_id 
_struct_site.pdbx_auth_comp_id 
_struct_site.pdbx_auth_seq_id 
_struct_site.pdbx_auth_ins_code 
_struct_site.pdbx_num_residues 
_struct_site.details 
I   Author   ? ?  ?  ? 12 'FIRST PREDICTED CA2+ BINDING LOOP'  
II  Author   ? ?  ?  ? 12 'SECOND PREDICTED CA2+ BINDING LOOP' 
AC1 Software A CA 72 ? 6  'BINDING SITE FOR RESIDUE CA A 72'   
AC2 Software A CA 73 ? 6  'BINDING SITE FOR RESIDUE CA A 73'   
1   ?        ? ?  ?  ? ?  ?                                    
2   ?        ? ?  ?  ? ?  ?                                    
# 
loop_
_struct_site_gen.id 
_struct_site_gen.site_id 
_struct_site_gen.pdbx_num_res 
_struct_site_gen.label_comp_id 
_struct_site_gen.label_asym_id 
_struct_site_gen.label_seq_id 
_struct_site_gen.pdbx_auth_ins_code 
_struct_site_gen.auth_comp_id 
_struct_site_gen.auth_asym_id 
_struct_site_gen.auth_seq_id 
_struct_site_gen.label_atom_id 
_struct_site_gen.label_alt_id 
_struct_site_gen.symmetry 
_struct_site_gen.details 
1  I   12 ASP A 8  ? ASP A 8  . ? 1_555 ? 
2  I   12 VAL A 9  ? VAL A 9  . ? 1_555 ? 
3  I   12 ASN A 10 ? ASN A 10 . ? 1_555 ? 
4  I   12 ASP A 11 ? ASP A 11 . ? 1_555 ? 
5  I   12 ASP A 12 ? ASP A 12 . ? 1_555 ? 
6  I   12 GLY A 13 ? GLY A 13 . ? 1_555 ? 
7  I   12 LYS A 14 ? LYS A 14 . ? 1_555 ? 
8  I   12 VAL A 15 ? VAL A 15 . ? 1_555 ? 
9  I   12 ASN A 16 ? ASN A 16 . ? 1_555 ? 
10 I   12 SER A 17 ? SER A 17 . ? 1_555 ? 
11 I   12 THR A 18 ? THR A 18 . ? 1_555 ? 
12 I   12 ASP A 19 ? ASP A 19 . ? 1_555 ? 
13 II  12 ASP A 40 ? ASP A 40 . ? 1_555 ? 
14 II  12 LEU A 41 ? LEU A 41 . ? 1_555 ? 
15 II  12 ASN A 42 ? ASN A 42 . ? 1_555 ? 
16 II  12 GLU A 43 ? GLU A 43 . ? 1_555 ? 
17 II  12 ASP A 44 ? ASP A 44 . ? 1_555 ? 
18 II  12 GLY A 45 ? GLY A 45 . ? 1_555 ? 
19 II  12 ARG A 46 ? ARG A 46 . ? 1_555 ? 
20 II  12 VAL A 47 ? VAL A 47 . ? 1_555 ? 
21 II  12 ASN A 48 ? ASN A 48 . ? 1_555 ? 
22 II  12 SER A 49 ? SER A 49 . ? 1_555 ? 
23 II  12 THR A 50 ? THR A 50 . ? 1_555 ? 
24 II  12 ASP A 51 ? ASP A 51 . ? 1_555 ? 
25 AC1 6  ASP A 8  ? ASP A 8  . ? 1_555 ? 
26 AC1 6  ASN A 10 ? ASN A 10 . ? 1_555 ? 
27 AC1 6  ASP A 12 ? ASP A 12 . ? 1_555 ? 
28 AC1 6  GLY A 13 ? GLY A 13 . ? 1_555 ? 
29 AC1 6  LYS A 14 ? LYS A 14 . ? 1_555 ? 
30 AC1 6  ASP A 19 ? ASP A 19 . ? 1_555 ? 
31 AC2 6  ASP A 40 ? ASP A 40 . ? 1_555 ? 
32 AC2 6  LEU A 41 ? LEU A 41 . ? 1_555 ? 
33 AC2 6  ASN A 42 ? ASN A 42 . ? 1_555 ? 
34 AC2 6  ASP A 44 ? ASP A 44 . ? 1_555 ? 
35 AC2 6  ARG A 46 ? ARG A 46 . ? 1_555 ? 
36 AC2 6  ASP A 51 ? ASP A 51 . ? 1_555 ? 
# 
loop_
_pdbx_validate_close_contact.id 
_pdbx_validate_close_contact.PDB_model_num 
_pdbx_validate_close_contact.auth_atom_id_1 
_pdbx_validate_close_contact.auth_asym_id_1 
_pdbx_validate_close_contact.auth_comp_id_1 
_pdbx_validate_close_contact.auth_seq_id_1 
_pdbx_validate_close_contact.PDB_ins_code_1 
_pdbx_validate_close_contact.label_alt_id_1 
_pdbx_validate_close_contact.auth_atom_id_2 
_pdbx_validate_close_contact.auth_asym_id_2 
_pdbx_validate_close_contact.auth_comp_id_2 
_pdbx_validate_close_contact.auth_seq_id_2 
_pdbx_validate_close_contact.PDB_ins_code_2 
_pdbx_validate_close_contact.label_alt_id_2 
_pdbx_validate_close_contact.dist 
1 1 O   A LEU 23 ? ? H    A VAL 27 ? ? 1.51 
2 1 O   A LEU 55 ? ? H    A ILE 59 ? ? 1.52 
3 1 O   A ASP 8  ? ? HD21 A ASN 35 ? ? 1.59 
4 1 OD1 A ASN 16 ? ? H    A THR 18 ? ? 1.60 
# 
loop_
_pdbx_validate_torsion.id 
_pdbx_validate_torsion.PDB_model_num 
_pdbx_validate_torsion.auth_comp_id 
_pdbx_validate_torsion.auth_asym_id 
_pdbx_validate_torsion.auth_seq_id 
_pdbx_validate_torsion.PDB_ins_code 
_pdbx_validate_torsion.label_alt_id 
_pdbx_validate_torsion.phi 
_pdbx_validate_torsion.psi 
1  1 LEU A 5  ? ? -170.00 148.17  
2  1 ARG A 29 ? ? -179.59 -179.44 
3  1 LEU A 41 ? ? -148.17 19.36   
4  1 ASN A 42 ? ? -153.51 20.96   
5  1 ARG A 46 ? ? -145.88 -93.47  
6  1 SER A 49 ? ? 166.61  -30.74  
7  1 LYS A 61 ? ? -177.07 -36.57  
8  1 ILE A 63 ? ? -33.20  99.21   
9  1 ASP A 64 ? ? 174.65  -34.63  
10 1 THR A 65 ? ? -130.70 -41.97  
11 1 LEU A 66 ? ? 67.91   94.88   
12 1 TYR A 68 ? ? -38.17  117.99  
# 
loop_
_struct_site_keywords.site_id 
_struct_site_keywords.text 
1 'FIRST PREDICTED CA2+ BINDING SITE'  
2 'SECOND PREDICTED CA2+ BINDING SITE' 
# 
_pdbx_database_remark.id     650 
_pdbx_database_remark.text   
;
HELIX      
DETERMINATION METHOD: AUTHOR-DETERMINED
;
# 
_pdbx_nmr_ensemble.entry_id                             1DAQ 
_pdbx_nmr_ensemble.conformers_calculated_total_number   ? 
_pdbx_nmr_ensemble.conformers_submitted_total_number    1 
_pdbx_nmr_ensemble.conformer_selection_criteria         ? 
# 
_pdbx_nmr_representative.entry_id             1DAQ 
_pdbx_nmr_representative.conformer_id         ? 
_pdbx_nmr_representative.selection_criteria   'minimized average structure' 
# 
_pdbx_nmr_sample_details.solution_id      1 
_pdbx_nmr_sample_details.contents         '100MM POTASSIUM CHLORIDE; 20MM CALCIUM CHLORIDE; 90% H2O, 10% D2O' 
_pdbx_nmr_sample_details.solvent_system   ? 
# 
loop_
_pdbx_nmr_exptl_sample_conditions.conditions_id 
_pdbx_nmr_exptl_sample_conditions.temperature 
_pdbx_nmr_exptl_sample_conditions.pressure 
_pdbx_nmr_exptl_sample_conditions.pH 
_pdbx_nmr_exptl_sample_conditions.ionic_strength 
_pdbx_nmr_exptl_sample_conditions.pressure_units 
_pdbx_nmr_exptl_sample_conditions.temperature_units 
1 328 1 6.0 '100mM KCL' atm K 
2 328 1 6.0 '100mM KCL' atm K 
# 
loop_
_pdbx_nmr_exptl.experiment_id 
_pdbx_nmr_exptl.conditions_id 
_pdbx_nmr_exptl.type 
_pdbx_nmr_exptl.solution_id 
1 1 3D_15N-SEPARATED_NOESY 1 
2 1 '2D NOESY'             1 
3 2 '2D NOESY'             2 
4 2 3D_15N-SEPARATED_TOCSY 2 
# 
_pdbx_nmr_details.entry_id   1DAQ 
_pdbx_nmr_details.text       'THIS STRUCTURE WAS DETERMINED BY STANDARD TECHNIQUES USING UNLABELED AND 15N- LABELED DOCKERIN.' 
# 
_pdbx_nmr_refine.entry_id           1DAQ 
_pdbx_nmr_refine.method             'torsion angle dynamics' 
_pdbx_nmr_refine.details            
'THE STRUCTURE IS BASED ON 728 NOE-DERIVED DISTANCE CONSTRAINTS, 79 DIHEDRAL ANGLE CONSTRAINTS, AND 12 CALCIUM ION RESTRAINTS.' 
_pdbx_nmr_refine.software_ordinal   1 
# 
loop_
_pdbx_nmr_software.classification 
_pdbx_nmr_software.name 
_pdbx_nmr_software.version 
_pdbx_nmr_software.authors 
_pdbx_nmr_software.ordinal 
refinement           DYANA   1.5  'P.GUENTERT, C.MUMENTHALER, K.WUETHRICH'                            1 
'structure solution' DYANA   1.5  'P.GUENTERT, C.MUMENTHALER, K.WUETHRICH'                            2 
processing           Felix   95.0 'MOLECULAR SIMULATIONS'                                             3 
processing           NMRPipe ?    'F. DELAGALIO, S. GRZESIEK, G. VUISTER, G. ZHU, J. PFEIFER, A. BAX' 4 
'structure solution' XEASY   1.2  ?                                                                   5 
# 
loop_
_chem_comp_atom.comp_id 
_chem_comp_atom.atom_id 
_chem_comp_atom.type_symbol 
_chem_comp_atom.pdbx_aromatic_flag 
_chem_comp_atom.pdbx_stereo_config 
_chem_comp_atom.pdbx_ordinal 
ALA N    N  N N 1   
ALA CA   C  N S 2   
ALA C    C  N N 3   
ALA O    O  N N 4   
ALA CB   C  N N 5   
ALA OXT  O  N N 6   
ALA H    H  N N 7   
ALA H2   H  N N 8   
ALA HA   H  N N 9   
ALA HB1  H  N N 10  
ALA HB2  H  N N 11  
ALA HB3  H  N N 12  
ALA HXT  H  N N 13  
ARG N    N  N N 14  
ARG CA   C  N S 15  
ARG C    C  N N 16  
ARG O    O  N N 17  
ARG CB   C  N N 18  
ARG CG   C  N N 19  
ARG CD   C  N N 20  
ARG NE   N  N N 21  
ARG CZ   C  N N 22  
ARG NH1  N  N N 23  
ARG NH2  N  N N 24  
ARG OXT  O  N N 25  
ARG H    H  N N 26  
ARG H2   H  N N 27  
ARG HA   H  N N 28  
ARG HB2  H  N N 29  
ARG HB3  H  N N 30  
ARG HG2  H  N N 31  
ARG HG3  H  N N 32  
ARG HD2  H  N N 33  
ARG HD3  H  N N 34  
ARG HE   H  N N 35  
ARG HH11 H  N N 36  
ARG HH12 H  N N 37  
ARG HH21 H  N N 38  
ARG HH22 H  N N 39  
ARG HXT  H  N N 40  
ASN N    N  N N 41  
ASN CA   C  N S 42  
ASN C    C  N N 43  
ASN O    O  N N 44  
ASN CB   C  N N 45  
ASN CG   C  N N 46  
ASN OD1  O  N N 47  
ASN ND2  N  N N 48  
ASN OXT  O  N N 49  
ASN H    H  N N 50  
ASN H2   H  N N 51  
ASN HA   H  N N 52  
ASN HB2  H  N N 53  
ASN HB3  H  N N 54  
ASN HD21 H  N N 55  
ASN HD22 H  N N 56  
ASN HXT  H  N N 57  
ASP N    N  N N 58  
ASP CA   C  N S 59  
ASP C    C  N N 60  
ASP O    O  N N 61  
ASP CB   C  N N 62  
ASP CG   C  N N 63  
ASP OD1  O  N N 64  
ASP OD2  O  N N 65  
ASP OXT  O  N N 66  
ASP H    H  N N 67  
ASP H2   H  N N 68  
ASP HA   H  N N 69  
ASP HB2  H  N N 70  
ASP HB3  H  N N 71  
ASP HD2  H  N N 72  
ASP HXT  H  N N 73  
CA  CA   CA N N 74  
GLU N    N  N N 75  
GLU CA   C  N S 76  
GLU C    C  N N 77  
GLU O    O  N N 78  
GLU CB   C  N N 79  
GLU CG   C  N N 80  
GLU CD   C  N N 81  
GLU OE1  O  N N 82  
GLU OE2  O  N N 83  
GLU OXT  O  N N 84  
GLU H    H  N N 85  
GLU H2   H  N N 86  
GLU HA   H  N N 87  
GLU HB2  H  N N 88  
GLU HB3  H  N N 89  
GLU HG2  H  N N 90  
GLU HG3  H  N N 91  
GLU HE2  H  N N 92  
GLU HXT  H  N N 93  
GLY N    N  N N 94  
GLY CA   C  N N 95  
GLY C    C  N N 96  
GLY O    O  N N 97  
GLY OXT  O  N N 98  
GLY H    H  N N 99  
GLY H2   H  N N 100 
GLY HA2  H  N N 101 
GLY HA3  H  N N 102 
GLY HXT  H  N N 103 
ILE N    N  N N 104 
ILE CA   C  N S 105 
ILE C    C  N N 106 
ILE O    O  N N 107 
ILE CB   C  N S 108 
ILE CG1  C  N N 109 
ILE CG2  C  N N 110 
ILE CD1  C  N N 111 
ILE OXT  O  N N 112 
ILE H    H  N N 113 
ILE H2   H  N N 114 
ILE HA   H  N N 115 
ILE HB   H  N N 116 
ILE HG12 H  N N 117 
ILE HG13 H  N N 118 
ILE HG21 H  N N 119 
ILE HG22 H  N N 120 
ILE HG23 H  N N 121 
ILE HD11 H  N N 122 
ILE HD12 H  N N 123 
ILE HD13 H  N N 124 
ILE HXT  H  N N 125 
LEU N    N  N N 126 
LEU CA   C  N S 127 
LEU C    C  N N 128 
LEU O    O  N N 129 
LEU CB   C  N N 130 
LEU CG   C  N N 131 
LEU CD1  C  N N 132 
LEU CD2  C  N N 133 
LEU OXT  O  N N 134 
LEU H    H  N N 135 
LEU H2   H  N N 136 
LEU HA   H  N N 137 
LEU HB2  H  N N 138 
LEU HB3  H  N N 139 
LEU HG   H  N N 140 
LEU HD11 H  N N 141 
LEU HD12 H  N N 142 
LEU HD13 H  N N 143 
LEU HD21 H  N N 144 
LEU HD22 H  N N 145 
LEU HD23 H  N N 146 
LEU HXT  H  N N 147 
LYS N    N  N N 148 
LYS CA   C  N S 149 
LYS C    C  N N 150 
LYS O    O  N N 151 
LYS CB   C  N N 152 
LYS CG   C  N N 153 
LYS CD   C  N N 154 
LYS CE   C  N N 155 
LYS NZ   N  N N 156 
LYS OXT  O  N N 157 
LYS H    H  N N 158 
LYS H2   H  N N 159 
LYS HA   H  N N 160 
LYS HB2  H  N N 161 
LYS HB3  H  N N 162 
LYS HG2  H  N N 163 
LYS HG3  H  N N 164 
LYS HD2  H  N N 165 
LYS HD3  H  N N 166 
LYS HE2  H  N N 167 
LYS HE3  H  N N 168 
LYS HZ1  H  N N 169 
LYS HZ2  H  N N 170 
LYS HZ3  H  N N 171 
LYS HXT  H  N N 172 
MET N    N  N N 173 
MET CA   C  N S 174 
MET C    C  N N 175 
MET O    O  N N 176 
MET CB   C  N N 177 
MET CG   C  N N 178 
MET SD   S  N N 179 
MET CE   C  N N 180 
MET OXT  O  N N 181 
MET H    H  N N 182 
MET H2   H  N N 183 
MET HA   H  N N 184 
MET HB2  H  N N 185 
MET HB3  H  N N 186 
MET HG2  H  N N 187 
MET HG3  H  N N 188 
MET HE1  H  N N 189 
MET HE2  H  N N 190 
MET HE3  H  N N 191 
MET HXT  H  N N 192 
PRO N    N  N N 193 
PRO CA   C  N S 194 
PRO C    C  N N 195 
PRO O    O  N N 196 
PRO CB   C  N N 197 
PRO CG   C  N N 198 
PRO CD   C  N N 199 
PRO OXT  O  N N 200 
PRO H    H  N N 201 
PRO HA   H  N N 202 
PRO HB2  H  N N 203 
PRO HB3  H  N N 204 
PRO HG2  H  N N 205 
PRO HG3  H  N N 206 
PRO HD2  H  N N 207 
PRO HD3  H  N N 208 
PRO HXT  H  N N 209 
SER N    N  N N 210 
SER CA   C  N S 211 
SER C    C  N N 212 
SER O    O  N N 213 
SER CB   C  N N 214 
SER OG   O  N N 215 
SER OXT  O  N N 216 
SER H    H  N N 217 
SER H2   H  N N 218 
SER HA   H  N N 219 
SER HB2  H  N N 220 
SER HB3  H  N N 221 
SER HG   H  N N 222 
SER HXT  H  N N 223 
THR N    N  N N 224 
THR CA   C  N S 225 
THR C    C  N N 226 
THR O    O  N N 227 
THR CB   C  N R 228 
THR OG1  O  N N 229 
THR CG2  C  N N 230 
THR OXT  O  N N 231 
THR H    H  N N 232 
THR H2   H  N N 233 
THR HA   H  N N 234 
THR HB   H  N N 235 
THR HG1  H  N N 236 
THR HG21 H  N N 237 
THR HG22 H  N N 238 
THR HG23 H  N N 239 
THR HXT  H  N N 240 
TYR N    N  N N 241 
TYR CA   C  N S 242 
TYR C    C  N N 243 
TYR O    O  N N 244 
TYR CB   C  N N 245 
TYR CG   C  Y N 246 
TYR CD1  C  Y N 247 
TYR CD2  C  Y N 248 
TYR CE1  C  Y N 249 
TYR CE2  C  Y N 250 
TYR CZ   C  Y N 251 
TYR OH   O  N N 252 
TYR OXT  O  N N 253 
TYR H    H  N N 254 
TYR H2   H  N N 255 
TYR HA   H  N N 256 
TYR HB2  H  N N 257 
TYR HB3  H  N N 258 
TYR HD1  H  N N 259 
TYR HD2  H  N N 260 
TYR HE1  H  N N 261 
TYR HE2  H  N N 262 
TYR HH   H  N N 263 
TYR HXT  H  N N 264 
VAL N    N  N N 265 
VAL CA   C  N S 266 
VAL C    C  N N 267 
VAL O    O  N N 268 
VAL CB   C  N N 269 
VAL CG1  C  N N 270 
VAL CG2  C  N N 271 
VAL OXT  O  N N 272 
VAL H    H  N N 273 
VAL H2   H  N N 274 
VAL HA   H  N N 275 
VAL HB   H  N N 276 
VAL HG11 H  N N 277 
VAL HG12 H  N N 278 
VAL HG13 H  N N 279 
VAL HG21 H  N N 280 
VAL HG22 H  N N 281 
VAL HG23 H  N N 282 
VAL HXT  H  N N 283 
# 
loop_
_chem_comp_bond.comp_id 
_chem_comp_bond.atom_id_1 
_chem_comp_bond.atom_id_2 
_chem_comp_bond.value_order 
_chem_comp_bond.pdbx_aromatic_flag 
_chem_comp_bond.pdbx_stereo_config 
_chem_comp_bond.pdbx_ordinal 
ALA N   CA   sing N N 1   
ALA N   H    sing N N 2   
ALA N   H2   sing N N 3   
ALA CA  C    sing N N 4   
ALA CA  CB   sing N N 5   
ALA CA  HA   sing N N 6   
ALA C   O    doub N N 7   
ALA C   OXT  sing N N 8   
ALA CB  HB1  sing N N 9   
ALA CB  HB2  sing N N 10  
ALA CB  HB3  sing N N 11  
ALA OXT HXT  sing N N 12  
ARG N   CA   sing N N 13  
ARG N   H    sing N N 14  
ARG N   H2   sing N N 15  
ARG CA  C    sing N N 16  
ARG CA  CB   sing N N 17  
ARG CA  HA   sing N N 18  
ARG C   O    doub N N 19  
ARG C   OXT  sing N N 20  
ARG CB  CG   sing N N 21  
ARG CB  HB2  sing N N 22  
ARG CB  HB3  sing N N 23  
ARG CG  CD   sing N N 24  
ARG CG  HG2  sing N N 25  
ARG CG  HG3  sing N N 26  
ARG CD  NE   sing N N 27  
ARG CD  HD2  sing N N 28  
ARG CD  HD3  sing N N 29  
ARG NE  CZ   sing N N 30  
ARG NE  HE   sing N N 31  
ARG CZ  NH1  sing N N 32  
ARG CZ  NH2  doub N N 33  
ARG NH1 HH11 sing N N 34  
ARG NH1 HH12 sing N N 35  
ARG NH2 HH21 sing N N 36  
ARG NH2 HH22 sing N N 37  
ARG OXT HXT  sing N N 38  
ASN N   CA   sing N N 39  
ASN N   H    sing N N 40  
ASN N   H2   sing N N 41  
ASN CA  C    sing N N 42  
ASN CA  CB   sing N N 43  
ASN CA  HA   sing N N 44  
ASN C   O    doub N N 45  
ASN C   OXT  sing N N 46  
ASN CB  CG   sing N N 47  
ASN CB  HB2  sing N N 48  
ASN CB  HB3  sing N N 49  
ASN CG  OD1  doub N N 50  
ASN CG  ND2  sing N N 51  
ASN ND2 HD21 sing N N 52  
ASN ND2 HD22 sing N N 53  
ASN OXT HXT  sing N N 54  
ASP N   CA   sing N N 55  
ASP N   H    sing N N 56  
ASP N   H2   sing N N 57  
ASP CA  C    sing N N 58  
ASP CA  CB   sing N N 59  
ASP CA  HA   sing N N 60  
ASP C   O    doub N N 61  
ASP C   OXT  sing N N 62  
ASP CB  CG   sing N N 63  
ASP CB  HB2  sing N N 64  
ASP CB  HB3  sing N N 65  
ASP CG  OD1  doub N N 66  
ASP CG  OD2  sing N N 67  
ASP OD2 HD2  sing N N 68  
ASP OXT HXT  sing N N 69  
GLU N   CA   sing N N 70  
GLU N   H    sing N N 71  
GLU N   H2   sing N N 72  
GLU CA  C    sing N N 73  
GLU CA  CB   sing N N 74  
GLU CA  HA   sing N N 75  
GLU C   O    doub N N 76  
GLU C   OXT  sing N N 77  
GLU CB  CG   sing N N 78  
GLU CB  HB2  sing N N 79  
GLU CB  HB3  sing N N 80  
GLU CG  CD   sing N N 81  
GLU CG  HG2  sing N N 82  
GLU CG  HG3  sing N N 83  
GLU CD  OE1  doub N N 84  
GLU CD  OE2  sing N N 85  
GLU OE2 HE2  sing N N 86  
GLU OXT HXT  sing N N 87  
GLY N   CA   sing N N 88  
GLY N   H    sing N N 89  
GLY N   H2   sing N N 90  
GLY CA  C    sing N N 91  
GLY CA  HA2  sing N N 92  
GLY CA  HA3  sing N N 93  
GLY C   O    doub N N 94  
GLY C   OXT  sing N N 95  
GLY OXT HXT  sing N N 96  
ILE N   CA   sing N N 97  
ILE N   H    sing N N 98  
ILE N   H2   sing N N 99  
ILE CA  C    sing N N 100 
ILE CA  CB   sing N N 101 
ILE CA  HA   sing N N 102 
ILE C   O    doub N N 103 
ILE C   OXT  sing N N 104 
ILE CB  CG1  sing N N 105 
ILE CB  CG2  sing N N 106 
ILE CB  HB   sing N N 107 
ILE CG1 CD1  sing N N 108 
ILE CG1 HG12 sing N N 109 
ILE CG1 HG13 sing N N 110 
ILE CG2 HG21 sing N N 111 
ILE CG2 HG22 sing N N 112 
ILE CG2 HG23 sing N N 113 
ILE CD1 HD11 sing N N 114 
ILE CD1 HD12 sing N N 115 
ILE CD1 HD13 sing N N 116 
ILE OXT HXT  sing N N 117 
LEU N   CA   sing N N 118 
LEU N   H    sing N N 119 
LEU N   H2   sing N N 120 
LEU CA  C    sing N N 121 
LEU CA  CB   sing N N 122 
LEU CA  HA   sing N N 123 
LEU C   O    doub N N 124 
LEU C   OXT  sing N N 125 
LEU CB  CG   sing N N 126 
LEU CB  HB2  sing N N 127 
LEU CB  HB3  sing N N 128 
LEU CG  CD1  sing N N 129 
LEU CG  CD2  sing N N 130 
LEU CG  HG   sing N N 131 
LEU CD1 HD11 sing N N 132 
LEU CD1 HD12 sing N N 133 
LEU CD1 HD13 sing N N 134 
LEU CD2 HD21 sing N N 135 
LEU CD2 HD22 sing N N 136 
LEU CD2 HD23 sing N N 137 
LEU OXT HXT  sing N N 138 
LYS N   CA   sing N N 139 
LYS N   H    sing N N 140 
LYS N   H2   sing N N 141 
LYS CA  C    sing N N 142 
LYS CA  CB   sing N N 143 
LYS CA  HA   sing N N 144 
LYS C   O    doub N N 145 
LYS C   OXT  sing N N 146 
LYS CB  CG   sing N N 147 
LYS CB  HB2  sing N N 148 
LYS CB  HB3  sing N N 149 
LYS CG  CD   sing N N 150 
LYS CG  HG2  sing N N 151 
LYS CG  HG3  sing N N 152 
LYS CD  CE   sing N N 153 
LYS CD  HD2  sing N N 154 
LYS CD  HD3  sing N N 155 
LYS CE  NZ   sing N N 156 
LYS CE  HE2  sing N N 157 
LYS CE  HE3  sing N N 158 
LYS NZ  HZ1  sing N N 159 
LYS NZ  HZ2  sing N N 160 
LYS NZ  HZ3  sing N N 161 
LYS OXT HXT  sing N N 162 
MET N   CA   sing N N 163 
MET N   H    sing N N 164 
MET N   H2   sing N N 165 
MET CA  C    sing N N 166 
MET CA  CB   sing N N 167 
MET CA  HA   sing N N 168 
MET C   O    doub N N 169 
MET C   OXT  sing N N 170 
MET CB  CG   sing N N 171 
MET CB  HB2  sing N N 172 
MET CB  HB3  sing N N 173 
MET CG  SD   sing N N 174 
MET CG  HG2  sing N N 175 
MET CG  HG3  sing N N 176 
MET SD  CE   sing N N 177 
MET CE  HE1  sing N N 178 
MET CE  HE2  sing N N 179 
MET CE  HE3  sing N N 180 
MET OXT HXT  sing N N 181 
PRO N   CA   sing N N 182 
PRO N   CD   sing N N 183 
PRO N   H    sing N N 184 
PRO CA  C    sing N N 185 
PRO CA  CB   sing N N 186 
PRO CA  HA   sing N N 187 
PRO C   O    doub N N 188 
PRO C   OXT  sing N N 189 
PRO CB  CG   sing N N 190 
PRO CB  HB2  sing N N 191 
PRO CB  HB3  sing N N 192 
PRO CG  CD   sing N N 193 
PRO CG  HG2  sing N N 194 
PRO CG  HG3  sing N N 195 
PRO CD  HD2  sing N N 196 
PRO CD  HD3  sing N N 197 
PRO OXT HXT  sing N N 198 
SER N   CA   sing N N 199 
SER N   H    sing N N 200 
SER N   H2   sing N N 201 
SER CA  C    sing N N 202 
SER CA  CB   sing N N 203 
SER CA  HA   sing N N 204 
SER C   O    doub N N 205 
SER C   OXT  sing N N 206 
SER CB  OG   sing N N 207 
SER CB  HB2  sing N N 208 
SER CB  HB3  sing N N 209 
SER OG  HG   sing N N 210 
SER OXT HXT  sing N N 211 
THR N   CA   sing N N 212 
THR N   H    sing N N 213 
THR N   H2   sing N N 214 
THR CA  C    sing N N 215 
THR CA  CB   sing N N 216 
THR CA  HA   sing N N 217 
THR C   O    doub N N 218 
THR C   OXT  sing N N 219 
THR CB  OG1  sing N N 220 
THR CB  CG2  sing N N 221 
THR CB  HB   sing N N 222 
THR OG1 HG1  sing N N 223 
THR CG2 HG21 sing N N 224 
THR CG2 HG22 sing N N 225 
THR CG2 HG23 sing N N 226 
THR OXT HXT  sing N N 227 
TYR N   CA   sing N N 228 
TYR N   H    sing N N 229 
TYR N   H2   sing N N 230 
TYR CA  C    sing N N 231 
TYR CA  CB   sing N N 232 
TYR CA  HA   sing N N 233 
TYR C   O    doub N N 234 
TYR C   OXT  sing N N 235 
TYR CB  CG   sing N N 236 
TYR CB  HB2  sing N N 237 
TYR CB  HB3  sing N N 238 
TYR CG  CD1  doub Y N 239 
TYR CG  CD2  sing Y N 240 
TYR CD1 CE1  sing Y N 241 
TYR CD1 HD1  sing N N 242 
TYR CD2 CE2  doub Y N 243 
TYR CD2 HD2  sing N N 244 
TYR CE1 CZ   doub Y N 245 
TYR CE1 HE1  sing N N 246 
TYR CE2 CZ   sing Y N 247 
TYR CE2 HE2  sing N N 248 
TYR CZ  OH   sing N N 249 
TYR OH  HH   sing N N 250 
TYR OXT HXT  sing N N 251 
VAL N   CA   sing N N 252 
VAL N   H    sing N N 253 
VAL N   H2   sing N N 254 
VAL CA  C    sing N N 255 
VAL CA  CB   sing N N 256 
VAL CA  HA   sing N N 257 
VAL C   O    doub N N 258 
VAL C   OXT  sing N N 259 
VAL CB  CG1  sing N N 260 
VAL CB  CG2  sing N N 261 
VAL CB  HB   sing N N 262 
VAL CG1 HG11 sing N N 263 
VAL CG1 HG12 sing N N 264 
VAL CG1 HG13 sing N N 265 
VAL CG2 HG21 sing N N 266 
VAL CG2 HG22 sing N N 267 
VAL CG2 HG23 sing N N 268 
VAL OXT HXT  sing N N 269 
# 
loop_
_pdbx_nmr_spectrometer.spectrometer_id 
_pdbx_nmr_spectrometer.model 
_pdbx_nmr_spectrometer.manufacturer 
_pdbx_nmr_spectrometer.field_strength 
_pdbx_nmr_spectrometer.type 
1 DMX Bruker 500 ? 
2 DMX Bruker 600 ? 
3 DMX Bruker 750 ? 
# 
_atom_sites.entry_id                    1DAQ 
_atom_sites.fract_transf_matrix[1][1]   1.000000 
_atom_sites.fract_transf_matrix[1][2]   0.000000 
_atom_sites.fract_transf_matrix[1][3]   0.000000 
_atom_sites.fract_transf_matrix[2][1]   0.000000 
_atom_sites.fract_transf_matrix[2][2]   1.000000 
_atom_sites.fract_transf_matrix[2][3]   0.000000 
_atom_sites.fract_transf_matrix[3][1]   0.000000 
_atom_sites.fract_transf_matrix[3][2]   0.000000 
_atom_sites.fract_transf_matrix[3][3]   1.000000 
_atom_sites.fract_transf_vector[1]      0.00000 
_atom_sites.fract_transf_vector[2]      0.00000 
_atom_sites.fract_transf_vector[3]      0.00000 
# 
loop_
_atom_type.symbol 
C  
CA 
H  
N  
O  
S  
# 
loop_
_atom_site.group_PDB 
_atom_site.id 
_atom_site.type_symbol 
_atom_site.label_atom_id 
_atom_site.label_alt_id 
_atom_site.label_comp_id 
_atom_site.label_asym_id 
_atom_site.label_entity_id 
_atom_site.label_seq_id 
_atom_site.pdbx_PDB_ins_code 
_atom_site.Cartn_x 
_atom_site.Cartn_y 
_atom_site.Cartn_z 
_atom_site.occupancy 
_atom_site.B_iso_or_equiv 
_atom_site.pdbx_formal_charge 
_atom_site.auth_seq_id 
_atom_site.auth_comp_id 
_atom_site.auth_asym_id 
_atom_site.auth_atom_id 
_atom_site.pdbx_PDB_model_num 
ATOM   1    N  N    . MET A 1 1  ? -18.879 9.206   -2.433  1.00 0.00 ? 1  MET A N    1 
ATOM   2    C  CA   . MET A 1 1  ? -19.572 9.738   -1.272  1.00 0.00 ? 1  MET A CA   1 
ATOM   3    C  C    . MET A 1 1  ? -18.790 9.453   0.012   1.00 0.00 ? 1  MET A C    1 
ATOM   4    O  O    . MET A 1 1  ? -18.634 10.333  0.858   1.00 0.00 ? 1  MET A O    1 
ATOM   5    C  CB   . MET A 1 1  ? -20.963 9.108   -1.174  1.00 0.00 ? 1  MET A CB   1 
ATOM   6    C  CG   . MET A 1 1  ? -21.871 9.606   -2.301  1.00 0.00 ? 1  MET A CG   1 
ATOM   7    S  SD   . MET A 1 1  ? -23.508 8.922   -2.111  1.00 0.00 ? 1  MET A SD   1 
ATOM   8    C  CE   . MET A 1 1  ? -24.256 9.486   -3.632  1.00 0.00 ? 1  MET A CE   1 
ATOM   9    H  H    . MET A 1 1  ? -17.897 9.062   -2.309  1.00 0.00 ? 1  MET A H    1 
ATOM   10   H  HA   . MET A 1 1  ? -19.635 10.814  -1.434  1.00 0.00 ? 1  MET A HA   1 
ATOM   11   H  HB2  . MET A 1 1  ? -20.878 8.023   -1.224  1.00 0.00 ? 1  MET A HB2  1 
ATOM   12   H  HB3  . MET A 1 1  ? -21.408 9.349   -0.208  1.00 0.00 ? 1  MET A HB3  1 
ATOM   13   H  HG2  . MET A 1 1  ? -21.918 10.695  -2.285  1.00 0.00 ? 1  MET A HG2  1 
ATOM   14   H  HG3  . MET A 1 1  ? -21.457 9.318   -3.267  1.00 0.00 ? 1  MET A HG3  1 
ATOM   15   H  HE1  . MET A 1 1  ? -25.319 9.668   -3.468  1.00 0.00 ? 1  MET A HE1  1 
ATOM   16   H  HE2  . MET A 1 1  ? -23.776 10.410  -3.952  1.00 0.00 ? 1  MET A HE2  1 
ATOM   17   H  HE3  . MET A 1 1  ? -24.132 8.726   -4.401  1.00 0.00 ? 1  MET A HE3  1 
ATOM   18   N  N    . SER A 1 2  ? -18.321 8.218   0.119   1.00 0.00 ? 2  SER A N    1 
ATOM   19   C  CA   . SER A 1 2  ? -17.561 7.806   1.286   1.00 0.00 ? 2  SER A CA   1 
ATOM   20   C  C    . SER A 1 2  ? -16.749 6.548   0.964   1.00 0.00 ? 2  SER A C    1 
ATOM   21   O  O    . SER A 1 2  ? -17.248 5.635   0.309   1.00 0.00 ? 2  SER A O    1 
ATOM   22   C  CB   . SER A 1 2  ? -18.479 7.553   2.482   1.00 0.00 ? 2  SER A CB   1 
ATOM   23   O  OG   . SER A 1 2  ? -18.604 8.704   3.312   1.00 0.00 ? 2  SER A OG   1 
ATOM   24   H  H    . SER A 1 2  ? -18.453 7.508   -0.572  1.00 0.00 ? 2  SER A H    1 
ATOM   25   H  HA   . SER A 1 2  ? -16.897 8.641   1.508   1.00 0.00 ? 2  SER A HA   1 
ATOM   26   H  HB2  . SER A 1 2  ? -19.465 7.255   2.125   1.00 0.00 ? 2  SER A HB2  1 
ATOM   27   H  HB3  . SER A 1 2  ? -18.089 6.722   3.071   1.00 0.00 ? 2  SER A HB3  1 
ATOM   28   H  HG   . SER A 1 2  ? -18.364 8.473   4.255   1.00 0.00 ? 2  SER A HG   1 
ATOM   29   N  N    . THR A 1 3  ? -15.513 6.542   1.440   1.00 0.00 ? 3  THR A N    1 
ATOM   30   C  CA   . THR A 1 3  ? -14.629 5.412   1.211   1.00 0.00 ? 3  THR A CA   1 
ATOM   31   C  C    . THR A 1 3  ? -13.546 5.355   2.290   1.00 0.00 ? 3  THR A C    1 
ATOM   32   O  O    . THR A 1 3  ? -13.242 6.364   2.925   1.00 0.00 ? 3  THR A O    1 
ATOM   33   C  CB   . THR A 1 3  ? -14.067 5.531   -0.207  1.00 0.00 ? 3  THR A CB   1 
ATOM   34   O  OG1  . THR A 1 3  ? -13.053 4.532   -0.265  1.00 0.00 ? 3  THR A OG1  1 
ATOM   35   C  CG2  . THR A 1 3  ? -13.309 6.843   -0.428  1.00 0.00 ? 3  THR A CG2  1 
ATOM   36   H  H    . THR A 1 3  ? -15.115 7.289   1.972   1.00 0.00 ? 3  THR A H    1 
ATOM   37   H  HA   . THR A 1 3  ? -15.212 4.496   1.295   1.00 0.00 ? 3  THR A HA   1 
ATOM   38   H  HB   . THR A 1 3  ? -14.855 5.408   -0.951  1.00 0.00 ? 3  THR A HB   1 
ATOM   39   H  HG1  . THR A 1 3  ? -13.448 3.662   -0.562  1.00 0.00 ? 3  THR A HG1  1 
ATOM   40   H  HG21 . THR A 1 3  ? -13.788 7.639   0.139   1.00 0.00 ? 3  THR A HG21 1 
ATOM   41   H  HG22 . THR A 1 3  ? -12.277 6.727   -0.094  1.00 0.00 ? 3  THR A HG22 1 
ATOM   42   H  HG23 . THR A 1 3  ? -13.321 7.095   -1.489  1.00 0.00 ? 3  THR A HG23 1 
ATOM   43   N  N    . LYS A 1 4  ? -12.994 4.164   2.466   1.00 0.00 ? 4  LYS A N    1 
ATOM   44   C  CA   . LYS A 1 4  ? -11.951 3.961   3.458   1.00 0.00 ? 4  LYS A CA   1 
ATOM   45   C  C    . LYS A 1 4  ? -10.783 3.209   2.818   1.00 0.00 ? 4  LYS A C    1 
ATOM   46   O  O    . LYS A 1 4  ? -10.910 2.035   2.473   1.00 0.00 ? 4  LYS A O    1 
ATOM   47   C  CB   . LYS A 1 4  ? -12.520 3.271   4.700   1.00 0.00 ? 4  LYS A CB   1 
ATOM   48   C  CG   . LYS A 1 4  ? -12.840 4.290   5.795   1.00 0.00 ? 4  LYS A CG   1 
ATOM   49   C  CD   . LYS A 1 4  ? -14.165 3.956   6.484   1.00 0.00 ? 4  LYS A CD   1 
ATOM   50   C  CE   . LYS A 1 4  ? -14.643 5.126   7.348   1.00 0.00 ? 4  LYS A CE   1 
ATOM   51   N  NZ   . LYS A 1 4  ? -16.109 5.058   7.545   1.00 0.00 ? 4  LYS A NZ   1 
ATOM   52   H  H    . LYS A 1 4  ? -13.247 3.348   1.946   1.00 0.00 ? 4  LYS A H    1 
ATOM   53   H  HA   . LYS A 1 4  ? -11.600 4.945   3.769   1.00 0.00 ? 4  LYS A HA   1 
ATOM   54   H  HB2  . LYS A 1 4  ? -13.424 2.721   4.434   1.00 0.00 ? 4  LYS A HB2  1 
ATOM   55   H  HB3  . LYS A 1 4  ? -11.803 2.540   5.075   1.00 0.00 ? 4  LYS A HB3  1 
ATOM   56   H  HG2  . LYS A 1 4  ? -12.037 4.302   6.532   1.00 0.00 ? 4  LYS A HG2  1 
ATOM   57   H  HG3  . LYS A 1 4  ? -12.893 5.289   5.364   1.00 0.00 ? 4  LYS A HG3  1 
ATOM   58   H  HD2  . LYS A 1 4  ? -14.920 3.720   5.735   1.00 0.00 ? 4  LYS A HD2  1 
ATOM   59   H  HD3  . LYS A 1 4  ? -14.042 3.068   7.105   1.00 0.00 ? 4  LYS A HD3  1 
ATOM   60   H  HE2  . LYS A 1 4  ? -14.140 5.103   8.314   1.00 0.00 ? 4  LYS A HE2  1 
ATOM   61   H  HE3  . LYS A 1 4  ? -14.378 6.069   6.873   1.00 0.00 ? 4  LYS A HE3  1 
ATOM   62   H  HZ1  . LYS A 1 4  ? -16.524 5.920   7.255   1.00 0.00 ? 4  LYS A HZ1  1 
ATOM   63   H  HZ2  . LYS A 1 4  ? -16.483 4.308   7.002   1.00 0.00 ? 4  LYS A HZ2  1 
ATOM   64   H  HZ3  . LYS A 1 4  ? -16.307 4.901   8.512   1.00 0.00 ? 4  LYS A HZ3  1 
ATOM   65   N  N    . LEU A 1 5  ? -9.671  3.915   2.679   1.00 0.00 ? 5  LEU A N    1 
ATOM   66   C  CA   . LEU A 1 5  ? -8.481  3.330   2.086   1.00 0.00 ? 5  LEU A CA   1 
ATOM   67   C  C    . LEU A 1 5  ? -7.299  4.281   2.281   1.00 0.00 ? 5  LEU A C    1 
ATOM   68   O  O    . LEU A 1 5  ? -7.474  5.499   2.303   1.00 0.00 ? 5  LEU A O    1 
ATOM   69   C  CB   . LEU A 1 5  ? -8.737  2.959   0.625   1.00 0.00 ? 5  LEU A CB   1 
ATOM   70   C  CG   . LEU A 1 5  ? -8.915  4.130   -0.344  1.00 0.00 ? 5  LEU A CG   1 
ATOM   71   C  CD1  . LEU A 1 5  ? -9.351  3.639   -1.725  1.00 0.00 ? 5  LEU A CD1  1 
ATOM   72   C  CD2  . LEU A 1 5  ? -9.881  5.171   0.225   1.00 0.00 ? 5  LEU A CD2  1 
ATOM   73   H  H    . LEU A 1 5  ? -9.576  4.871   2.963   1.00 0.00 ? 5  LEU A H    1 
ATOM   74   H  HA   . LEU A 1 5  ? -8.271  2.404   2.622   1.00 0.00 ? 5  LEU A HA   1 
ATOM   75   H  HB2  . LEU A 1 5  ? -7.906  2.347   0.275   1.00 0.00 ? 5  LEU A HB2  1 
ATOM   76   H  HB3  . LEU A 1 5  ? -9.632  2.337   0.580   1.00 0.00 ? 5  LEU A HB3  1 
ATOM   77   H  HG   . LEU A 1 5  ? -7.950  4.621   -0.467  1.00 0.00 ? 5  LEU A HG   1 
ATOM   78   H  HD11 . LEU A 1 5  ? -8.701  4.069   -2.486  1.00 0.00 ? 5  LEU A HD11 1 
ATOM   79   H  HD12 . LEU A 1 5  ? -9.283  2.551   -1.762  1.00 0.00 ? 5  LEU A HD12 1 
ATOM   80   H  HD13 . LEU A 1 5  ? -10.381 3.945   -1.912  1.00 0.00 ? 5  LEU A HD13 1 
ATOM   81   H  HD21 . LEU A 1 5  ? -10.687 4.665   0.757   1.00 0.00 ? 5  LEU A HD21 1 
ATOM   82   H  HD22 . LEU A 1 5  ? -9.346  5.825   0.914   1.00 0.00 ? 5  LEU A HD22 1 
ATOM   83   H  HD23 . LEU A 1 5  ? -10.299 5.763   -0.588  1.00 0.00 ? 5  LEU A HD23 1 
ATOM   84   N  N    . TYR A 1 6  ? -6.120  3.690   2.416   1.00 0.00 ? 6  TYR A N    1 
ATOM   85   C  CA   . TYR A 1 6  ? -4.910  4.469   2.608   1.00 0.00 ? 6  TYR A CA   1 
ATOM   86   C  C    . TYR A 1 6  ? -3.702  3.768   1.983   1.00 0.00 ? 6  TYR A C    1 
ATOM   87   O  O    . TYR A 1 6  ? -3.213  2.773   2.516   1.00 0.00 ? 6  TYR A O    1 
ATOM   88   C  CB   . TYR A 1 6  ? -4.703  4.562   4.121   1.00 0.00 ? 6  TYR A CB   1 
ATOM   89   C  CG   . TYR A 1 6  ? -3.526  5.447   4.535   1.00 0.00 ? 6  TYR A CG   1 
ATOM   90   C  CD1  . TYR A 1 6  ? -3.254  6.606   3.836   1.00 0.00 ? 6  TYR A CD1  1 
ATOM   91   C  CD2  . TYR A 1 6  ? -2.734  5.086   5.607   1.00 0.00 ? 6  TYR A CD2  1 
ATOM   92   C  CE1  . TYR A 1 6  ? -2.144  7.438   4.226   1.00 0.00 ? 6  TYR A CE1  1 
ATOM   93   C  CE2  . TYR A 1 6  ? -1.627  5.919   5.996   1.00 0.00 ? 6  TYR A CE2  1 
ATOM   94   C  CZ   . TYR A 1 6  ? -1.386  7.054   5.287   1.00 0.00 ? 6  TYR A CZ   1 
ATOM   95   O  OH   . TYR A 1 6  ? -0.339  7.839   5.655   1.00 0.00 ? 6  TYR A OH   1 
ATOM   96   H  H    . TYR A 1 6  ? -5.987  2.699   2.397   1.00 0.00 ? 6  TYR A H    1 
ATOM   97   H  HA   . TYR A 1 6  ? -5.050  5.435   2.123   1.00 0.00 ? 6  TYR A HA   1 
ATOM   98   H  HB2  . TYR A 1 6  ? -5.614  4.951   4.578   1.00 0.00 ? 6  TYR A HB2  1 
ATOM   99   H  HB3  . TYR A 1 6  ? -4.549  3.560   4.519   1.00 0.00 ? 6  TYR A HB3  1 
ATOM   100  H  HD1  . TYR A 1 6  ? -3.878  6.892   2.990   1.00 0.00 ? 6  TYR A HD1  1 
ATOM   101  H  HD2  . TYR A 1 6  ? -2.950  4.171   6.159   1.00 0.00 ? 6  TYR A HD2  1 
ATOM   102  H  HE1  . TYR A 1 6  ? -1.919  8.356   3.683   1.00 0.00 ? 6  TYR A HE1  1 
ATOM   103  H  HE2  . TYR A 1 6  ? -0.993  5.645   6.841   1.00 0.00 ? 6  TYR A HE2  1 
ATOM   104  H  HH   . TYR A 1 6  ? -0.426  8.743   5.235   1.00 0.00 ? 6  TYR A HH   1 
ATOM   105  N  N    . GLY A 1 7  ? -3.255  4.315   0.862   1.00 0.00 ? 7  GLY A N    1 
ATOM   106  C  CA   . GLY A 1 7  ? -2.113  3.755   0.158   1.00 0.00 ? 7  GLY A CA   1 
ATOM   107  C  C    . GLY A 1 7  ? -2.551  2.648   -0.803  1.00 0.00 ? 7  GLY A C    1 
ATOM   108  O  O    . GLY A 1 7  ? -2.083  1.515   -0.705  1.00 0.00 ? 7  GLY A O    1 
ATOM   109  H  H    . GLY A 1 7  ? -3.657  5.125   0.437   1.00 0.00 ? 7  GLY A H    1 
ATOM   110  H  HA2  . GLY A 1 7  ? -1.601  4.542   -0.394  1.00 0.00 ? 7  GLY A HA2  1 
ATOM   111  H  HA3  . GLY A 1 7  ? -1.399  3.354   0.878   1.00 0.00 ? 7  GLY A HA3  1 
ATOM   112  N  N    . ASP A 1 8  ? -3.443  3.017   -1.711  1.00 0.00 ? 8  ASP A N    1 
ATOM   113  C  CA   . ASP A 1 8  ? -3.950  2.070   -2.690  1.00 0.00 ? 8  ASP A CA   1 
ATOM   114  C  C    . ASP A 1 8  ? -3.122  2.177   -3.971  1.00 0.00 ? 8  ASP A C    1 
ATOM   115  O  O    . ASP A 1 8  ? -2.592  3.242   -4.285  1.00 0.00 ? 8  ASP A O    1 
ATOM   116  C  CB   . ASP A 1 8  ? -5.407  2.370   -3.043  1.00 0.00 ? 8  ASP A CB   1 
ATOM   117  C  CG   . ASP A 1 8  ? -6.316  1.142   -3.137  1.00 0.00 ? 8  ASP A CG   1 
ATOM   118  O  OD1  . ASP A 1 8  ? -5.810  0.096   -3.601  1.00 0.00 ? 8  ASP A OD1  1 
ATOM   119  O  OD2  . ASP A 1 8  ? -7.494  1.276   -2.744  1.00 0.00 ? 8  ASP A OD2  1 
ATOM   120  H  H    . ASP A 1 8  ? -3.818  3.941   -1.783  1.00 0.00 ? 8  ASP A H    1 
ATOM   121  H  HA   . ASP A 1 8  ? -3.860  1.093   -2.215  1.00 0.00 ? 8  ASP A HA   1 
ATOM   122  H  HB2  . ASP A 1 8  ? -5.815  3.048   -2.293  1.00 0.00 ? 8  ASP A HB2  1 
ATOM   123  H  HB3  . ASP A 1 8  ? -5.433  2.897   -3.996  1.00 0.00 ? 8  ASP A HB3  1 
ATOM   124  N  N    . VAL A 1 9  ? -3.034  1.058   -4.677  1.00 0.00 ? 9  VAL A N    1 
ATOM   125  C  CA   . VAL A 1 9  ? -2.279  1.012   -5.917  1.00 0.00 ? 9  VAL A CA   1 
ATOM   126  C  C    . VAL A 1 9  ? -3.228  1.251   -7.096  1.00 0.00 ? 9  VAL A C    1 
ATOM   127  O  O    . VAL A 1 9  ? -3.029  2.178   -7.879  1.00 0.00 ? 9  VAL A O    1 
ATOM   128  C  CB   . VAL A 1 9  ? -1.520  -0.310  -6.019  1.00 0.00 ? 9  VAL A CB   1 
ATOM   129  C  CG1  . VAL A 1 9  ? -0.785  -0.420  -7.357  1.00 0.00 ? 9  VAL A CG1  1 
ATOM   130  C  CG2  . VAL A 1 9  ? -0.552  -0.480  -4.847  1.00 0.00 ? 9  VAL A CG2  1 
ATOM   131  H  H    . VAL A 1 9  ? -3.468  0.196   -4.414  1.00 0.00 ? 9  VAL A H    1 
ATOM   132  H  HA   . VAL A 1 9  ? -1.548  1.820   -5.887  1.00 0.00 ? 9  VAL A HA   1 
ATOM   133  H  HB   . VAL A 1 9  ? -2.250  -1.120  -5.971  1.00 0.00 ? 9  VAL A HB   1 
ATOM   134  H  HG11 . VAL A 1 9  ? -1.290  0.196   -8.101  1.00 0.00 ? 9  VAL A HG11 1 
ATOM   135  H  HG12 . VAL A 1 9  ? 0.241   -0.075  -7.237  1.00 0.00 ? 9  VAL A HG12 1 
ATOM   136  H  HG13 . VAL A 1 9  ? -0.783  -1.460  -7.687  1.00 0.00 ? 9  VAL A HG13 1 
ATOM   137  H  HG21 . VAL A 1 9  ? 0.203   0.305   -4.884  1.00 0.00 ? 9  VAL A HG21 1 
ATOM   138  H  HG22 . VAL A 1 9  ? -1.103  -0.411  -3.909  1.00 0.00 ? 9  VAL A HG22 1 
ATOM   139  H  HG23 . VAL A 1 9  ? -0.069  -1.455  -4.913  1.00 0.00 ? 9  VAL A HG23 1 
ATOM   140  N  N    . ASN A 1 10 ? -4.236  0.398   -7.183  1.00 0.00 ? 10 ASN A N    1 
ATOM   141  C  CA   . ASN A 1 10 ? -5.216  0.505   -8.251  1.00 0.00 ? 10 ASN A CA   1 
ATOM   142  C  C    . ASN A 1 10 ? -6.534  1.029   -7.680  1.00 0.00 ? 10 ASN A C    1 
ATOM   143  O  O    . ASN A 1 10 ? -7.598  0.805   -8.256  1.00 0.00 ? 10 ASN A O    1 
ATOM   144  C  CB   . ASN A 1 10 ? -5.487  -0.860  -8.888  1.00 0.00 ? 10 ASN A CB   1 
ATOM   145  C  CG   . ASN A 1 10 ? -5.462  -1.971  -7.835  1.00 0.00 ? 10 ASN A CG   1 
ATOM   146  O  OD1  . ASN A 1 10 ? -5.655  -1.744  -6.652  1.00 0.00 ? 10 ASN A OD1  1 
ATOM   147  N  ND2  . ASN A 1 10 ? -5.213  -3.180  -8.330  1.00 0.00 ? 10 ASN A ND2  1 
ATOM   148  H  H    . ASN A 1 10 ? -4.391  -0.353  -6.541  1.00 0.00 ? 10 ASN A H    1 
ATOM   149  H  HA   . ASN A 1 10 ? -4.774  1.187   -8.977  1.00 0.00 ? 10 ASN A HA   1 
ATOM   150  H  HB2  . ASN A 1 10 ? -6.455  -0.847  -9.386  1.00 0.00 ? 10 ASN A HB2  1 
ATOM   151  H  HB3  . ASN A 1 10 ? -4.738  -1.063  -9.653  1.00 0.00 ? 10 ASN A HB3  1 
ATOM   152  H  HD21 . ASN A 1 10 ? -5.064  -3.297  -9.312  1.00 0.00 ? 10 ASN A HD21 1 
ATOM   153  H  HD22 . ASN A 1 10 ? -5.176  -3.972  -7.722  1.00 0.00 ? 10 ASN A HD22 1 
ATOM   154  N  N    . ASP A 1 11 ? -6.421  1.717   -6.553  1.00 0.00 ? 11 ASP A N    1 
ATOM   155  C  CA   . ASP A 1 11 ? -7.591  2.275   -5.897  1.00 0.00 ? 11 ASP A CA   1 
ATOM   156  C  C    . ASP A 1 11 ? -8.632  1.173   -5.695  1.00 0.00 ? 11 ASP A C    1 
ATOM   157  O  O    . ASP A 1 11 ? -9.820  1.387   -5.930  1.00 0.00 ? 11 ASP A O    1 
ATOM   158  C  CB   . ASP A 1 11 ? -8.226  3.377   -6.748  1.00 0.00 ? 11 ASP A CB   1 
ATOM   159  C  CG   . ASP A 1 11 ? -8.644  4.630   -5.976  1.00 0.00 ? 11 ASP A CG   1 
ATOM   160  O  OD1  . ASP A 1 11 ? -7.834  5.073   -5.133  1.00 0.00 ? 11 ASP A OD1  1 
ATOM   161  O  OD2  . ASP A 1 11 ? -9.762  5.117   -6.246  1.00 0.00 ? 11 ASP A OD2  1 
ATOM   162  H  H    . ASP A 1 11 ? -5.552  1.894   -6.090  1.00 0.00 ? 11 ASP A H    1 
ATOM   163  H  HA   . ASP A 1 11 ? -7.224  2.680   -4.953  1.00 0.00 ? 11 ASP A HA   1 
ATOM   164  H  HB2  . ASP A 1 11 ? -7.520  3.665   -7.527  1.00 0.00 ? 11 ASP A HB2  1 
ATOM   165  H  HB3  . ASP A 1 11 ? -9.104  2.967   -7.248  1.00 0.00 ? 11 ASP A HB3  1 
ATOM   166  N  N    . ASP A 1 12 ? -8.149  0.018   -5.263  1.00 0.00 ? 12 ASP A N    1 
ATOM   167  C  CA   . ASP A 1 12 ? -9.023  -1.118  -5.026  1.00 0.00 ? 12 ASP A CA   1 
ATOM   168  C  C    . ASP A 1 12 ? -9.360  -1.197  -3.537  1.00 0.00 ? 12 ASP A C    1 
ATOM   169  O  O    . ASP A 1 12 ? -10.523 -1.357  -3.168  1.00 0.00 ? 12 ASP A O    1 
ATOM   170  C  CB   . ASP A 1 12 ? -8.343  -2.429  -5.428  1.00 0.00 ? 12 ASP A CB   1 
ATOM   171  C  CG   . ASP A 1 12 ? -8.821  -3.665  -4.663  1.00 0.00 ? 12 ASP A CG   1 
ATOM   172  O  OD1  . ASP A 1 12 ? -9.853  -4.230  -5.086  1.00 0.00 ? 12 ASP A OD1  1 
ATOM   173  O  OD2  . ASP A 1 12 ? -8.143  -4.017  -3.673  1.00 0.00 ? 12 ASP A OD2  1 
ATOM   174  H  H    . ASP A 1 12 ? -7.180  -0.147  -5.073  1.00 0.00 ? 12 ASP A H    1 
ATOM   175  H  HA   . ASP A 1 12 ? -9.903  -0.935  -5.644  1.00 0.00 ? 12 ASP A HA   1 
ATOM   176  H  HB2  . ASP A 1 12 ? -8.504  -2.595  -6.492  1.00 0.00 ? 12 ASP A HB2  1 
ATOM   177  H  HB3  . ASP A 1 12 ? -7.268  -2.322  -5.280  1.00 0.00 ? 12 ASP A HB3  1 
ATOM   178  N  N    . GLY A 1 13 ? -8.323  -1.080  -2.721  1.00 0.00 ? 13 GLY A N    1 
ATOM   179  C  CA   . GLY A 1 13 ? -8.496  -1.135  -1.278  1.00 0.00 ? 13 GLY A CA   1 
ATOM   180  C  C    . GLY A 1 13 ? -7.251  -0.612  -0.558  1.00 0.00 ? 13 GLY A C    1 
ATOM   181  O  O    . GLY A 1 13 ? -7.355  0.218   0.345   1.00 0.00 ? 13 GLY A O    1 
ATOM   182  H  H    . GLY A 1 13 ? -7.381  -0.949  -3.029  1.00 0.00 ? 13 GLY A H    1 
ATOM   183  H  HA2  . GLY A 1 13 ? -9.364  -0.543  -0.989  1.00 0.00 ? 13 GLY A HA2  1 
ATOM   184  H  HA3  . GLY A 1 13 ? -8.693  -2.162  -0.972  1.00 0.00 ? 13 GLY A HA3  1 
ATOM   185  N  N    . LYS A 1 14 ? -6.103  -1.118  -0.984  1.00 0.00 ? 14 LYS A N    1 
ATOM   186  C  CA   . LYS A 1 14 ? -4.841  -0.712  -0.389  1.00 0.00 ? 14 LYS A CA   1 
ATOM   187  C  C    . LYS A 1 14 ? -3.688  -1.341  -1.174  1.00 0.00 ? 14 LYS A C    1 
ATOM   188  O  O    . LYS A 1 14 ? -3.911  -2.163  -2.061  1.00 0.00 ? 14 LYS A O    1 
ATOM   189  C  CB   . LYS A 1 14 ? -4.819  -1.044  1.104   1.00 0.00 ? 14 LYS A CB   1 
ATOM   190  C  CG   . LYS A 1 14 ? -5.495  -2.391  1.376   1.00 0.00 ? 14 LYS A CG   1 
ATOM   191  C  CD   . LYS A 1 14 ? -6.780  -2.206  2.186   1.00 0.00 ? 14 LYS A CD   1 
ATOM   192  C  CE   . LYS A 1 14 ? -7.819  -3.265  1.815   1.00 0.00 ? 14 LYS A CE   1 
ATOM   193  N  NZ   . LYS A 1 14 ? -9.178  -2.679  1.811   1.00 0.00 ? 14 LYS A NZ   1 
ATOM   194  H  H    . LYS A 1 14 ? -6.028  -1.792  -1.718  1.00 0.00 ? 14 LYS A H    1 
ATOM   195  H  HA   . LYS A 1 14 ? -4.770  0.371   -0.479  1.00 0.00 ? 14 LYS A HA   1 
ATOM   196  H  HB2  . LYS A 1 14 ? -3.790  -1.072  1.460   1.00 0.00 ? 14 LYS A HB2  1 
ATOM   197  H  HB3  . LYS A 1 14 ? -5.329  -0.259  1.662   1.00 0.00 ? 14 LYS A HB3  1 
ATOM   198  H  HG2  . LYS A 1 14 ? -5.725  -2.883  0.432   1.00 0.00 ? 14 LYS A HG2  1 
ATOM   199  H  HG3  . LYS A 1 14 ? -4.811  -3.042  1.918   1.00 0.00 ? 14 LYS A HG3  1 
ATOM   200  H  HD2  . LYS A 1 14 ? -6.556  -2.267  3.251   1.00 0.00 ? 14 LYS A HD2  1 
ATOM   201  H  HD3  . LYS A 1 14 ? -7.189  -1.211  2.004   1.00 0.00 ? 14 LYS A HD3  1 
ATOM   202  H  HE2  . LYS A 1 14 ? -7.591  -3.679  0.833   1.00 0.00 ? 14 LYS A HE2  1 
ATOM   203  H  HE3  . LYS A 1 14 ? -7.776  -4.091  2.526   1.00 0.00 ? 14 LYS A HE3  1 
ATOM   204  H  HZ1  . LYS A 1 14 ? -9.242  -1.980  2.524   1.00 0.00 ? 14 LYS A HZ1  1 
ATOM   205  H  HZ2  . LYS A 1 14 ? -9.360  -2.265  0.920   1.00 0.00 ? 14 LYS A HZ2  1 
ATOM   206  H  HZ3  . LYS A 1 14 ? -9.852  -3.398  1.987   1.00 0.00 ? 14 LYS A HZ3  1 
ATOM   207  N  N    . VAL A 1 15 ? -2.479  -0.929  -0.822  1.00 0.00 ? 15 VAL A N    1 
ATOM   208  C  CA   . VAL A 1 15 ? -1.290  -1.440  -1.483  1.00 0.00 ? 15 VAL A CA   1 
ATOM   209  C  C    . VAL A 1 15 ? -0.782  -2.671  -0.728  1.00 0.00 ? 15 VAL A C    1 
ATOM   210  O  O    . VAL A 1 15 ? -0.276  -2.555  0.386   1.00 0.00 ? 15 VAL A O    1 
ATOM   211  C  CB   . VAL A 1 15 ? -0.239  -0.334  -1.599  1.00 0.00 ? 15 VAL A CB   1 
ATOM   212  C  CG1  . VAL A 1 15 ? 0.260   0.095   -0.217  1.00 0.00 ? 15 VAL A CG1  1 
ATOM   213  C  CG2  . VAL A 1 15 ? 0.924   -0.774  -2.490  1.00 0.00 ? 15 VAL A CG2  1 
ATOM   214  H  H    . VAL A 1 15 ? -2.306  -0.259  -0.099  1.00 0.00 ? 15 VAL A H    1 
ATOM   215  H  HA   . VAL A 1 15 ? -1.578  -1.739  -2.490  1.00 0.00 ? 15 VAL A HA   1 
ATOM   216  H  HB   . VAL A 1 15 ? -0.711  0.528   -2.067  1.00 0.00 ? 15 VAL A HB   1 
ATOM   217  H  HG11 . VAL A 1 15 ? 0.880   0.987   -0.315  1.00 0.00 ? 15 VAL A HG11 1 
ATOM   218  H  HG12 . VAL A 1 15 ? -0.592  0.315   0.425   1.00 0.00 ? 15 VAL A HG12 1 
ATOM   219  H  HG13 . VAL A 1 15 ? 0.848   -0.711  0.222   1.00 0.00 ? 15 VAL A HG13 1 
ATOM   220  H  HG21 . VAL A 1 15 ? 1.185   0.034   -3.172  1.00 0.00 ? 15 VAL A HG21 1 
ATOM   221  H  HG22 . VAL A 1 15 ? 1.786   -1.018  -1.867  1.00 0.00 ? 15 VAL A HG22 1 
ATOM   222  H  HG23 . VAL A 1 15 ? 0.629   -1.654  -3.063  1.00 0.00 ? 15 VAL A HG23 1 
ATOM   223  N  N    . ASN A 1 16 ? -0.936  -3.821  -1.367  1.00 0.00 ? 16 ASN A N    1 
ATOM   224  C  CA   . ASN A 1 16 ? -0.499  -5.072  -0.771  1.00 0.00 ? 16 ASN A CA   1 
ATOM   225  C  C    . ASN A 1 16 ? -0.013  -6.016  -1.873  1.00 0.00 ? 16 ASN A C    1 
ATOM   226  O  O    . ASN A 1 16 ? 0.114   -5.613  -3.028  1.00 0.00 ? 16 ASN A O    1 
ATOM   227  C  CB   . ASN A 1 16 ? -1.648  -5.760  -0.030  1.00 0.00 ? 16 ASN A CB   1 
ATOM   228  C  CG   . ASN A 1 16 ? -2.785  -6.113  -0.992  1.00 0.00 ? 16 ASN A CG   1 
ATOM   229  O  OD1  . ASN A 1 16 ? -2.857  -7.204  -1.536  1.00 0.00 ? 16 ASN A OD1  1 
ATOM   230  N  ND2  . ASN A 1 16 ? -3.666  -5.133  -1.170  1.00 0.00 ? 16 ASN A ND2  1 
ATOM   231  H  H    . ASN A 1 16 ? -1.349  -3.906  -2.274  1.00 0.00 ? 16 ASN A H    1 
ATOM   232  H  HA   . ASN A 1 16 ? 0.295   -4.796  -0.077  1.00 0.00 ? 16 ASN A HA   1 
ATOM   233  H  HB2  . ASN A 1 16 ? -1.283  -6.665  0.453   1.00 0.00 ? 16 ASN A HB2  1 
ATOM   234  H  HB3  . ASN A 1 16 ? -2.022  -5.106  0.756   1.00 0.00 ? 16 ASN A HB3  1 
ATOM   235  H  HD21 . ASN A 1 16 ? -3.549  -4.263  -0.693  1.00 0.00 ? 16 ASN A HD21 1 
ATOM   236  H  HD22 . ASN A 1 16 ? -4.447  -5.269  -1.782  1.00 0.00 ? 16 ASN A HD22 1 
ATOM   237  N  N    . SER A 1 17 ? 0.244   -7.253  -1.477  1.00 0.00 ? 17 SER A N    1 
ATOM   238  C  CA   . SER A 1 17 ? 0.713   -8.258  -2.416  1.00 0.00 ? 17 SER A CA   1 
ATOM   239  C  C    . SER A 1 17 ? -0.171  -8.257  -3.667  1.00 0.00 ? 17 SER A C    1 
ATOM   240  O  O    . SER A 1 17 ? 0.327   -8.410  -4.781  1.00 0.00 ? 17 SER A O    1 
ATOM   241  C  CB   . SER A 1 17 ? 0.728   -9.648  -1.777  1.00 0.00 ? 17 SER A CB   1 
ATOM   242  O  OG   . SER A 1 17 ? 0.896   -10.679 -2.744  1.00 0.00 ? 17 SER A OG   1 
ATOM   243  H  H    . SER A 1 17 ? 0.138   -7.574  -0.535  1.00 0.00 ? 17 SER A H    1 
ATOM   244  H  HA   . SER A 1 17 ? 1.732   -7.964  -2.669  1.00 0.00 ? 17 SER A HA   1 
ATOM   245  H  HB2  . SER A 1 17 ? 1.532   -9.700  -1.045  1.00 0.00 ? 17 SER A HB2  1 
ATOM   246  H  HB3  . SER A 1 17 ? -0.206  -9.807  -1.237  1.00 0.00 ? 17 SER A HB3  1 
ATOM   247  H  HG   . SER A 1 17 ? 0.007   -11.057 -3.001  1.00 0.00 ? 17 SER A HG   1 
ATOM   248  N  N    . THR A 1 18 ? -1.464  -8.084  -3.438  1.00 0.00 ? 18 THR A N    1 
ATOM   249  C  CA   . THR A 1 18 ? -2.420  -8.062  -4.531  1.00 0.00 ? 18 THR A CA   1 
ATOM   250  C  C    . THR A 1 18 ? -1.983  -7.059  -5.601  1.00 0.00 ? 18 THR A C    1 
ATOM   251  O  O    . THR A 1 18 ? -2.166  -7.301  -6.794  1.00 0.00 ? 18 THR A O    1 
ATOM   252  C  CB   . THR A 1 18 ? -3.801  -7.762  -3.944  1.00 0.00 ? 18 THR A CB   1 
ATOM   253  O  OG1  . THR A 1 18 ? -4.014  -8.811  -3.003  1.00 0.00 ? 18 THR A OG1  1 
ATOM   254  C  CG2  . THR A 1 18 ? -4.924  -7.948  -4.967  1.00 0.00 ? 18 THR A CG2  1 
ATOM   255  H  H    . THR A 1 18 ? -1.859  -7.960  -2.527  1.00 0.00 ? 18 THR A H    1 
ATOM   256  H  HA   . THR A 1 18 ? -2.430  -9.046  -5.000  1.00 0.00 ? 18 THR A HA   1 
ATOM   257  H  HB   . THR A 1 18 ? -3.831  -6.763  -3.511  1.00 0.00 ? 18 THR A HB   1 
ATOM   258  H  HG1  . THR A 1 18 ? -4.722  -8.543  -2.349  1.00 0.00 ? 18 THR A HG1  1 
ATOM   259  H  HG21 . THR A 1 18 ? -5.576  -8.760  -4.648  1.00 0.00 ? 18 THR A HG21 1 
ATOM   260  H  HG22 . THR A 1 18 ? -5.502  -7.027  -5.043  1.00 0.00 ? 18 THR A HG22 1 
ATOM   261  H  HG23 . THR A 1 18 ? -4.495  -8.187  -5.940  1.00 0.00 ? 18 THR A HG23 1 
ATOM   262  N  N    . ASP A 1 19 ? -1.416  -5.956  -5.137  1.00 0.00 ? 19 ASP A N    1 
ATOM   263  C  CA   . ASP A 1 19 ? -0.952  -4.917  -6.039  1.00 0.00 ? 19 ASP A CA   1 
ATOM   264  C  C    . ASP A 1 19 ? 0.555   -5.071  -6.258  1.00 0.00 ? 19 ASP A C    1 
ATOM   265  O  O    . ASP A 1 19 ? 1.241   -4.105  -6.585  1.00 0.00 ? 19 ASP A O    1 
ATOM   266  C  CB   . ASP A 1 19 ? -1.204  -3.526  -5.453  1.00 0.00 ? 19 ASP A CB   1 
ATOM   267  C  CG   . ASP A 1 19 ? -2.650  -3.252  -5.036  1.00 0.00 ? 19 ASP A CG   1 
ATOM   268  O  OD1  . ASP A 1 19 ? -3.538  -3.946  -5.577  1.00 0.00 ? 19 ASP A OD1  1 
ATOM   269  O  OD2  . ASP A 1 19 ? -2.835  -2.358  -4.184  1.00 0.00 ? 19 ASP A OD2  1 
ATOM   270  H  H    . ASP A 1 19 ? -1.271  -5.768  -4.166  1.00 0.00 ? 19 ASP A H    1 
ATOM   271  H  HA   . ASP A 1 19 ? -1.523  -5.058  -6.957  1.00 0.00 ? 19 ASP A HA   1 
ATOM   272  H  HB2  . ASP A 1 19 ? -0.559  -3.392  -4.585  1.00 0.00 ? 19 ASP A HB2  1 
ATOM   273  H  HB3  . ASP A 1 19 ? -0.907  -2.779  -6.190  1.00 0.00 ? 19 ASP A HB3  1 
ATOM   274  N  N    . ALA A 1 20 ? 1.025   -6.296  -6.068  1.00 0.00 ? 20 ALA A N    1 
ATOM   275  C  CA   . ALA A 1 20 ? 2.438   -6.589  -6.240  1.00 0.00 ? 20 ALA A CA   1 
ATOM   276  C  C    . ALA A 1 20 ? 2.814   -6.419  -7.713  1.00 0.00 ? 20 ALA A C    1 
ATOM   277  O  O    . ALA A 1 20 ? 3.961   -6.109  -8.034  1.00 0.00 ? 20 ALA A O    1 
ATOM   278  C  CB   . ALA A 1 20 ? 2.733   -7.999  -5.723  1.00 0.00 ? 20 ALA A CB   1 
ATOM   279  H  H    . ALA A 1 20 ? 0.460   -7.077  -5.802  1.00 0.00 ? 20 ALA A H    1 
ATOM   280  H  HA   . ALA A 1 20 ? 3.001   -5.872  -5.645  1.00 0.00 ? 20 ALA A HA   1 
ATOM   281  H  HB1  . ALA A 1 20 ? 2.033   -8.705  -6.171  1.00 0.00 ? 20 ALA A HB1  1 
ATOM   282  H  HB2  . ALA A 1 20 ? 3.752   -8.278  -5.990  1.00 0.00 ? 20 ALA A HB2  1 
ATOM   283  H  HB3  . ALA A 1 20 ? 2.623   -8.018  -4.639  1.00 0.00 ? 20 ALA A HB3  1 
ATOM   284  N  N    . VAL A 1 21 ? 1.826   -6.627  -8.572  1.00 0.00 ? 21 VAL A N    1 
ATOM   285  C  CA   . VAL A 1 21 ? 2.039   -6.501  -10.004 1.00 0.00 ? 21 VAL A CA   1 
ATOM   286  C  C    . VAL A 1 21 ? 2.561   -5.096  -10.314 1.00 0.00 ? 21 VAL A C    1 
ATOM   287  O  O    . VAL A 1 21 ? 3.658   -4.944  -10.850 1.00 0.00 ? 21 VAL A O    1 
ATOM   288  C  CB   . VAL A 1 21 ? 0.750   -6.838  -10.757 1.00 0.00 ? 21 VAL A CB   1 
ATOM   289  C  CG1  . VAL A 1 21 ? 0.805   -6.323  -12.195 1.00 0.00 ? 21 VAL A CG1  1 
ATOM   290  C  CG2  . VAL A 1 21 ? 0.474   -8.343  -10.722 1.00 0.00 ? 21 VAL A CG2  1 
ATOM   291  H  H    . VAL A 1 21 ? 0.895   -6.878  -8.303  1.00 0.00 ? 21 VAL A H    1 
ATOM   292  H  HA   . VAL A 1 21 ? 2.798   -7.228  -10.289 1.00 0.00 ? 21 VAL A HA   1 
ATOM   293  H  HB   . VAL A 1 21 ? -0.074  -6.335  -10.251 1.00 0.00 ? 21 VAL A HB   1 
ATOM   294  H  HG11 . VAL A 1 21 ? 0.116   -6.899  -12.814 1.00 0.00 ? 21 VAL A HG11 1 
ATOM   295  H  HG12 . VAL A 1 21 ? 0.520   -5.271  -12.216 1.00 0.00 ? 21 VAL A HG12 1 
ATOM   296  H  HG13 . VAL A 1 21 ? 1.819   -6.431  -12.583 1.00 0.00 ? 21 VAL A HG13 1 
ATOM   297  H  HG21 . VAL A 1 21 ? 0.449   -8.685  -9.687  1.00 0.00 ? 21 VAL A HG21 1 
ATOM   298  H  HG22 . VAL A 1 21 ? -0.485  -8.546  -11.197 1.00 0.00 ? 21 VAL A HG22 1 
ATOM   299  H  HG23 . VAL A 1 21 ? 1.264   -8.870  -11.259 1.00 0.00 ? 21 VAL A HG23 1 
ATOM   300  N  N    . ALA A 1 22 ? 1.753   -4.107  -9.964  1.00 0.00 ? 22 ALA A N    1 
ATOM   301  C  CA   . ALA A 1 22 ? 2.121   -2.722  -10.199 1.00 0.00 ? 22 ALA A CA   1 
ATOM   302  C  C    . ALA A 1 22 ? 3.349   -2.373  -9.356  1.00 0.00 ? 22 ALA A C    1 
ATOM   303  O  O    . ALA A 1 22 ? 4.074   -1.431  -9.668  1.00 0.00 ? 22 ALA A O    1 
ATOM   304  C  CB   . ALA A 1 22 ? 0.926   -1.816  -9.890  1.00 0.00 ? 22 ALA A CB   1 
ATOM   305  H  H    . ALA A 1 22 ? 0.862   -4.241  -9.528  1.00 0.00 ? 22 ALA A H    1 
ATOM   306  H  HA   . ALA A 1 22 ? 2.373   -2.619  -11.255 1.00 0.00 ? 22 ALA A HA   1 
ATOM   307  H  HB1  . ALA A 1 22 ? 0.559   -1.371  -10.813 1.00 0.00 ? 22 ALA A HB1  1 
ATOM   308  H  HB2  . ALA A 1 22 ? 0.133   -2.406  -9.430  1.00 0.00 ? 22 ALA A HB2  1 
ATOM   309  H  HB3  . ALA A 1 22 ? 1.235   -1.028  -9.204  1.00 0.00 ? 22 ALA A HB3  1 
ATOM   310  N  N    . LEU A 1 23 ? 3.544   -3.154  -8.303  1.00 0.00 ? 23 LEU A N    1 
ATOM   311  C  CA   . LEU A 1 23 ? 4.673   -2.941  -7.412  1.00 0.00 ? 23 LEU A CA   1 
ATOM   312  C  C    . LEU A 1 23 ? 5.971   -3.262  -8.154  1.00 0.00 ? 23 LEU A C    1 
ATOM   313  O  O    . LEU A 1 23 ? 6.832   -2.397  -8.307  1.00 0.00 ? 23 LEU A O    1 
ATOM   314  C  CB   . LEU A 1 23 ? 4.491   -3.736  -6.119  1.00 0.00 ? 23 LEU A CB   1 
ATOM   315  C  CG   . LEU A 1 23 ? 5.530   -3.483  -5.025  1.00 0.00 ? 23 LEU A CG   1 
ATOM   316  C  CD1  . LEU A 1 23 ? 4.858   -3.058  -3.717  1.00 0.00 ? 23 LEU A CD1  1 
ATOM   317  C  CD2  . LEU A 1 23 ? 6.435   -4.703  -4.834  1.00 0.00 ? 23 LEU A CD2  1 
ATOM   318  H  H    . LEU A 1 23 ? 2.950   -3.920  -8.056  1.00 0.00 ? 23 LEU A H    1 
ATOM   319  H  HA   . LEU A 1 23 ? 4.680   -1.884  -7.143  1.00 0.00 ? 23 LEU A HA   1 
ATOM   320  H  HB2  . LEU A 1 23 ? 3.504   -3.512  -5.712  1.00 0.00 ? 23 LEU A HB2  1 
ATOM   321  H  HB3  . LEU A 1 23 ? 4.502   -4.798  -6.363  1.00 0.00 ? 23 LEU A HB3  1 
ATOM   322  H  HG   . LEU A 1 23 ? 6.166   -2.657  -5.342  1.00 0.00 ? 23 LEU A HG   1 
ATOM   323  H  HD11 . LEU A 1 23 ? 5.344   -3.557  -2.878  1.00 0.00 ? 23 LEU A HD11 1 
ATOM   324  H  HD12 . LEU A 1 23 ? 4.946   -1.978  -3.597  1.00 0.00 ? 23 LEU A HD12 1 
ATOM   325  H  HD13 . LEU A 1 23 ? 3.804   -3.337  -3.744  1.00 0.00 ? 23 LEU A HD13 1 
ATOM   326  H  HD21 . LEU A 1 23 ? 6.551   -5.220  -5.785  1.00 0.00 ? 23 LEU A HD21 1 
ATOM   327  H  HD22 . LEU A 1 23 ? 7.411   -4.379  -4.474  1.00 0.00 ? 23 LEU A HD22 1 
ATOM   328  H  HD23 . LEU A 1 23 ? 5.985   -5.378  -4.106  1.00 0.00 ? 23 LEU A HD23 1 
ATOM   329  N  N    . LYS A 1 24 ? 6.070   -4.506  -8.598  1.00 0.00 ? 24 LYS A N    1 
ATOM   330  C  CA   . LYS A 1 24 ? 7.249   -4.952  -9.321  1.00 0.00 ? 24 LYS A CA   1 
ATOM   331  C  C    . LYS A 1 24 ? 7.631   -3.900  -10.364 1.00 0.00 ? 24 LYS A C    1 
ATOM   332  O  O    . LYS A 1 24 ? 8.809   -3.609  -10.555 1.00 0.00 ? 24 LYS A O    1 
ATOM   333  C  CB   . LYS A 1 24 ? 7.021   -6.347  -9.908  1.00 0.00 ? 24 LYS A CB   1 
ATOM   334  C  CG   . LYS A 1 24 ? 8.342   -6.973  -10.360 1.00 0.00 ? 24 LYS A CG   1 
ATOM   335  C  CD   . LYS A 1 24 ? 8.133   -8.413  -10.830 1.00 0.00 ? 24 LYS A CD   1 
ATOM   336  C  CE   . LYS A 1 24 ? 9.472   -9.135  -10.998 1.00 0.00 ? 24 LYS A CE   1 
ATOM   337  N  NZ   . LYS A 1 24 ? 9.258   -10.587 -11.197 1.00 0.00 ? 24 LYS A NZ   1 
ATOM   338  H  H    . LYS A 1 24 ? 5.364   -5.203  -8.470  1.00 0.00 ? 24 LYS A H    1 
ATOM   339  H  HA   . LYS A 1 24 ? 8.062   -5.035  -8.600  1.00 0.00 ? 24 LYS A HA   1 
ATOM   340  H  HB2  . LYS A 1 24 ? 6.547   -6.986  -9.164  1.00 0.00 ? 24 LYS A HB2  1 
ATOM   341  H  HB3  . LYS A 1 24 ? 6.338   -6.282  -10.754 1.00 0.00 ? 24 LYS A HB3  1 
ATOM   342  H  HG2  . LYS A 1 24 ? 8.772   -6.382  -11.167 1.00 0.00 ? 24 LYS A HG2  1 
ATOM   343  H  HG3  . LYS A 1 24 ? 9.057   -6.956  -9.537  1.00 0.00 ? 24 LYS A HG3  1 
ATOM   344  H  HD2  . LYS A 1 24 ? 7.515   -8.949  -10.110 1.00 0.00 ? 24 LYS A HD2  1 
ATOM   345  H  HD3  . LYS A 1 24 ? 7.593   -8.416  -11.777 1.00 0.00 ? 24 LYS A HD3  1 
ATOM   346  H  HE2  . LYS A 1 24 ? 10.010  -8.721  -11.851 1.00 0.00 ? 24 LYS A HE2  1 
ATOM   347  H  HE3  . LYS A 1 24 ? 10.093  -8.971  -10.119 1.00 0.00 ? 24 LYS A HE3  1 
ATOM   348  H  HZ1  . LYS A 1 24 ? 8.285   -10.796 -11.096 1.00 0.00 ? 24 LYS A HZ1  1 
ATOM   349  H  HZ2  . LYS A 1 24 ? 9.561   -10.846 -12.113 1.00 0.00 ? 24 LYS A HZ2  1 
ATOM   350  H  HZ3  . LYS A 1 24 ? 9.780   -11.097 -10.514 1.00 0.00 ? 24 LYS A HZ3  1 
ATOM   351  N  N    . ARG A 1 25 ? 6.609   -3.358  -11.012 1.00 0.00 ? 25 ARG A N    1 
ATOM   352  C  CA   . ARG A 1 25 ? 6.821   -2.344  -12.031 1.00 0.00 ? 25 ARG A CA   1 
ATOM   353  C  C    . ARG A 1 25 ? 7.278   -1.033  -11.388 1.00 0.00 ? 25 ARG A C    1 
ATOM   354  O  O    . ARG A 1 25 ? 8.072   -0.297  -11.969 1.00 0.00 ? 25 ARG A O    1 
ATOM   355  C  CB   . ARG A 1 25 ? 5.544   -2.093  -12.835 1.00 0.00 ? 25 ARG A CB   1 
ATOM   356  C  CG   . ARG A 1 25 ? 5.354   -3.164  -13.911 1.00 0.00 ? 25 ARG A CG   1 
ATOM   357  C  CD   . ARG A 1 25 ? 4.105   -4.003  -13.637 1.00 0.00 ? 25 ARG A CD   1 
ATOM   358  N  NE   . ARG A 1 25 ? 3.490   -4.427  -14.915 1.00 0.00 ? 25 ARG A NE   1 
ATOM   359  C  CZ   . ARG A 1 25 ? 3.133   -5.688  -15.194 1.00 0.00 ? 25 ARG A CZ   1 
ATOM   360  N  NH1  . ARG A 1 25 ? 3.329   -6.656  -14.289 1.00 0.00 ? 25 ARG A NH1  1 
ATOM   361  N  NH2  . ARG A 1 25 ? 2.581   -5.981  -16.380 1.00 0.00 ? 25 ARG A NH2  1 
ATOM   362  H  H    . ARG A 1 25 ? 5.652   -3.600  -10.851 1.00 0.00 ? 25 ARG A H    1 
ATOM   363  H  HA   . ARG A 1 25 ? 7.599   -2.757  -12.674 1.00 0.00 ? 25 ARG A HA   1 
ATOM   364  H  HB2  . ARG A 1 25 ? 4.684   -2.091  -12.164 1.00 0.00 ? 25 ARG A HB2  1 
ATOM   365  H  HB3  . ARG A 1 25 ? 5.590   -1.108  -13.298 1.00 0.00 ? 25 ARG A HB3  1 
ATOM   366  H  HG2  . ARG A 1 25 ? 5.272   -2.690  -14.889 1.00 0.00 ? 25 ARG A HG2  1 
ATOM   367  H  HG3  . ARG A 1 25 ? 6.231   -3.811  -13.944 1.00 0.00 ? 25 ARG A HG3  1 
ATOM   368  H  HD2  . ARG A 1 25 ? 4.367   -4.877  -13.042 1.00 0.00 ? 25 ARG A HD2  1 
ATOM   369  H  HD3  . ARG A 1 25 ? 3.390   -3.424  -13.054 1.00 0.00 ? 25 ARG A HD3  1 
ATOM   370  H  HE   . ARG A 1 25 ? 3.330   -3.729  -15.613 1.00 0.00 ? 25 ARG A HE   1 
ATOM   371  H  HH11 . ARG A 1 25 ? 3.740   -6.438  -13.404 1.00 0.00 ? 25 ARG A HH11 1 
ATOM   372  H  HH12 . ARG A 1 25 ? 3.062   -7.597  -14.498 1.00 0.00 ? 25 ARG A HH12 1 
ATOM   373  H  HH21 . ARG A 1 25 ? 2.435   -5.258  -17.055 1.00 0.00 ? 25 ARG A HH21 1 
ATOM   374  H  HH22 . ARG A 1 25 ? 2.315   -6.922  -16.588 1.00 0.00 ? 25 ARG A HH22 1 
ATOM   375  N  N    . TYR A 1 26 ? 6.754   -0.782  -10.197 1.00 0.00 ? 26 TYR A N    1 
ATOM   376  C  CA   . TYR A 1 26 ? 7.097   0.428   -9.470  1.00 0.00 ? 26 TYR A CA   1 
ATOM   377  C  C    . TYR A 1 26 ? 8.493   0.320   -8.851  1.00 0.00 ? 26 TYR A C    1 
ATOM   378  O  O    . TYR A 1 26 ? 9.272   1.271   -8.899  1.00 0.00 ? 26 TYR A O    1 
ATOM   379  C  CB   . TYR A 1 26 ? 6.065   0.552   -8.348  1.00 0.00 ? 26 TYR A CB   1 
ATOM   380  C  CG   . TYR A 1 26 ? 6.039   1.927   -7.673  1.00 0.00 ? 26 TYR A CG   1 
ATOM   381  C  CD1  . TYR A 1 26 ? 7.077   2.309   -6.849  1.00 0.00 ? 26 TYR A CD1  1 
ATOM   382  C  CD2  . TYR A 1 26 ? 4.979   2.783   -7.891  1.00 0.00 ? 26 TYR A CD2  1 
ATOM   383  C  CE1  . TYR A 1 26 ? 7.054   3.602   -6.215  1.00 0.00 ? 26 TYR A CE1  1 
ATOM   384  C  CE2  . TYR A 1 26 ? 4.954   4.075   -7.258  1.00 0.00 ? 26 TYR A CE2  1 
ATOM   385  C  CZ   . TYR A 1 26 ? 5.994   4.422   -6.451  1.00 0.00 ? 26 TYR A CZ   1 
ATOM   386  O  OH   . TYR A 1 26 ? 5.972   5.642   -5.853  1.00 0.00 ? 26 TYR A OH   1 
ATOM   387  H  H    . TYR A 1 26 ? 6.107   -1.386  -9.732  1.00 0.00 ? 26 TYR A H    1 
ATOM   388  H  HA   . TYR A 1 26 ? 7.083   1.260   -10.174 1.00 0.00 ? 26 TYR A HA   1 
ATOM   389  H  HB2  . TYR A 1 26 ? 5.076   0.340   -8.752  1.00 0.00 ? 26 TYR A HB2  1 
ATOM   390  H  HB3  . TYR A 1 26 ? 6.270   -0.207  -7.593  1.00 0.00 ? 26 TYR A HB3  1 
ATOM   391  H  HD1  . TYR A 1 26 ? 7.915   1.634   -6.678  1.00 0.00 ? 26 TYR A HD1  1 
ATOM   392  H  HD2  . TYR A 1 26 ? 4.159   2.479   -8.544  1.00 0.00 ? 26 TYR A HD2  1 
ATOM   393  H  HE1  . TYR A 1 26 ? 7.866   3.918   -5.561  1.00 0.00 ? 26 TYR A HE1  1 
ATOM   394  H  HE2  . TYR A 1 26 ? 4.123   4.760   -7.422  1.00 0.00 ? 26 TYR A HE2  1 
ATOM   395  H  HH   . TYR A 1 26 ? 6.492   5.614   -4.999  1.00 0.00 ? 26 TYR A HH   1 
ATOM   396  N  N    . VAL A 1 27 ? 8.766   -0.848  -8.288  1.00 0.00 ? 27 VAL A N    1 
ATOM   397  C  CA   . VAL A 1 27 ? 10.055  -1.094  -7.662  1.00 0.00 ? 27 VAL A CA   1 
ATOM   398  C  C    . VAL A 1 27 ? 11.162  -0.934  -8.705  1.00 0.00 ? 27 VAL A C    1 
ATOM   399  O  O    . VAL A 1 27 ? 12.186  -0.307  -8.438  1.00 0.00 ? 27 VAL A O    1 
ATOM   400  C  CB   . VAL A 1 27 ? 10.057  -2.469  -6.992  1.00 0.00 ? 27 VAL A CB   1 
ATOM   401  C  CG1  . VAL A 1 27 ? 11.206  -2.588  -5.988  1.00 0.00 ? 27 VAL A CG1  1 
ATOM   402  C  CG2  . VAL A 1 27 ? 8.712   -2.756  -6.323  1.00 0.00 ? 27 VAL A CG2  1 
ATOM   403  H  H    . VAL A 1 27 ? 8.127   -1.616  -8.255  1.00 0.00 ? 27 VAL A H    1 
ATOM   404  H  HA   . VAL A 1 27 ? 10.192  -0.341  -6.886  1.00 0.00 ? 27 VAL A HA   1 
ATOM   405  H  HB   . VAL A 1 27 ? 10.212  -3.219  -7.768  1.00 0.00 ? 27 VAL A HB   1 
ATOM   406  H  HG11 . VAL A 1 27 ? 11.263  -3.613  -5.623  1.00 0.00 ? 27 VAL A HG11 1 
ATOM   407  H  HG12 . VAL A 1 27 ? 12.143  -2.322  -6.476  1.00 0.00 ? 27 VAL A HG12 1 
ATOM   408  H  HG13 . VAL A 1 27 ? 11.027  -1.913  -5.152  1.00 0.00 ? 27 VAL A HG13 1 
ATOM   409  H  HG21 . VAL A 1 27 ? 8.879   -3.093  -5.300  1.00 0.00 ? 27 VAL A HG21 1 
ATOM   410  H  HG22 . VAL A 1 27 ? 8.110   -1.848  -6.313  1.00 0.00 ? 27 VAL A HG22 1 
ATOM   411  H  HG23 . VAL A 1 27 ? 8.188   -3.533  -6.880  1.00 0.00 ? 27 VAL A HG23 1 
ATOM   412  N  N    . LEU A 1 28 ? 10.919  -1.511  -9.873  1.00 0.00 ? 28 LEU A N    1 
ATOM   413  C  CA   . LEU A 1 28 ? 11.883  -1.442  -10.957 1.00 0.00 ? 28 LEU A CA   1 
ATOM   414  C  C    . LEU A 1 28 ? 12.093  0.022   -11.354 1.00 0.00 ? 28 LEU A C    1 
ATOM   415  O  O    . LEU A 1 28 ? 13.223  0.450   -11.585 1.00 0.00 ? 28 LEU A O    1 
ATOM   416  C  CB   . LEU A 1 28 ? 11.449  -2.337  -12.119 1.00 0.00 ? 28 LEU A CB   1 
ATOM   417  C  CG   . LEU A 1 28 ? 12.510  -3.299  -12.657 1.00 0.00 ? 28 LEU A CG   1 
ATOM   418  C  CD1  . LEU A 1 28 ? 12.047  -4.752  -12.534 1.00 0.00 ? 28 LEU A CD1  1 
ATOM   419  C  CD2  . LEU A 1 28 ? 12.896  -2.941  -14.094 1.00 0.00 ? 28 LEU A CD2  1 
ATOM   420  H  H    . LEU A 1 28 ? 10.084  -2.020  -10.083 1.00 0.00 ? 28 LEU A H    1 
ATOM   421  H  HA   . LEU A 1 28 ? 12.828  -1.837  -10.582 1.00 0.00 ? 28 LEU A HA   1 
ATOM   422  H  HB2  . LEU A 1 28 ? 10.586  -2.922  -11.799 1.00 0.00 ? 28 LEU A HB2  1 
ATOM   423  H  HB3  . LEU A 1 28 ? 11.116  -1.700  -12.938 1.00 0.00 ? 28 LEU A HB3  1 
ATOM   424  H  HG   . LEU A 1 28 ? 13.407  -3.195  -12.048 1.00 0.00 ? 28 LEU A HG   1 
ATOM   425  H  HD11 . LEU A 1 28 ? 11.792  -4.965  -11.498 1.00 0.00 ? 28 LEU A HD11 1 
ATOM   426  H  HD12 . LEU A 1 28 ? 11.170  -4.908  -13.163 1.00 0.00 ? 28 LEU A HD12 1 
ATOM   427  H  HD13 . LEU A 1 28 ? 12.847  -5.417  -12.857 1.00 0.00 ? 28 LEU A HD13 1 
ATOM   428  H  HD21 . LEU A 1 28 ? 13.762  -2.279  -14.083 1.00 0.00 ? 28 LEU A HD21 1 
ATOM   429  H  HD22 . LEU A 1 28 ? 13.141  -3.851  -14.642 1.00 0.00 ? 28 LEU A HD22 1 
ATOM   430  H  HD23 . LEU A 1 28 ? 12.061  -2.437  -14.581 1.00 0.00 ? 28 LEU A HD23 1 
ATOM   431  N  N    . ARG A 1 29 ? 10.987  0.747   -11.420 1.00 0.00 ? 29 ARG A N    1 
ATOM   432  C  CA   . ARG A 1 29 ? 11.036  2.153   -11.785 1.00 0.00 ? 29 ARG A CA   1 
ATOM   433  C  C    . ARG A 1 29 ? 9.627   2.753   -11.775 1.00 0.00 ? 29 ARG A C    1 
ATOM   434  O  O    . ARG A 1 29 ? 8.657   2.061   -11.474 1.00 0.00 ? 29 ARG A O    1 
ATOM   435  C  CB   . ARG A 1 29 ? 11.654  2.342   -13.170 1.00 0.00 ? 29 ARG A CB   1 
ATOM   436  C  CG   . ARG A 1 29 ? 11.272  1.190   -14.103 1.00 0.00 ? 29 ARG A CG   1 
ATOM   437  C  CD   . ARG A 1 29 ? 9.754   1.104   -14.275 1.00 0.00 ? 29 ARG A CD   1 
ATOM   438  N  NE   . ARG A 1 29 ? 9.411   -0.005  -15.193 1.00 0.00 ? 29 ARG A NE   1 
ATOM   439  C  CZ   . ARG A 1 29 ? 9.385   0.105   -16.528 1.00 0.00 ? 29 ARG A CZ   1 
ATOM   440  N  NH1  . ARG A 1 29 ? 9.683   1.275   -17.111 1.00 0.00 ? 29 ARG A NH1  1 
ATOM   441  N  NH2  . ARG A 1 29 ? 9.062   -0.955  -17.283 1.00 0.00 ? 29 ARG A NH2  1 
ATOM   442  H  H    . ARG A 1 29 ? 10.072  0.391   -11.230 1.00 0.00 ? 29 ARG A H    1 
ATOM   443  H  HA   . ARG A 1 29 ? 11.664  2.617   -11.024 1.00 0.00 ? 29 ARG A HA   1 
ATOM   444  H  HB2  . ARG A 1 29 ? 11.317  3.286   -13.598 1.00 0.00 ? 29 ARG A HB2  1 
ATOM   445  H  HB3  . ARG A 1 29 ? 12.739  2.401   -13.085 1.00 0.00 ? 29 ARG A HB3  1 
ATOM   446  H  HG2  . ARG A 1 29 ? 11.745  1.332   -15.074 1.00 0.00 ? 29 ARG A HG2  1 
ATOM   447  H  HG3  . ARG A 1 29 ? 11.649  0.250   -13.699 1.00 0.00 ? 29 ARG A HG3  1 
ATOM   448  H  HD2  . ARG A 1 29 ? 9.278   0.948   -13.308 1.00 0.00 ? 29 ARG A HD2  1 
ATOM   449  H  HD3  . ARG A 1 29 ? 9.371   2.045   -14.670 1.00 0.00 ? 29 ARG A HD3  1 
ATOM   450  H  HE   . ARG A 1 29 ? 9.183   -0.892  -14.791 1.00 0.00 ? 29 ARG A HE   1 
ATOM   451  H  HH11 . ARG A 1 29 ? 9.924   2.066   -16.549 1.00 0.00 ? 29 ARG A HH11 1 
ATOM   452  H  HH12 . ARG A 1 29 ? 9.663   1.357   -18.107 1.00 0.00 ? 29 ARG A HH12 1 
ATOM   453  H  HH21 . ARG A 1 29 ? 8.840   -1.827  -16.848 1.00 0.00 ? 29 ARG A HH21 1 
ATOM   454  H  HH22 . ARG A 1 29 ? 9.043   -0.873  -18.279 1.00 0.00 ? 29 ARG A HH22 1 
ATOM   455  N  N    . SER A 1 30 ? 9.562   4.035   -12.107 1.00 0.00 ? 30 SER A N    1 
ATOM   456  C  CA   . SER A 1 30 ? 8.291   4.734   -12.141 1.00 0.00 ? 30 SER A CA   1 
ATOM   457  C  C    . SER A 1 30 ? 7.791   4.843   -13.583 1.00 0.00 ? 30 SER A C    1 
ATOM   458  O  O    . SER A 1 30 ? 8.120   5.796   -14.287 1.00 0.00 ? 30 SER A O    1 
ATOM   459  C  CB   . SER A 1 30 ? 8.411   6.125   -11.514 1.00 0.00 ? 30 SER A CB   1 
ATOM   460  O  OG   . SER A 1 30 ? 8.661   6.059   -10.114 1.00 0.00 ? 30 SER A OG   1 
ATOM   461  H  H    . SER A 1 30 ? 10.358  4.590   -12.350 1.00 0.00 ? 30 SER A H    1 
ATOM   462  H  HA   . SER A 1 30 ? 7.610   4.126   -11.546 1.00 0.00 ? 30 SER A HA   1 
ATOM   463  H  HB2  . SER A 1 30 ? 9.216   6.674   -12.003 1.00 0.00 ? 30 SER A HB2  1 
ATOM   464  H  HB3  . SER A 1 30 ? 7.491   6.684   -11.693 1.00 0.00 ? 30 SER A HB3  1 
ATOM   465  H  HG   . SER A 1 30 ? 8.635   5.109   -9.806  1.00 0.00 ? 30 SER A HG   1 
ATOM   466  N  N    . GLY A 1 31 ? 7.004   3.853   -13.979 1.00 0.00 ? 31 GLY A N    1 
ATOM   467  C  CA   . GLY A 1 31 ? 6.456   3.826   -15.325 1.00 0.00 ? 31 GLY A CA   1 
ATOM   468  C  C    . GLY A 1 31 ? 4.928   3.760   -15.293 1.00 0.00 ? 31 GLY A C    1 
ATOM   469  O  O    . GLY A 1 31 ? 4.258   4.399   -16.104 1.00 0.00 ? 31 GLY A O    1 
ATOM   470  H  H    . GLY A 1 31 ? 6.741   3.082   -13.400 1.00 0.00 ? 31 GLY A H    1 
ATOM   471  H  HA2  . GLY A 1 31 ? 6.774   4.715   -15.869 1.00 0.00 ? 31 GLY A HA2  1 
ATOM   472  H  HA3  . GLY A 1 31 ? 6.849   2.963   -15.863 1.00 0.00 ? 31 GLY A HA3  1 
ATOM   473  N  N    . ILE A 1 32 ? 4.420   2.981   -14.349 1.00 0.00 ? 32 ILE A N    1 
ATOM   474  C  CA   . ILE A 1 32 ? 2.984   2.823   -14.200 1.00 0.00 ? 32 ILE A CA   1 
ATOM   475  C  C    . ILE A 1 32 ? 2.428   3.992   -13.384 1.00 0.00 ? 32 ILE A C    1 
ATOM   476  O  O    . ILE A 1 32 ? 3.179   4.869   -12.957 1.00 0.00 ? 32 ILE A O    1 
ATOM   477  C  CB   . ILE A 1 32 ? 2.653   1.450   -13.612 1.00 0.00 ? 32 ILE A CB   1 
ATOM   478  C  CG1  . ILE A 1 32 ? 2.362   1.551   -12.115 1.00 0.00 ? 32 ILE A CG1  1 
ATOM   479  C  CG2  . ILE A 1 32 ? 3.765   0.443   -13.913 1.00 0.00 ? 32 ILE A CG2  1 
ATOM   480  C  CD1  . ILE A 1 32 ? 2.548   0.197   -11.427 1.00 0.00 ? 32 ILE A CD1  1 
ATOM   481  H  H    . ILE A 1 32 ? 4.971   2.465   -13.694 1.00 0.00 ? 32 ILE A H    1 
ATOM   482  H  HA   . ILE A 1 32 ? 2.547   2.861   -15.198 1.00 0.00 ? 32 ILE A HA   1 
ATOM   483  H  HB   . ILE A 1 32 ? 1.747   1.083   -14.093 1.00 0.00 ? 32 ILE A HB   1 
ATOM   484  H  HG12 . ILE A 1 32 ? 3.026   2.287   -11.660 1.00 0.00 ? 32 ILE A HG12 1 
ATOM   485  H  HG13 . ILE A 1 32 ? 1.342   1.903   -11.961 1.00 0.00 ? 32 ILE A HG13 1 
ATOM   486  H  HG21 . ILE A 1 32 ? 4.102   0.570   -14.942 1.00 0.00 ? 32 ILE A HG21 1 
ATOM   487  H  HG22 . ILE A 1 32 ? 4.600   0.609   -13.234 1.00 0.00 ? 32 ILE A HG22 1 
ATOM   488  H  HG23 . ILE A 1 32 ? 3.384   -0.571  -13.780 1.00 0.00 ? 32 ILE A HG23 1 
ATOM   489  H  HD11 . ILE A 1 32 ? 3.605   -0.071  -11.433 1.00 0.00 ? 32 ILE A HD11 1 
ATOM   490  H  HD12 . ILE A 1 32 ? 2.196   0.260   -10.397 1.00 0.00 ? 32 ILE A HD12 1 
ATOM   491  H  HD13 . ILE A 1 32 ? 1.978   -0.563  -11.960 1.00 0.00 ? 32 ILE A HD13 1 
ATOM   492  N  N    . SER A 1 33 ? 1.118   3.966   -13.190 1.00 0.00 ? 33 SER A N    1 
ATOM   493  C  CA   . SER A 1 33 ? 0.453   5.014   -12.431 1.00 0.00 ? 33 SER A CA   1 
ATOM   494  C  C    . SER A 1 33 ? -0.243  4.412   -11.210 1.00 0.00 ? 33 SER A C    1 
ATOM   495  O  O    . SER A 1 33 ? -1.122  3.561   -11.347 1.00 0.00 ? 33 SER A O    1 
ATOM   496  C  CB   . SER A 1 33 ? -0.555  5.766   -13.301 1.00 0.00 ? 33 SER A CB   1 
ATOM   497  O  OG   . SER A 1 33 ? -0.051  7.027   -13.733 1.00 0.00 ? 33 SER A OG   1 
ATOM   498  H  H    . SER A 1 33 ? 0.515   3.250   -13.539 1.00 0.00 ? 33 SER A H    1 
ATOM   499  H  HA   . SER A 1 33 ? 1.247   5.694   -12.124 1.00 0.00 ? 33 SER A HA   1 
ATOM   500  H  HB2  . SER A 1 33 ? -0.809  5.160   -14.171 1.00 0.00 ? 33 SER A HB2  1 
ATOM   501  H  HB3  . SER A 1 33 ? -1.477  5.917   -12.738 1.00 0.00 ? 33 SER A HB3  1 
ATOM   502  H  HG   . SER A 1 33 ? 0.928   7.088   -13.539 1.00 0.00 ? 33 SER A HG   1 
ATOM   503  N  N    . ILE A 1 34 ? 0.174   4.877   -10.041 1.00 0.00 ? 34 ILE A N    1 
ATOM   504  C  CA   . ILE A 1 34 ? -0.399  4.395   -8.797  1.00 0.00 ? 34 ILE A CA   1 
ATOM   505  C  C    . ILE A 1 34 ? -0.544  5.564   -7.820  1.00 0.00 ? 34 ILE A C    1 
ATOM   506  O  O    . ILE A 1 34 ? 0.117   6.591   -7.973  1.00 0.00 ? 34 ILE A O    1 
ATOM   507  C  CB   . ILE A 1 34 ? 0.424   3.231   -8.242  1.00 0.00 ? 34 ILE A CB   1 
ATOM   508  C  CG1  . ILE A 1 34 ? 1.742   3.727   -7.645  1.00 0.00 ? 34 ILE A CG1  1 
ATOM   509  C  CG2  . ILE A 1 34 ? 0.647   2.159   -9.311  1.00 0.00 ? 34 ILE A CG2  1 
ATOM   510  C  CD1  . ILE A 1 34 ? 2.109   2.931   -6.390  1.00 0.00 ? 34 ILE A CD1  1 
ATOM   511  H  H    . ILE A 1 34 ? 0.889   5.568   -9.938  1.00 0.00 ? 34 ILE A H    1 
ATOM   512  H  HA   . ILE A 1 34 ? -1.393  4.008   -9.022  1.00 0.00 ? 34 ILE A HA   1 
ATOM   513  H  HB   . ILE A 1 34 ? -0.141  2.766   -7.433  1.00 0.00 ? 34 ILE A HB   1 
ATOM   514  H  HG12 . ILE A 1 34 ? 2.538   3.634   -8.383  1.00 0.00 ? 34 ILE A HG12 1 
ATOM   515  H  HG13 . ILE A 1 34 ? 1.658   4.784   -7.397  1.00 0.00 ? 34 ILE A HG13 1 
ATOM   516  H  HG21 . ILE A 1 34 ? -0.307  1.903   -9.774  1.00 0.00 ? 34 ILE A HG21 1 
ATOM   517  H  HG22 . ILE A 1 34 ? 1.329   2.540   -10.072 1.00 0.00 ? 34 ILE A HG22 1 
ATOM   518  H  HG23 . ILE A 1 34 ? 1.077   1.269   -8.850  1.00 0.00 ? 34 ILE A HG23 1 
ATOM   519  H  HD11 . ILE A 1 34 ? 2.022   1.865   -6.597  1.00 0.00 ? 34 ILE A HD11 1 
ATOM   520  H  HD12 . ILE A 1 34 ? 3.134   3.163   -6.099  1.00 0.00 ? 34 ILE A HD12 1 
ATOM   521  H  HD13 . ILE A 1 34 ? 1.432   3.200   -5.578  1.00 0.00 ? 34 ILE A HD13 1 
ATOM   522  N  N    . ASN A 1 35 ? -1.414  5.371   -6.840  1.00 0.00 ? 35 ASN A N    1 
ATOM   523  C  CA   . ASN A 1 35 ? -1.654  6.397   -5.840  1.00 0.00 ? 35 ASN A CA   1 
ATOM   524  C  C    . ASN A 1 35 ? -0.514  6.386   -4.819  1.00 0.00 ? 35 ASN A C    1 
ATOM   525  O  O    . ASN A 1 35 ? -0.737  6.129   -3.638  1.00 0.00 ? 35 ASN A O    1 
ATOM   526  C  CB   . ASN A 1 35 ? -2.963  6.140   -5.090  1.00 0.00 ? 35 ASN A CB   1 
ATOM   527  C  CG   . ASN A 1 35 ? -4.019  5.540   -6.020  1.00 0.00 ? 35 ASN A CG   1 
ATOM   528  O  OD1  . ASN A 1 35 ? -4.851  6.233   -6.584  1.00 0.00 ? 35 ASN A OD1  1 
ATOM   529  N  ND2  . ASN A 1 35 ? -3.940  4.219   -6.149  1.00 0.00 ? 35 ASN A ND2  1 
ATOM   530  H  H    . ASN A 1 35 ? -1.947  4.535   -6.723  1.00 0.00 ? 35 ASN A H    1 
ATOM   531  H  HA   . ASN A 1 35 ? -1.706  7.334   -6.397  1.00 0.00 ? 35 ASN A HA   1 
ATOM   532  H  HB2  . ASN A 1 35 ? -2.780  5.463   -4.257  1.00 0.00 ? 35 ASN A HB2  1 
ATOM   533  H  HB3  . ASN A 1 35 ? -3.332  7.075   -4.667  1.00 0.00 ? 35 ASN A HB3  1 
ATOM   534  H  HD21 . ASN A 1 35 ? -3.233  3.710   -5.657  1.00 0.00 ? 35 ASN A HD21 1 
ATOM   535  H  HD22 . ASN A 1 35 ? -4.587  3.735   -6.736  1.00 0.00 ? 35 ASN A HD22 1 
ATOM   536  N  N    . THR A 1 36 ? 0.683   6.668   -5.314  1.00 0.00 ? 36 THR A N    1 
ATOM   537  C  CA   . THR A 1 36 ? 1.858   6.693   -4.460  1.00 0.00 ? 36 THR A CA   1 
ATOM   538  C  C    . THR A 1 36 ? 1.752   7.830   -3.441  1.00 0.00 ? 36 THR A C    1 
ATOM   539  O  O    . THR A 1 36 ? 2.558   7.915   -2.515  1.00 0.00 ? 36 THR A O    1 
ATOM   540  C  CB   . THR A 1 36 ? 3.092   6.796   -5.358  1.00 0.00 ? 36 THR A CB   1 
ATOM   541  O  OG1  . THR A 1 36 ? 4.187   6.802   -4.445  1.00 0.00 ? 36 THR A OG1  1 
ATOM   542  C  CG2  . THR A 1 36 ? 3.191   8.147   -6.066  1.00 0.00 ? 36 THR A CG2  1 
ATOM   543  H  H    . THR A 1 36 ? 0.856   6.877   -6.276  1.00 0.00 ? 36 THR A H    1 
ATOM   544  H  HA   . THR A 1 36 ? 1.893   5.761   -3.896  1.00 0.00 ? 36 THR A HA   1 
ATOM   545  H  HB   . THR A 1 36 ? 3.121   5.976   -6.076  1.00 0.00 ? 36 THR A HB   1 
ATOM   546  H  HG1  . THR A 1 36 ? 4.121   7.594   -3.838  1.00 0.00 ? 36 THR A HG1  1 
ATOM   547  H  HG21 . THR A 1 36 ? 4.192   8.557   -5.932  1.00 0.00 ? 36 THR A HG21 1 
ATOM   548  H  HG22 . THR A 1 36 ? 2.995   8.015   -7.131  1.00 0.00 ? 36 THR A HG22 1 
ATOM   549  H  HG23 . THR A 1 36 ? 2.458   8.833   -5.644  1.00 0.00 ? 36 THR A HG23 1 
ATOM   550  N  N    . ASP A 1 37 ? 0.754   8.675   -3.646  1.00 0.00 ? 37 ASP A N    1 
ATOM   551  C  CA   . ASP A 1 37 ? 0.532   9.802   -2.757  1.00 0.00 ? 37 ASP A CA   1 
ATOM   552  C  C    . ASP A 1 37 ? 0.690   9.342   -1.307  1.00 0.00 ? 37 ASP A C    1 
ATOM   553  O  O    . ASP A 1 37 ? 1.643   9.724   -0.631  1.00 0.00 ? 37 ASP A O    1 
ATOM   554  C  CB   . ASP A 1 37 ? -0.881  10.365  -2.922  1.00 0.00 ? 37 ASP A CB   1 
ATOM   555  C  CG   . ASP A 1 37 ? -0.978  11.630  -3.776  1.00 0.00 ? 37 ASP A CG   1 
ATOM   556  O  OD1  . ASP A 1 37 ? 0.072   12.024  -4.329  1.00 0.00 ? 37 ASP A OD1  1 
ATOM   557  O  OD2  . ASP A 1 37 ? -2.100  12.174  -3.862  1.00 0.00 ? 37 ASP A OD2  1 
ATOM   558  H  H    . ASP A 1 37 ? 0.102   8.598   -4.402  1.00 0.00 ? 37 ASP A H    1 
ATOM   559  H  HA   . ASP A 1 37 ? 1.277   10.544  -3.043  1.00 0.00 ? 37 ASP A HA   1 
ATOM   560  H  HB2  . ASP A 1 37 ? -1.513  9.595   -3.366  1.00 0.00 ? 37 ASP A HB2  1 
ATOM   561  H  HB3  . ASP A 1 37 ? -1.289  10.581  -1.934  1.00 0.00 ? 37 ASP A HB3  1 
ATOM   562  N  N    . ASN A 1 38 ? -0.259  8.525   -0.872  1.00 0.00 ? 38 ASN A N    1 
ATOM   563  C  CA   . ASN A 1 38 ? -0.237  8.009   0.486   1.00 0.00 ? 38 ASN A CA   1 
ATOM   564  C  C    . ASN A 1 38 ? -0.035  6.492   0.447   1.00 0.00 ? 38 ASN A C    1 
ATOM   565  O  O    . ASN A 1 38 ? -0.711  5.754   1.163   1.00 0.00 ? 38 ASN A O    1 
ATOM   566  C  CB   . ASN A 1 38 ? -1.557  8.291   1.205   1.00 0.00 ? 38 ASN A CB   1 
ATOM   567  C  CG   . ASN A 1 38 ? -2.699  8.471   0.204   1.00 0.00 ? 38 ASN A CG   1 
ATOM   568  O  OD1  . ASN A 1 38 ? -2.682  9.345   -0.647  1.00 0.00 ? 38 ASN A OD1  1 
ATOM   569  N  ND2  . ASN A 1 38 ? -3.690  7.596   0.352   1.00 0.00 ? 38 ASN A ND2  1 
ATOM   570  H  H    . ASN A 1 38 ? -1.031  8.219   -1.428  1.00 0.00 ? 38 ASN A H    1 
ATOM   571  H  HA   . ASN A 1 38 ? 0.588   8.525   0.976   1.00 0.00 ? 38 ASN A HA   1 
ATOM   572  H  HB2  . ASN A 1 38 ? -1.789  7.471   1.884   1.00 0.00 ? 38 ASN A HB2  1 
ATOM   573  H  HB3  . ASN A 1 38 ? -1.457  9.190   1.814   1.00 0.00 ? 38 ASN A HB3  1 
ATOM   574  H  HD21 . ASN A 1 38 ? -3.643  6.903   1.071   1.00 0.00 ? 38 ASN A HD21 1 
ATOM   575  H  HD22 . ASN A 1 38 ? -4.484  7.631   -0.256  1.00 0.00 ? 38 ASN A HD22 1 
ATOM   576  N  N    . ALA A 1 39 ? 0.895   6.072   -0.399  1.00 0.00 ? 39 ALA A N    1 
ATOM   577  C  CA   . ALA A 1 39 ? 1.193   4.657   -0.541  1.00 0.00 ? 39 ALA A CA   1 
ATOM   578  C  C    . ALA A 1 39 ? 2.374   4.296   0.362   1.00 0.00 ? 39 ALA A C    1 
ATOM   579  O  O    . ALA A 1 39 ? 2.404   3.214   0.948   1.00 0.00 ? 39 ALA A O    1 
ATOM   580  C  CB   . ALA A 1 39 ? 1.466   4.338   -2.013  1.00 0.00 ? 39 ALA A CB   1 
ATOM   581  H  H    . ALA A 1 39 ? 1.439   6.679   -0.977  1.00 0.00 ? 39 ALA A H    1 
ATOM   582  H  HA   . ALA A 1 39 ? 0.315   4.098   -0.218  1.00 0.00 ? 39 ALA A HA   1 
ATOM   583  H  HB1  . ALA A 1 39 ? 0.697   4.801   -2.632  1.00 0.00 ? 39 ALA A HB1  1 
ATOM   584  H  HB2  . ALA A 1 39 ? 2.443   4.729   -2.294  1.00 0.00 ? 39 ALA A HB2  1 
ATOM   585  H  HB3  . ALA A 1 39 ? 1.450   3.259   -2.159  1.00 0.00 ? 39 ALA A HB3  1 
ATOM   586  N  N    . ASP A 1 40 ? 3.318   5.222   0.448   1.00 0.00 ? 40 ASP A N    1 
ATOM   587  C  CA   . ASP A 1 40 ? 4.498   5.014   1.270   1.00 0.00 ? 40 ASP A CA   1 
ATOM   588  C  C    . ASP A 1 40 ? 4.300   5.703   2.621   1.00 0.00 ? 40 ASP A C    1 
ATOM   589  O  O    . ASP A 1 40 ? 3.623   6.726   2.707   1.00 0.00 ? 40 ASP A O    1 
ATOM   590  C  CB   . ASP A 1 40 ? 5.741   5.613   0.610   1.00 0.00 ? 40 ASP A CB   1 
ATOM   591  C  CG   . ASP A 1 40 ? 6.917   5.863   1.556   1.00 0.00 ? 40 ASP A CG   1 
ATOM   592  O  OD1  . ASP A 1 40 ? 7.285   4.907   2.272   1.00 0.00 ? 40 ASP A OD1  1 
ATOM   593  O  OD2  . ASP A 1 40 ? 7.423   7.007   1.541   1.00 0.00 ? 40 ASP A OD2  1 
ATOM   594  H  H    . ASP A 1 40 ? 3.284   6.099   -0.032  1.00 0.00 ? 40 ASP A H    1 
ATOM   595  H  HA   . ASP A 1 40 ? 4.594   3.932   1.364   1.00 0.00 ? 40 ASP A HA   1 
ATOM   596  H  HB2  . ASP A 1 40 ? 6.070   4.945   -0.186  1.00 0.00 ? 40 ASP A HB2  1 
ATOM   597  H  HB3  . ASP A 1 40 ? 5.465   6.558   0.139   1.00 0.00 ? 40 ASP A HB3  1 
ATOM   598  N  N    . LEU A 1 41 ? 4.904   5.115   3.643   1.00 0.00 ? 41 LEU A N    1 
ATOM   599  C  CA   . LEU A 1 41 ? 4.803   5.661   4.986   1.00 0.00 ? 41 LEU A CA   1 
ATOM   600  C  C    . LEU A 1 41 ? 6.094   5.361   5.752   1.00 0.00 ? 41 LEU A C    1 
ATOM   601  O  O    . LEU A 1 41 ? 6.113   5.402   6.981   1.00 0.00 ? 41 LEU A O    1 
ATOM   602  C  CB   . LEU A 1 41 ? 3.542   5.144   5.682   1.00 0.00 ? 41 LEU A CB   1 
ATOM   603  C  CG   . LEU A 1 41 ? 2.276   5.095   4.824   1.00 0.00 ? 41 LEU A CG   1 
ATOM   604  C  CD1  . LEU A 1 41 ? 2.329   3.934   3.829   1.00 0.00 ? 41 LEU A CD1  1 
ATOM   605  C  CD2  . LEU A 1 41 ? 1.021   5.042   5.699   1.00 0.00 ? 41 LEU A CD2  1 
ATOM   606  H  H    . LEU A 1 41 ? 5.452   4.283   3.565   1.00 0.00 ? 41 LEU A H    1 
ATOM   607  H  HA   . LEU A 1 41 ? 4.700   6.741   4.894   1.00 0.00 ? 41 LEU A HA   1 
ATOM   608  H  HB2  . LEU A 1 41 ? 3.742   4.139   6.055   1.00 0.00 ? 41 LEU A HB2  1 
ATOM   609  H  HB3  . LEU A 1 41 ? 3.344   5.774   6.549   1.00 0.00 ? 41 LEU A HB3  1 
ATOM   610  H  HG   . LEU A 1 41 ? 2.222   6.015   4.241   1.00 0.00 ? 41 LEU A HG   1 
ATOM   611  H  HD11 . LEU A 1 41 ? 3.316   3.471   3.865   1.00 0.00 ? 41 LEU A HD11 1 
ATOM   612  H  HD12 . LEU A 1 41 ? 1.573   3.196   4.091   1.00 0.00 ? 41 LEU A HD12 1 
ATOM   613  H  HD13 . LEU A 1 41 ? 2.141   4.308   2.823   1.00 0.00 ? 41 LEU A HD13 1 
ATOM   614  H  HD21 . LEU A 1 41 ? 0.810   6.035   6.094   1.00 0.00 ? 41 LEU A HD21 1 
ATOM   615  H  HD22 . LEU A 1 41 ? 0.176   4.701   5.103   1.00 0.00 ? 41 LEU A HD22 1 
ATOM   616  H  HD23 . LEU A 1 41 ? 1.186   4.351   6.526   1.00 0.00 ? 41 LEU A HD23 1 
ATOM   617  N  N    . ASN A 1 42 ? 7.138   5.066   4.994   1.00 0.00 ? 42 ASN A N    1 
ATOM   618  C  CA   . ASN A 1 42 ? 8.430   4.760   5.585   1.00 0.00 ? 42 ASN A CA   1 
ATOM   619  C  C    . ASN A 1 42 ? 9.537   5.105   4.589   1.00 0.00 ? 42 ASN A C    1 
ATOM   620  O  O    . ASN A 1 42 ? 10.652  4.596   4.692   1.00 0.00 ? 42 ASN A O    1 
ATOM   621  C  CB   . ASN A 1 42 ? 8.543   3.271   5.921   1.00 0.00 ? 42 ASN A CB   1 
ATOM   622  C  CG   . ASN A 1 42 ? 7.163   2.658   6.166   1.00 0.00 ? 42 ASN A CG   1 
ATOM   623  O  OD1  . ASN A 1 42 ? 6.246   2.791   5.371   1.00 0.00 ? 42 ASN A OD1  1 
ATOM   624  N  ND2  . ASN A 1 42 ? 7.066   1.981   7.306   1.00 0.00 ? 42 ASN A ND2  1 
ATOM   625  H  H    . ASN A 1 42 ? 7.114   5.035   3.994   1.00 0.00 ? 42 ASN A H    1 
ATOM   626  H  HA   . ASN A 1 42 ? 8.480   5.364   6.491   1.00 0.00 ? 42 ASN A HA   1 
ATOM   627  H  HB2  . ASN A 1 42 ? 9.037   2.747   5.103   1.00 0.00 ? 42 ASN A HB2  1 
ATOM   628  H  HB3  . ASN A 1 42 ? 9.165   3.141   6.806   1.00 0.00 ? 42 ASN A HB3  1 
ATOM   629  H  HD21 . ASN A 1 42 ? 7.858   1.910   7.914   1.00 0.00 ? 42 ASN A HD21 1 
ATOM   630  H  HD22 . ASN A 1 42 ? 6.203   1.542   7.556   1.00 0.00 ? 42 ASN A HD22 1 
ATOM   631  N  N    . GLU A 1 43 ? 9.192   5.968   3.645   1.00 0.00 ? 43 GLU A N    1 
ATOM   632  C  CA   . GLU A 1 43 ? 10.144  6.388   2.628   1.00 0.00 ? 43 GLU A CA   1 
ATOM   633  C  C    . GLU A 1 43 ? 10.676  5.173   1.867   1.00 0.00 ? 43 GLU A C    1 
ATOM   634  O  O    . GLU A 1 43 ? 11.886  5.024   1.697   1.00 0.00 ? 43 GLU A O    1 
ATOM   635  C  CB   . GLU A 1 43 ? 11.289  7.191   3.250   1.00 0.00 ? 43 GLU A CB   1 
ATOM   636  C  CG   . GLU A 1 43 ? 11.192  8.669   2.866   1.00 0.00 ? 43 GLU A CG   1 
ATOM   637  C  CD   . GLU A 1 43 ? 12.432  9.437   3.329   1.00 0.00 ? 43 GLU A CD   1 
ATOM   638  O  OE1  . GLU A 1 43 ? 12.455  9.815   4.520   1.00 0.00 ? 43 GLU A OE1  1 
ATOM   639  O  OE2  . GLU A 1 43 ? 13.328  9.630   2.480   1.00 0.00 ? 43 GLU A OE2  1 
ATOM   640  H  H    . GLU A 1 43 ? 8.284   6.378   3.566   1.00 0.00 ? 43 GLU A H    1 
ATOM   641  H  HA   . GLU A 1 43 ? 9.581   7.032   1.954   1.00 0.00 ? 43 GLU A HA   1 
ATOM   642  H  HB2  . GLU A 1 43 ? 11.263  7.091   4.336   1.00 0.00 ? 43 GLU A HB2  1 
ATOM   643  H  HB3  . GLU A 1 43 ? 12.244  6.787   2.916   1.00 0.00 ? 43 GLU A HB3  1 
ATOM   644  H  HG2  . GLU A 1 43 ? 11.084  8.762   1.787   1.00 0.00 ? 43 GLU A HG2  1 
ATOM   645  H  HG3  . GLU A 1 43 ? 10.300  9.107   3.316   1.00 0.00 ? 43 GLU A HG3  1 
ATOM   646  N  N    . ASP A 1 44 ? 9.748   4.336   1.428   1.00 0.00 ? 44 ASP A N    1 
ATOM   647  C  CA   . ASP A 1 44 ? 10.109  3.139   0.688   1.00 0.00 ? 44 ASP A CA   1 
ATOM   648  C  C    . ASP A 1 44 ? 9.485   3.200   -0.707  1.00 0.00 ? 44 ASP A C    1 
ATOM   649  O  O    . ASP A 1 44 ? 10.091  2.756   -1.682  1.00 0.00 ? 44 ASP A O    1 
ATOM   650  C  CB   . ASP A 1 44 ? 9.586   1.881   1.386   1.00 0.00 ? 44 ASP A CB   1 
ATOM   651  C  CG   . ASP A 1 44 ? 9.543   1.959   2.913   1.00 0.00 ? 44 ASP A CG   1 
ATOM   652  O  OD1  . ASP A 1 44 ? 10.486  2.554   3.478   1.00 0.00 ? 44 ASP A OD1  1 
ATOM   653  O  OD2  . ASP A 1 44 ? 8.567   1.422   3.481   1.00 0.00 ? 44 ASP A OD2  1 
ATOM   654  H  H    . ASP A 1 44 ? 8.766   4.464   1.571   1.00 0.00 ? 44 ASP A H    1 
ATOM   655  H  HA   . ASP A 1 44 ? 11.199  3.138   0.659   1.00 0.00 ? 44 ASP A HA   1 
ATOM   656  H  HB2  . ASP A 1 44 ? 8.580   1.672   1.019   1.00 0.00 ? 44 ASP A HB2  1 
ATOM   657  H  HB3  . ASP A 1 44 ? 10.212  1.037   1.096   1.00 0.00 ? 44 ASP A HB3  1 
ATOM   658  N  N    . GLY A 1 45 ? 8.282   3.754   -0.759  1.00 0.00 ? 45 GLY A N    1 
ATOM   659  C  CA   . GLY A 1 45 ? 7.570   3.879   -2.019  1.00 0.00 ? 45 GLY A CA   1 
ATOM   660  C  C    . GLY A 1 45 ? 6.168   3.272   -1.920  1.00 0.00 ? 45 GLY A C    1 
ATOM   661  O  O    . GLY A 1 45 ? 5.175   3.950   -2.178  1.00 0.00 ? 45 GLY A O    1 
ATOM   662  H  H    . GLY A 1 45 ? 7.796   4.113   0.038   1.00 0.00 ? 45 GLY A H    1 
ATOM   663  H  HA2  . GLY A 1 45 ? 7.496   4.930   -2.296  1.00 0.00 ? 45 GLY A HA2  1 
ATOM   664  H  HA3  . GLY A 1 45 ? 8.130   3.380   -2.809  1.00 0.00 ? 45 GLY A HA3  1 
ATOM   665  N  N    . ARG A 1 46 ? 6.134   2.001   -1.545  1.00 0.00 ? 46 ARG A N    1 
ATOM   666  C  CA   . ARG A 1 46 ? 4.872   1.295   -1.410  1.00 0.00 ? 46 ARG A CA   1 
ATOM   667  C  C    . ARG A 1 46 ? 4.951   0.284   -0.264  1.00 0.00 ? 46 ARG A C    1 
ATOM   668  O  O    . ARG A 1 46 ? 4.703   0.626   0.890   1.00 0.00 ? 46 ARG A O    1 
ATOM   669  C  CB   . ARG A 1 46 ? 4.506   0.564   -2.702  1.00 0.00 ? 46 ARG A CB   1 
ATOM   670  C  CG   . ARG A 1 46 ? 4.090   1.554   -3.792  1.00 0.00 ? 46 ARG A CG   1 
ATOM   671  C  CD   . ARG A 1 46 ? 5.122   1.592   -4.923  1.00 0.00 ? 46 ARG A CD   1 
ATOM   672  N  NE   . ARG A 1 46 ? 6.488   1.664   -4.358  1.00 0.00 ? 46 ARG A NE   1 
ATOM   673  C  CZ   . ARG A 1 46 ? 7.303   0.608   -4.226  1.00 0.00 ? 46 ARG A CZ   1 
ATOM   674  N  NH1  . ARG A 1 46 ? 6.895   -0.608  -4.617  1.00 0.00 ? 46 ARG A NH1  1 
ATOM   675  N  NH2  . ARG A 1 46 ? 8.526   0.767   -3.702  1.00 0.00 ? 46 ARG A NH2  1 
ATOM   676  H  H    . ARG A 1 46 ? 6.948   1.457   -1.338  1.00 0.00 ? 46 ARG A H    1 
ATOM   677  H  HA   . ARG A 1 46 ? 4.138   2.073   -1.195  1.00 0.00 ? 46 ARG A HA   1 
ATOM   678  H  HB2  . ARG A 1 46 ? 5.358   -0.022  -3.045  1.00 0.00 ? 46 ARG A HB2  1 
ATOM   679  H  HB3  . ARG A 1 46 ? 3.693   -0.136  -2.512  1.00 0.00 ? 46 ARG A HB3  1 
ATOM   680  H  HG2  . ARG A 1 46 ? 3.118   1.270   -4.194  1.00 0.00 ? 46 ARG A HG2  1 
ATOM   681  H  HG3  . ARG A 1 46 ? 3.980   2.548   -3.363  1.00 0.00 ? 46 ARG A HG3  1 
ATOM   682  H  HD2  . ARG A 1 46 ? 5.024   0.702   -5.545  1.00 0.00 ? 46 ARG A HD2  1 
ATOM   683  H  HD3  . ARG A 1 46 ? 4.939   2.453   -5.565  1.00 0.00 ? 46 ARG A HD3  1 
ATOM   684  H  HE   . ARG A 1 46 ? 6.824   2.556   -4.056  1.00 0.00 ? 46 ARG A HE   1 
ATOM   685  H  HH11 . ARG A 1 46 ? 5.982   -0.726  -5.007  1.00 0.00 ? 46 ARG A HH11 1 
ATOM   686  H  HH12 . ARG A 1 46 ? 7.503   -1.394  -4.518  1.00 0.00 ? 46 ARG A HH12 1 
ATOM   687  H  HH21 . ARG A 1 46 ? 8.831   1.674   -3.410  1.00 0.00 ? 46 ARG A HH21 1 
ATOM   688  H  HH22 . ARG A 1 46 ? 9.135   -0.020  -3.604  1.00 0.00 ? 46 ARG A HH22 1 
ATOM   689  N  N    . VAL A 1 47 ? 5.297   -0.943  -0.625  1.00 0.00 ? 47 VAL A N    1 
ATOM   690  C  CA   . VAL A 1 47 ? 5.412   -2.008  0.359   1.00 0.00 ? 47 VAL A CA   1 
ATOM   691  C  C    . VAL A 1 47 ? 6.523   -2.970  -0.067  1.00 0.00 ? 47 VAL A C    1 
ATOM   692  O  O    . VAL A 1 47 ? 6.262   -3.969  -0.734  1.00 0.00 ? 47 VAL A O    1 
ATOM   693  C  CB   . VAL A 1 47 ? 4.059   -2.700  0.541   1.00 0.00 ? 47 VAL A CB   1 
ATOM   694  C  CG1  . VAL A 1 47 ? 3.008   -1.718  1.062   1.00 0.00 ? 47 VAL A CG1  1 
ATOM   695  C  CG2  . VAL A 1 47 ? 3.600   -3.357  -0.763  1.00 0.00 ? 47 VAL A CG2  1 
ATOM   696  H  H    . VAL A 1 47 ? 5.497   -1.215  -1.567  1.00 0.00 ? 47 VAL A H    1 
ATOM   697  H  HA   . VAL A 1 47 ? 5.687   -1.550  1.309   1.00 0.00 ? 47 VAL A HA   1 
ATOM   698  H  HB   . VAL A 1 47 ? 4.183   -3.485  1.286   1.00 0.00 ? 47 VAL A HB   1 
ATOM   699  H  HG11 . VAL A 1 47 ? 2.826   -0.948  0.311   1.00 0.00 ? 47 VAL A HG11 1 
ATOM   700  H  HG12 . VAL A 1 47 ? 2.080   -2.253  1.263   1.00 0.00 ? 47 VAL A HG12 1 
ATOM   701  H  HG13 . VAL A 1 47 ? 3.367   -1.253  1.979   1.00 0.00 ? 47 VAL A HG13 1 
ATOM   702  H  HG21 . VAL A 1 47 ? 4.111   -4.311  -0.889  1.00 0.00 ? 47 VAL A HG21 1 
ATOM   703  H  HG22 . VAL A 1 47 ? 2.522   -3.524  -0.725  1.00 0.00 ? 47 VAL A HG22 1 
ATOM   704  H  HG23 . VAL A 1 47 ? 3.835   -2.703  -1.603  1.00 0.00 ? 47 VAL A HG23 1 
ATOM   705  N  N    . ASN A 1 48 ? 7.738   -2.636  0.339   1.00 0.00 ? 48 ASN A N    1 
ATOM   706  C  CA   . ASN A 1 48 ? 8.891   -3.457  0.010   1.00 0.00 ? 48 ASN A CA   1 
ATOM   707  C  C    . ASN A 1 48 ? 8.816   -4.771  0.792   1.00 0.00 ? 48 ASN A C    1 
ATOM   708  O  O    . ASN A 1 48 ? 9.259   -5.811  0.309   1.00 0.00 ? 48 ASN A O    1 
ATOM   709  C  CB   . ASN A 1 48 ? 10.196  -2.755  0.391   1.00 0.00 ? 48 ASN A CB   1 
ATOM   710  C  CG   . ASN A 1 48 ? 10.569  -1.693  -0.646  1.00 0.00 ? 48 ASN A CG   1 
ATOM   711  O  OD1  . ASN A 1 48 ? 11.723  -1.508  -0.995  1.00 0.00 ? 48 ASN A OD1  1 
ATOM   712  N  ND2  . ASN A 1 48 ? 9.531   -1.009  -1.118  1.00 0.00 ? 48 ASN A ND2  1 
ATOM   713  H  H    . ASN A 1 48 ? 7.942   -1.821  0.883   1.00 0.00 ? 48 ASN A H    1 
ATOM   714  H  HA   . ASN A 1 48 ? 8.834   -3.610  -1.068  1.00 0.00 ? 48 ASN A HA   1 
ATOM   715  H  HB2  . ASN A 1 48 ? 10.089  -2.290  1.371   1.00 0.00 ? 48 ASN A HB2  1 
ATOM   716  H  HB3  . ASN A 1 48 ? 10.998  -3.489  0.471   1.00 0.00 ? 48 ASN A HB3  1 
ATOM   717  H  HD21 . ASN A 1 48 ? 8.608   -1.212  -0.790  1.00 0.00 ? 48 ASN A HD21 1 
ATOM   718  H  HD22 . ASN A 1 48 ? 9.673   -0.293  -1.801  1.00 0.00 ? 48 ASN A HD22 1 
ATOM   719  N  N    . SER A 1 49 ? 8.251   -4.679  1.987   1.00 0.00 ? 49 SER A N    1 
ATOM   720  C  CA   . SER A 1 49 ? 8.112   -5.847  2.841   1.00 0.00 ? 49 SER A CA   1 
ATOM   721  C  C    . SER A 1 49 ? 7.744   -5.416  4.262   1.00 0.00 ? 49 SER A C    1 
ATOM   722  O  O    . SER A 1 49 ? 7.057   -6.143  4.977   1.00 0.00 ? 49 SER A O    1 
ATOM   723  C  CB   . SER A 1 49 ? 9.398   -6.676  2.853   1.00 0.00 ? 49 SER A CB   1 
ATOM   724  O  OG   . SER A 1 49 ? 9.201   -7.975  2.301   1.00 0.00 ? 49 SER A OG   1 
ATOM   725  H  H    . SER A 1 49 ? 7.893   -3.830  2.373   1.00 0.00 ? 49 SER A H    1 
ATOM   726  H  HA   . SER A 1 49 ? 7.307   -6.433  2.398   1.00 0.00 ? 49 SER A HA   1 
ATOM   727  H  HB2  . SER A 1 49 ? 10.170  -6.156  2.287   1.00 0.00 ? 49 SER A HB2  1 
ATOM   728  H  HB3  . SER A 1 49 ? 9.760   -6.768  3.877   1.00 0.00 ? 49 SER A HB3  1 
ATOM   729  H  HG   . SER A 1 49 ? 9.273   -7.938  1.304   1.00 0.00 ? 49 SER A HG   1 
ATOM   730  N  N    . THR A 1 50 ? 8.219   -4.235  4.629   1.00 0.00 ? 50 THR A N    1 
ATOM   731  C  CA   . THR A 1 50 ? 7.950   -3.697  5.952   1.00 0.00 ? 50 THR A CA   1 
ATOM   732  C  C    . THR A 1 50 ? 6.488   -3.256  6.060   1.00 0.00 ? 50 THR A C    1 
ATOM   733  O  O    . THR A 1 50 ? 5.796   -3.619  7.010   1.00 0.00 ? 50 THR A O    1 
ATOM   734  C  CB   . THR A 1 50 ? 8.947   -2.568  6.216   1.00 0.00 ? 50 THR A CB   1 
ATOM   735  O  OG1  . THR A 1 50 ? 10.173  -3.243  6.484   1.00 0.00 ? 50 THR A OG1  1 
ATOM   736  C  CG2  . THR A 1 50 ? 8.646   -1.812  7.512   1.00 0.00 ? 50 THR A CG2  1 
ATOM   737  H  H    . THR A 1 50 ? 8.778   -3.649  4.041   1.00 0.00 ? 50 THR A H    1 
ATOM   738  H  HA   . THR A 1 50 ? 8.099   -4.493  6.682   1.00 0.00 ? 50 THR A HA   1 
ATOM   739  H  HB   . THR A 1 50 ? 8.994   -1.884  5.369   1.00 0.00 ? 50 THR A HB   1 
ATOM   740  H  HG1  . THR A 1 50 ? 10.640  -3.456  5.626   1.00 0.00 ? 50 THR A HG1  1 
ATOM   741  H  HG21 . THR A 1 50 ? 8.081   -0.908  7.283   1.00 0.00 ? 50 THR A HG21 1 
ATOM   742  H  HG22 . THR A 1 50 ? 8.060   -2.450  8.176   1.00 0.00 ? 50 THR A HG22 1 
ATOM   743  H  HG23 . THR A 1 50 ? 9.582   -1.542  8.000   1.00 0.00 ? 50 THR A HG23 1 
ATOM   744  N  N    . ASP A 1 51 ? 6.063   -2.480  5.075   1.00 0.00 ? 51 ASP A N    1 
ATOM   745  C  CA   . ASP A 1 51 ? 4.698   -1.985  5.047   1.00 0.00 ? 51 ASP A CA   1 
ATOM   746  C  C    . ASP A 1 51 ? 3.761   -3.109  4.599   1.00 0.00 ? 51 ASP A C    1 
ATOM   747  O  O    . ASP A 1 51 ? 2.683   -3.287  5.164   1.00 0.00 ? 51 ASP A O    1 
ATOM   748  C  CB   . ASP A 1 51 ? 4.551   -0.826  4.059   1.00 0.00 ? 51 ASP A CB   1 
ATOM   749  C  CG   . ASP A 1 51 ? 5.181   0.492   4.513   1.00 0.00 ? 51 ASP A CG   1 
ATOM   750  O  OD1  . ASP A 1 51 ? 6.300   0.426   5.065   1.00 0.00 ? 51 ASP A OD1  1 
ATOM   751  O  OD2  . ASP A 1 51 ? 4.530   1.538   4.295   1.00 0.00 ? 51 ASP A OD2  1 
ATOM   752  H  H    . ASP A 1 51 ? 6.633   -2.190  4.306   1.00 0.00 ? 51 ASP A H    1 
ATOM   753  H  HA   . ASP A 1 51 ? 4.493   -1.653  6.066   1.00 0.00 ? 51 ASP A HA   1 
ATOM   754  H  HB2  . ASP A 1 51 ? 4.998   -1.118  3.110   1.00 0.00 ? 51 ASP A HB2  1 
ATOM   755  H  HB3  . ASP A 1 51 ? 3.490   -0.660  3.873   1.00 0.00 ? 51 ASP A HB3  1 
ATOM   756  N  N    . LEU A 1 52 ? 4.207   -3.838  3.586   1.00 0.00 ? 52 LEU A N    1 
ATOM   757  C  CA   . LEU A 1 52 ? 3.422   -4.941  3.056   1.00 0.00 ? 52 LEU A CA   1 
ATOM   758  C  C    . LEU A 1 52 ? 2.752   -5.687  4.211   1.00 0.00 ? 52 LEU A C    1 
ATOM   759  O  O    . LEU A 1 52 ? 1.548   -5.935  4.178   1.00 0.00 ? 52 LEU A O    1 
ATOM   760  C  CB   . LEU A 1 52 ? 4.289   -5.835  2.165   1.00 0.00 ? 52 LEU A CB   1 
ATOM   761  C  CG   . LEU A 1 52 ? 4.229   -7.334  2.461   1.00 0.00 ? 52 LEU A CG   1 
ATOM   762  C  CD1  . LEU A 1 52 ? 2.810   -7.874  2.278   1.00 0.00 ? 52 LEU A CD1  1 
ATOM   763  C  CD2  . LEU A 1 52 ? 5.248   -8.101  1.615   1.00 0.00 ? 52 LEU A CD2  1 
ATOM   764  H  H    . LEU A 1 52 ? 5.086   -3.687  3.132   1.00 0.00 ? 52 LEU A H    1 
ATOM   765  H  HA   . LEU A 1 52 ? 2.645   -4.512  2.423   1.00 0.00 ? 52 LEU A HA   1 
ATOM   766  H  HB2  . LEU A 1 52 ? 3.992   -5.677  1.127   1.00 0.00 ? 52 LEU A HB2  1 
ATOM   767  H  HB3  . LEU A 1 52 ? 5.324   -5.508  2.254   1.00 0.00 ? 52 LEU A HB3  1 
ATOM   768  H  HG   . LEU A 1 52 ? 4.499   -7.487  3.506   1.00 0.00 ? 52 LEU A HG   1 
ATOM   769  H  HD11 . LEU A 1 52 ? 2.569   -8.550  3.098   1.00 0.00 ? 52 LEU A HD11 1 
ATOM   770  H  HD12 . LEU A 1 52 ? 2.103   -7.044  2.271   1.00 0.00 ? 52 LEU A HD12 1 
ATOM   771  H  HD13 . LEU A 1 52 ? 2.745   -8.413  1.332   1.00 0.00 ? 52 LEU A HD13 1 
ATOM   772  H  HD21 . LEU A 1 52 ? 6.000   -7.409  1.237   1.00 0.00 ? 52 LEU A HD21 1 
ATOM   773  H  HD22 . LEU A 1 52 ? 5.730   -8.863  2.228   1.00 0.00 ? 52 LEU A HD22 1 
ATOM   774  H  HD23 . LEU A 1 52 ? 4.739   -8.577  0.777   1.00 0.00 ? 52 LEU A HD23 1 
ATOM   775  N  N    . GLY A 1 53 ? 3.562   -6.025  5.203   1.00 0.00 ? 53 GLY A N    1 
ATOM   776  C  CA   . GLY A 1 53 ? 3.063   -6.738  6.367   1.00 0.00 ? 53 GLY A CA   1 
ATOM   777  C  C    . GLY A 1 53 ? 1.967   -5.937  7.072   1.00 0.00 ? 53 GLY A C    1 
ATOM   778  O  O    . GLY A 1 53 ? 0.819   -6.372  7.136   1.00 0.00 ? 53 GLY A O    1 
ATOM   779  H  H    . GLY A 1 53 ? 4.541   -5.820  5.222   1.00 0.00 ? 53 GLY A H    1 
ATOM   780  H  HA2  . GLY A 1 53 ? 2.670   -7.708  6.062   1.00 0.00 ? 53 GLY A HA2  1 
ATOM   781  H  HA3  . GLY A 1 53 ? 3.882   -6.929  7.059   1.00 0.00 ? 53 GLY A HA3  1 
ATOM   782  N  N    . ILE A 1 54 ? 2.361   -4.781  7.585   1.00 0.00 ? 54 ILE A N    1 
ATOM   783  C  CA   . ILE A 1 54 ? 1.426   -3.914  8.284   1.00 0.00 ? 54 ILE A CA   1 
ATOM   784  C  C    . ILE A 1 54 ? 0.150   -3.771  7.451   1.00 0.00 ? 54 ILE A C    1 
ATOM   785  O  O    . ILE A 1 54 ? -0.940  -3.630  8.003   1.00 0.00 ? 54 ILE A O    1 
ATOM   786  C  CB   . ILE A 1 54 ? 2.088   -2.580  8.629   1.00 0.00 ? 54 ILE A CB   1 
ATOM   787  C  CG1  . ILE A 1 54 ? 2.463   -2.519  10.111  1.00 0.00 ? 54 ILE A CG1  1 
ATOM   788  C  CG2  . ILE A 1 54 ? 1.201   -1.404  8.212   1.00 0.00 ? 54 ILE A CG2  1 
ATOM   789  C  CD1  . ILE A 1 54 ? 1.224   -2.295  10.980  1.00 0.00 ? 54 ILE A CD1  1 
ATOM   790  H  H    . ILE A 1 54 ? 3.298   -4.434  7.528   1.00 0.00 ? 54 ILE A H    1 
ATOM   791  H  HA   . ILE A 1 54 ? 1.172   -4.400  9.226   1.00 0.00 ? 54 ILE A HA   1 
ATOM   792  H  HB   . ILE A 1 54 ? 3.015   -2.501  8.059   1.00 0.00 ? 54 ILE A HB   1 
ATOM   793  H  HG12 . ILE A 1 54 ? 2.955   -3.447  10.402  1.00 0.00 ? 54 ILE A HG12 1 
ATOM   794  H  HG13 . ILE A 1 54 ? 3.177   -1.714  10.276  1.00 0.00 ? 54 ILE A HG13 1 
ATOM   795  H  HG21 . ILE A 1 54 ? 1.264   -1.265  7.135   1.00 0.00 ? 54 ILE A HG21 1 
ATOM   796  H  HG22 . ILE A 1 54 ? 0.169   -1.611  8.493   1.00 0.00 ? 54 ILE A HG22 1 
ATOM   797  H  HG23 . ILE A 1 54 ? 1.540   -0.498  8.715   1.00 0.00 ? 54 ILE A HG23 1 
ATOM   798  H  HD11 . ILE A 1 54 ? 1.532   -2.089  12.005  1.00 0.00 ? 54 ILE A HD11 1 
ATOM   799  H  HD12 . ILE A 1 54 ? 0.657   -1.450  10.593  1.00 0.00 ? 54 ILE A HD12 1 
ATOM   800  H  HD13 . ILE A 1 54 ? 0.601   -3.191  10.962  1.00 0.00 ? 54 ILE A HD13 1 
ATOM   801  N  N    . LEU A 1 55 ? 0.330   -3.814  6.140   1.00 0.00 ? 55 LEU A N    1 
ATOM   802  C  CA   . LEU A 1 55 ? -0.793  -3.691  5.227   1.00 0.00 ? 55 LEU A CA   1 
ATOM   803  C  C    . LEU A 1 55 ? -1.719  -4.896  5.398   1.00 0.00 ? 55 LEU A C    1 
ATOM   804  O  O    . LEU A 1 55 ? -2.881  -4.745  5.771   1.00 0.00 ? 55 LEU A O    1 
ATOM   805  C  CB   . LEU A 1 55 ? -0.300  -3.493  3.792   1.00 0.00 ? 55 LEU A CB   1 
ATOM   806  C  CG   . LEU A 1 55 ? -0.160  -2.043  3.324   1.00 0.00 ? 55 LEU A CG   1 
ATOM   807  C  CD1  . LEU A 1 55 ? -1.513  -1.477  2.886   1.00 0.00 ? 55 LEU A CD1  1 
ATOM   808  C  CD2  . LEU A 1 55 ? 0.501   -1.181  4.401   1.00 0.00 ? 55 LEU A CD2  1 
ATOM   809  H  H    . LEU A 1 55 ? 1.222   -3.929  5.700   1.00 0.00 ? 55 LEU A H    1 
ATOM   810  H  HA   . LEU A 1 55 ? -1.344  -2.791  5.505   1.00 0.00 ? 55 LEU A HA   1 
ATOM   811  H  HB2  . LEU A 1 55 ? 0.670   -3.981  3.693   1.00 0.00 ? 55 LEU A HB2  1 
ATOM   812  H  HB3  . LEU A 1 55 ? -0.985  -4.009  3.119   1.00 0.00 ? 55 LEU A HB3  1 
ATOM   813  H  HG   . LEU A 1 55 ? 0.494   -2.028  2.452   1.00 0.00 ? 55 LEU A HG   1 
ATOM   814  H  HD11 . LEU A 1 55 ? -1.513  -0.395  3.018   1.00 0.00 ? 55 LEU A HD11 1 
ATOM   815  H  HD12 . LEU A 1 55 ? -1.683  -1.715  1.836   1.00 0.00 ? 55 LEU A HD12 1 
ATOM   816  H  HD13 . LEU A 1 55 ? -2.304  -1.917  3.491   1.00 0.00 ? 55 LEU A HD13 1 
ATOM   817  H  HD21 . LEU A 1 55 ? 1.539   -0.989  4.126   1.00 0.00 ? 55 LEU A HD21 1 
ATOM   818  H  HD22 . LEU A 1 55 ? -0.033  -0.235  4.487   1.00 0.00 ? 55 LEU A HD22 1 
ATOM   819  H  HD23 . LEU A 1 55 ? 0.469   -1.704  5.356   1.00 0.00 ? 55 LEU A HD23 1 
ATOM   820  N  N    . LYS A 1 56 ? -1.169  -6.069  5.117   1.00 0.00 ? 56 LYS A N    1 
ATOM   821  C  CA   . LYS A 1 56 ? -1.930  -7.301  5.236   1.00 0.00 ? 56 LYS A CA   1 
ATOM   822  C  C    . LYS A 1 56 ? -2.289  -7.534  6.704   1.00 0.00 ? 56 LYS A C    1 
ATOM   823  O  O    . LYS A 1 56 ? -3.011  -8.476  7.027   1.00 0.00 ? 56 LYS A O    1 
ATOM   824  C  CB   . LYS A 1 56 ? -1.170  -8.464  4.595   1.00 0.00 ? 56 LYS A CB   1 
ATOM   825  C  CG   . LYS A 1 56 ? -0.042  -8.950  5.509   1.00 0.00 ? 56 LYS A CG   1 
ATOM   826  C  CD   . LYS A 1 56 ? -0.251  -10.412 5.908   1.00 0.00 ? 56 LYS A CD   1 
ATOM   827  C  CE   . LYS A 1 56 ? 0.069   -10.628 7.389   1.00 0.00 ? 56 LYS A CE   1 
ATOM   828  N  NZ   . LYS A 1 56 ? 0.678   -11.960 7.598   1.00 0.00 ? 56 LYS A NZ   1 
ATOM   829  H  H    . LYS A 1 56 ? -0.223  -6.185  4.813   1.00 0.00 ? 56 LYS A H    1 
ATOM   830  H  HA   . LYS A 1 56 ? -2.853  -7.170  4.670   1.00 0.00 ? 56 LYS A HA   1 
ATOM   831  H  HB2  . LYS A 1 56 ? -1.856  -9.285  4.392   1.00 0.00 ? 56 LYS A HB2  1 
ATOM   832  H  HB3  . LYS A 1 56 ? -0.756  -8.151  3.637   1.00 0.00 ? 56 LYS A HB3  1 
ATOM   833  H  HG2  . LYS A 1 56 ? 0.915   -8.842  5.000   1.00 0.00 ? 56 LYS A HG2  1 
ATOM   834  H  HG3  . LYS A 1 56 ? 0.000   -8.328  6.402   1.00 0.00 ? 56 LYS A HG3  1 
ATOM   835  H  HD2  . LYS A 1 56 ? -1.283  -10.704 5.709   1.00 0.00 ? 56 LYS A HD2  1 
ATOM   836  H  HD3  . LYS A 1 56 ? 0.385   -11.055 5.297   1.00 0.00 ? 56 LYS A HD3  1 
ATOM   837  H  HE2  . LYS A 1 56 ? 0.749   -9.851  7.735   1.00 0.00 ? 56 LYS A HE2  1 
ATOM   838  H  HE3  . LYS A 1 56 ? -0.844  -10.543 7.979   1.00 0.00 ? 56 LYS A HE3  1 
ATOM   839  H  HZ1  . LYS A 1 56 ? 1.239   -11.944 8.425   1.00 0.00 ? 56 LYS A HZ1  1 
ATOM   840  H  HZ2  . LYS A 1 56 ? -0.043  -12.646 7.698   1.00 0.00 ? 56 LYS A HZ2  1 
ATOM   841  H  HZ3  . LYS A 1 56 ? 1.251   -12.192 6.811   1.00 0.00 ? 56 LYS A HZ3  1 
ATOM   842  N  N    . ARG A 1 57 ? -1.770  -6.661  7.553   1.00 0.00 ? 57 ARG A N    1 
ATOM   843  C  CA   . ARG A 1 57 ? -2.026  -6.760  8.980   1.00 0.00 ? 57 ARG A CA   1 
ATOM   844  C  C    . ARG A 1 57 ? -3.252  -5.926  9.357   1.00 0.00 ? 57 ARG A C    1 
ATOM   845  O  O    . ARG A 1 57 ? -4.129  -6.397  10.081  1.00 0.00 ? 57 ARG A O    1 
ATOM   846  C  CB   . ARG A 1 57 ? -0.821  -6.280  9.791   1.00 0.00 ? 57 ARG A CB   1 
ATOM   847  C  CG   . ARG A 1 57 ? -0.308  -7.386  10.717  1.00 0.00 ? 57 ARG A CG   1 
ATOM   848  C  CD   . ARG A 1 57 ? 0.232   -6.799  12.023  1.00 0.00 ? 57 ARG A CD   1 
ATOM   849  N  NE   . ARG A 1 57 ? 0.849   -7.868  12.840  1.00 0.00 ? 57 ARG A NE   1 
ATOM   850  C  CZ   . ARG A 1 57 ? 1.243   -7.710  14.111  1.00 0.00 ? 57 ARG A CZ   1 
ATOM   851  N  NH1  . ARG A 1 57 ? 1.086   -6.525  14.718  1.00 0.00 ? 57 ARG A NH1  1 
ATOM   852  N  NH2  . ARG A 1 57 ? 1.793   -8.736  14.775  1.00 0.00 ? 57 ARG A NH2  1 
ATOM   853  H  H    . ARG A 1 57 ? -1.182  -5.898  7.282   1.00 0.00 ? 57 ARG A H    1 
ATOM   854  H  HA   . ARG A 1 57 ? -2.204  -7.820  9.158   1.00 0.00 ? 57 ARG A HA   1 
ATOM   855  H  HB2  . ARG A 1 57 ? -0.024  -5.967  9.116   1.00 0.00 ? 57 ARG A HB2  1 
ATOM   856  H  HB3  . ARG A 1 57 ? -1.100  -5.406  10.381  1.00 0.00 ? 57 ARG A HB3  1 
ATOM   857  H  HG2  . ARG A 1 57 ? -1.114  -8.086  10.935  1.00 0.00 ? 57 ARG A HG2  1 
ATOM   858  H  HG3  . ARG A 1 57 ? 0.477   -7.949  10.214  1.00 0.00 ? 57 ARG A HG3  1 
ATOM   859  H  HD2  . ARG A 1 57 ? 0.970   -6.026  11.806  1.00 0.00 ? 57 ARG A HD2  1 
ATOM   860  H  HD3  . ARG A 1 57 ? -0.575  -6.324  12.579  1.00 0.00 ? 57 ARG A HD3  1 
ATOM   861  H  HE   . ARG A 1 57 ? 0.980   -8.765  12.418  1.00 0.00 ? 57 ARG A HE   1 
ATOM   862  H  HH11 . ARG A 1 57 ? 0.677   -5.759  14.222  1.00 0.00 ? 57 ARG A HH11 1 
ATOM   863  H  HH12 . ARG A 1 57 ? 1.381   -6.408  15.666  1.00 0.00 ? 57 ARG A HH12 1 
ATOM   864  H  HH21 . ARG A 1 57 ? 1.909   -9.620  14.321  1.00 0.00 ? 57 ARG A HH21 1 
ATOM   865  H  HH22 . ARG A 1 57 ? 2.086   -8.618  15.724  1.00 0.00 ? 57 ARG A HH22 1 
ATOM   866  N  N    . TYR A 1 58 ? -3.272  -4.701  8.852   1.00 0.00 ? 58 TYR A N    1 
ATOM   867  C  CA   . TYR A 1 58 ? -4.376  -3.797  9.128   1.00 0.00 ? 58 TYR A CA   1 
ATOM   868  C  C    . TYR A 1 58 ? -5.474  -3.933  8.071   1.00 0.00 ? 58 TYR A C    1 
ATOM   869  O  O    . TYR A 1 58 ? -6.657  -3.786  8.376   1.00 0.00 ? 58 TYR A O    1 
ATOM   870  C  CB   . TYR A 1 58 ? -3.791  -2.385  9.059   1.00 0.00 ? 58 TYR A CB   1 
ATOM   871  C  CG   . TYR A 1 58 ? -3.921  -1.724  7.685   1.00 0.00 ? 58 TYR A CG   1 
ATOM   872  C  CD1  . TYR A 1 58 ? -5.168  -1.384  7.198   1.00 0.00 ? 58 TYR A CD1  1 
ATOM   873  C  CD2  . TYR A 1 58 ? -2.793  -1.466  6.933   1.00 0.00 ? 58 TYR A CD2  1 
ATOM   874  C  CE1  . TYR A 1 58 ? -5.290  -0.762  5.905   1.00 0.00 ? 58 TYR A CE1  1 
ATOM   875  C  CE2  . TYR A 1 58 ? -2.916  -0.843  5.640   1.00 0.00 ? 58 TYR A CE2  1 
ATOM   876  C  CZ   . TYR A 1 58 ? -4.159  -0.522  5.189   1.00 0.00 ? 58 TYR A CZ   1 
ATOM   877  O  OH   . TYR A 1 58 ? -4.275  0.066   3.969   1.00 0.00 ? 58 TYR A OH   1 
ATOM   878  H  H    . TYR A 1 58 ? -2.555  -4.326  8.265   1.00 0.00 ? 58 TYR A H    1 
ATOM   879  H  HA   . TYR A 1 58 ? -4.787  -4.056  10.103  1.00 0.00 ? 58 TYR A HA   1 
ATOM   880  H  HB2  . TYR A 1 58 ? -4.289  -1.760  9.800   1.00 0.00 ? 58 TYR A HB2  1 
ATOM   881  H  HB3  . TYR A 1 58 ? -2.737  -2.425  9.333   1.00 0.00 ? 58 TYR A HB3  1 
ATOM   882  H  HD1  . TYR A 1 58 ? -6.059  -1.587  7.792   1.00 0.00 ? 58 TYR A HD1  1 
ATOM   883  H  HD2  . TYR A 1 58 ? -1.810  -1.733  7.318   1.00 0.00 ? 58 TYR A HD2  1 
ATOM   884  H  HE1  . TYR A 1 58 ? -6.268  -0.489  5.508   1.00 0.00 ? 58 TYR A HE1  1 
ATOM   885  H  HE2  . TYR A 1 58 ? -2.033  -0.635  5.036   1.00 0.00 ? 58 TYR A HE2  1 
ATOM   886  H  HH   . TYR A 1 58 ? -5.235  0.266   3.776   1.00 0.00 ? 58 TYR A HH   1 
ATOM   887  N  N    . ILE A 1 59 ? -5.044  -4.213  6.850   1.00 0.00 ? 59 ILE A N    1 
ATOM   888  C  CA   . ILE A 1 59 ? -5.975  -4.370  5.746   1.00 0.00 ? 59 ILE A CA   1 
ATOM   889  C  C    . ILE A 1 59 ? -6.799  -5.642  5.957   1.00 0.00 ? 59 ILE A C    1 
ATOM   890  O  O    . ILE A 1 59 ? -7.762  -5.890  5.234   1.00 0.00 ? 59 ILE A O    1 
ATOM   891  C  CB   . ILE A 1 59 ? -5.232  -4.336  4.408   1.00 0.00 ? 59 ILE A CB   1 
ATOM   892  C  CG1  . ILE A 1 59 ? -4.586  -5.689  4.104   1.00 0.00 ? 59 ILE A CG1  1 
ATOM   893  C  CG2  . ILE A 1 59 ? -4.215  -3.194  4.376   1.00 0.00 ? 59 ILE A CG2  1 
ATOM   894  C  CD1  . ILE A 1 59 ? -5.345  -6.421  2.995   1.00 0.00 ? 59 ILE A CD1  1 
ATOM   895  H  H    . ILE A 1 59 ? -4.081  -4.331  6.610   1.00 0.00 ? 59 ILE A H    1 
ATOM   896  H  HA   . ILE A 1 59 ? -6.650  -3.516  5.762   1.00 0.00 ? 59 ILE A HA   1 
ATOM   897  H  HB   . ILE A 1 59 ? -5.958  -4.141  3.620   1.00 0.00 ? 59 ILE A HB   1 
ATOM   898  H  HG12 . ILE A 1 59 ? -3.550  -5.541  3.804   1.00 0.00 ? 59 ILE A HG12 1 
ATOM   899  H  HG13 . ILE A 1 59 ? -4.574  -6.301  5.006   1.00 0.00 ? 59 ILE A HG13 1 
ATOM   900  H  HG21 . ILE A 1 59 ? -3.284  -3.549  3.932   1.00 0.00 ? 59 ILE A HG21 1 
ATOM   901  H  HG22 . ILE A 1 59 ? -4.609  -2.371  3.782   1.00 0.00 ? 59 ILE A HG22 1 
ATOM   902  H  HG23 . ILE A 1 59 ? -4.023  -2.850  5.393   1.00 0.00 ? 59 ILE A HG23 1 
ATOM   903  H  HD11 . ILE A 1 59 ? -4.669  -7.109  2.485   1.00 0.00 ? 59 ILE A HD11 1 
ATOM   904  H  HD12 . ILE A 1 59 ? -6.173  -6.981  3.429   1.00 0.00 ? 59 ILE A HD12 1 
ATOM   905  H  HD13 . ILE A 1 59 ? -5.732  -5.695  2.279   1.00 0.00 ? 59 ILE A HD13 1 
ATOM   906  N  N    . LEU A 1 60 ? -6.391  -6.415  6.954   1.00 0.00 ? 60 LEU A N    1 
ATOM   907  C  CA   . LEU A 1 60 ? -7.080  -7.654  7.270   1.00 0.00 ? 60 LEU A CA   1 
ATOM   908  C  C    . LEU A 1 60 ? -8.556  -7.357  7.547   1.00 0.00 ? 60 LEU A C    1 
ATOM   909  O  O    . LEU A 1 60 ? -9.429  -8.143  7.187   1.00 0.00 ? 60 LEU A O    1 
ATOM   910  C  CB   . LEU A 1 60 ? -6.375  -8.382  8.416   1.00 0.00 ? 60 LEU A CB   1 
ATOM   911  C  CG   . LEU A 1 60 ? -6.556  -9.900  8.460   1.00 0.00 ? 60 LEU A CG   1 
ATOM   912  C  CD1  . LEU A 1 60 ? -5.456  -10.608 7.665   1.00 0.00 ? 60 LEU A CD1  1 
ATOM   913  C  CD2  . LEU A 1 60 ? -6.633  -10.403 9.903   1.00 0.00 ? 60 LEU A CD2  1 
ATOM   914  H  H    . LEU A 1 60 ? -5.608  -6.206  7.537   1.00 0.00 ? 60 LEU A H    1 
ATOM   915  H  HA   . LEU A 1 60 ? -7.016  -8.298  6.392   1.00 0.00 ? 60 LEU A HA   1 
ATOM   916  H  HB2  . LEU A 1 60 ? -5.308  -8.165  8.356   1.00 0.00 ? 60 LEU A HB2  1 
ATOM   917  H  HB3  . LEU A 1 60 ? -6.732  -7.967  9.359   1.00 0.00 ? 60 LEU A HB3  1 
ATOM   918  H  HG   . LEU A 1 60 ? -7.505  -10.145 7.982   1.00 0.00 ? 60 LEU A HG   1 
ATOM   919  H  HD11 . LEU A 1 60 ? -5.329  -11.622 8.043   1.00 0.00 ? 60 LEU A HD11 1 
ATOM   920  H  HD12 . LEU A 1 60 ? -5.735  -10.643 6.612   1.00 0.00 ? 60 LEU A HD12 1 
ATOM   921  H  HD13 . LEU A 1 60 ? -4.520  -10.060 7.775   1.00 0.00 ? 60 LEU A HD13 1 
ATOM   922  H  HD21 . LEU A 1 60 ? -6.074  -9.729  10.552  1.00 0.00 ? 60 LEU A HD21 1 
ATOM   923  H  HD22 . LEU A 1 60 ? -7.675  -10.432 10.222  1.00 0.00 ? 60 LEU A HD22 1 
ATOM   924  H  HD23 . LEU A 1 60 ? -6.206  -11.404 9.962   1.00 0.00 ? 60 LEU A HD23 1 
ATOM   925  N  N    . LYS A 1 61 ? -8.787  -6.219  8.183   1.00 0.00 ? 61 LYS A N    1 
ATOM   926  C  CA   . LYS A 1 61 ? -10.141 -5.807  8.512   1.00 0.00 ? 61 LYS A CA   1 
ATOM   927  C  C    . LYS A 1 61 ? -10.105 -4.428  9.174   1.00 0.00 ? 61 LYS A C    1 
ATOM   928  O  O    . LYS A 1 61 ? -10.993 -3.606  8.955   1.00 0.00 ? 61 LYS A O    1 
ATOM   929  C  CB   . LYS A 1 61 ? -10.837 -6.876  9.354   1.00 0.00 ? 61 LYS A CB   1 
ATOM   930  C  CG   . LYS A 1 61 ? -10.235 -6.944  10.759  1.00 0.00 ? 61 LYS A CG   1 
ATOM   931  C  CD   . LYS A 1 61 ? -8.852  -7.594  10.734  1.00 0.00 ? 61 LYS A CD   1 
ATOM   932  C  CE   . LYS A 1 61 ? -8.548  -8.293  12.061  1.00 0.00 ? 61 LYS A CE   1 
ATOM   933  N  NZ   . LYS A 1 61 ? -7.386  -7.662  12.725  1.00 0.00 ? 61 LYS A NZ   1 
ATOM   934  H  H    . LYS A 1 61 ? -8.072  -5.583  8.471   1.00 0.00 ? 61 LYS A H    1 
ATOM   935  H  HA   . LYS A 1 61 ? -10.695 -5.725  7.576   1.00 0.00 ? 61 LYS A HA   1 
ATOM   936  H  HB2  . LYS A 1 61 ? -11.903 -6.658  9.420   1.00 0.00 ? 61 LYS A HB2  1 
ATOM   937  H  HB3  . LYS A 1 61 ? -10.742 -7.848  8.868   1.00 0.00 ? 61 LYS A HB3  1 
ATOM   938  H  HG2  . LYS A 1 61 ? -10.162 -5.939  11.176  1.00 0.00 ? 61 LYS A HG2  1 
ATOM   939  H  HG3  . LYS A 1 61 ? -10.896 -7.513  11.415  1.00 0.00 ? 61 LYS A HG3  1 
ATOM   940  H  HD2  . LYS A 1 61 ? -8.800  -8.316  9.918   1.00 0.00 ? 61 LYS A HD2  1 
ATOM   941  H  HD3  . LYS A 1 61 ? -8.094  -6.836  10.537  1.00 0.00 ? 61 LYS A HD3  1 
ATOM   942  H  HE2  . LYS A 1 61 ? -9.421  -8.242  12.713  1.00 0.00 ? 61 LYS A HE2  1 
ATOM   943  H  HE3  . LYS A 1 61 ? -8.345  -9.350  11.884  1.00 0.00 ? 61 LYS A HE3  1 
ATOM   944  H  HZ1  . LYS A 1 61 ? -6.590  -7.714  12.122  1.00 0.00 ? 61 LYS A HZ1  1 
ATOM   945  H  HZ2  . LYS A 1 61 ? -7.594  -6.704  12.922  1.00 0.00 ? 61 LYS A HZ2  1 
ATOM   946  H  HZ3  . LYS A 1 61 ? -7.189  -8.143  13.580  1.00 0.00 ? 61 LYS A HZ3  1 
ATOM   947  N  N    . GLU A 1 62 ? -9.068  -4.219  9.973   1.00 0.00 ? 62 GLU A N    1 
ATOM   948  C  CA   . GLU A 1 62 ? -8.903  -2.955  10.670  1.00 0.00 ? 62 GLU A CA   1 
ATOM   949  C  C    . GLU A 1 62 ? -8.924  -1.793  9.675   1.00 0.00 ? 62 GLU A C    1 
ATOM   950  O  O    . GLU A 1 62 ? -9.085  -0.639  10.066  1.00 0.00 ? 62 GLU A O    1 
ATOM   951  C  CB   . GLU A 1 62 ? -7.616  -2.948  11.497  1.00 0.00 ? 62 GLU A CB   1 
ATOM   952  C  CG   . GLU A 1 62 ? -7.915  -3.172  12.980  1.00 0.00 ? 62 GLU A CG   1 
ATOM   953  C  CD   . GLU A 1 62 ? -6.630  -3.448  13.763  1.00 0.00 ? 62 GLU A CD   1 
ATOM   954  O  OE1  . GLU A 1 62 ? -6.068  -4.546  13.563  1.00 0.00 ? 62 GLU A OE1  1 
ATOM   955  O  OE2  . GLU A 1 62 ? -6.239  -2.554  14.546  1.00 0.00 ? 62 GLU A OE2  1 
ATOM   956  H  H    . GLU A 1 62 ? -8.351  -4.893  10.146  1.00 0.00 ? 62 GLU A H    1 
ATOM   957  H  HA   . GLU A 1 62 ? -9.759  -2.881  11.343  1.00 0.00 ? 62 GLU A HA   1 
ATOM   958  H  HB2  . GLU A 1 62 ? -6.944  -3.725  11.136  1.00 0.00 ? 62 GLU A HB2  1 
ATOM   959  H  HB3  . GLU A 1 62 ? -7.101  -1.996  11.366  1.00 0.00 ? 62 GLU A HB3  1 
ATOM   960  H  HG2  . GLU A 1 62 ? -8.416  -2.295  13.392  1.00 0.00 ? 62 GLU A HG2  1 
ATOM   961  H  HG3  . GLU A 1 62 ? -8.602  -4.013  13.093  1.00 0.00 ? 62 GLU A HG3  1 
ATOM   962  N  N    . ILE A 1 63 ? -8.756  -2.140  8.407   1.00 0.00 ? 63 ILE A N    1 
ATOM   963  C  CA   . ILE A 1 63 ? -8.750  -1.140  7.352   1.00 0.00 ? 63 ILE A CA   1 
ATOM   964  C  C    . ILE A 1 63 ? -9.707  -0.006  7.726   1.00 0.00 ? 63 ILE A C    1 
ATOM   965  O  O    . ILE A 1 63 ? -10.918 -0.127  7.544   1.00 0.00 ? 63 ILE A O    1 
ATOM   966  C  CB   . ILE A 1 63 ? -9.060  -1.786  6.001   1.00 0.00 ? 63 ILE A CB   1 
ATOM   967  C  CG1  . ILE A 1 63 ? -9.528  -0.740  4.987   1.00 0.00 ? 63 ILE A CG1  1 
ATOM   968  C  CG2  . ILE A 1 63 ? -10.070 -2.926  6.155   1.00 0.00 ? 63 ILE A CG2  1 
ATOM   969  C  CD1  . ILE A 1 63 ? -8.351  0.092   4.473   1.00 0.00 ? 63 ILE A CD1  1 
ATOM   970  H  H    . ILE A 1 63 ? -8.623  -3.081  8.097   1.00 0.00 ? 63 ILE A H    1 
ATOM   971  H  HA   . ILE A 1 63 ? -7.740  -0.734  7.291   1.00 0.00 ? 63 ILE A HA   1 
ATOM   972  H  HB   . ILE A 1 63 ? -8.140  -2.222  5.611   1.00 0.00 ? 63 ILE A HB   1 
ATOM   973  H  HG12 . ILE A 1 63 ? -10.021 -1.234  4.149   1.00 0.00 ? 63 ILE A HG12 1 
ATOM   974  H  HG13 . ILE A 1 63 ? -10.267 -0.084  5.450   1.00 0.00 ? 63 ILE A HG13 1 
ATOM   975  H  HG21 . ILE A 1 63 ? -9.550  -3.829  6.477   1.00 0.00 ? 63 ILE A HG21 1 
ATOM   976  H  HG22 . ILE A 1 63 ? -10.815 -2.651  6.901   1.00 0.00 ? 63 ILE A HG22 1 
ATOM   977  H  HG23 . ILE A 1 63 ? -10.562 -3.109  5.200   1.00 0.00 ? 63 ILE A HG23 1 
ATOM   978  H  HD11 . ILE A 1 63 ? -7.605  -0.569  4.030   1.00 0.00 ? 63 ILE A HD11 1 
ATOM   979  H  HD12 . ILE A 1 63 ? -8.704  0.797   3.722   1.00 0.00 ? 63 ILE A HD12 1 
ATOM   980  H  HD13 . ILE A 1 63 ? -7.905  0.640   5.304   1.00 0.00 ? 63 ILE A HD13 1 
ATOM   981  N  N    . ASP A 1 64 ? -9.129  1.068   8.243   1.00 0.00 ? 64 ASP A N    1 
ATOM   982  C  CA   . ASP A 1 64 ? -9.916  2.221   8.643   1.00 0.00 ? 64 ASP A CA   1 
ATOM   983  C  C    . ASP A 1 64 ? -9.003  3.245   9.322   1.00 0.00 ? 64 ASP A C    1 
ATOM   984  O  O    . ASP A 1 64 ? -9.206  4.450   9.185   1.00 0.00 ? 64 ASP A O    1 
ATOM   985  C  CB   . ASP A 1 64 ? -11.005 1.825   9.642   1.00 0.00 ? 64 ASP A CB   1 
ATOM   986  C  CG   . ASP A 1 64 ? -12.283 2.664   9.571   1.00 0.00 ? 64 ASP A CG   1 
ATOM   987  O  OD1  . ASP A 1 64 ? -12.429 3.392   8.565   1.00 0.00 ? 64 ASP A OD1  1 
ATOM   988  O  OD2  . ASP A 1 64 ? -13.085 2.558   10.524  1.00 0.00 ? 64 ASP A OD2  1 
ATOM   989  H  H    . ASP A 1 64 ? -8.143  1.156   8.388   1.00 0.00 ? 64 ASP A H    1 
ATOM   990  H  HA   . ASP A 1 64 ? -10.355 2.601   7.723   1.00 0.00 ? 64 ASP A HA   1 
ATOM   991  H  HB2  . ASP A 1 64 ? -11.265 0.779   9.477   1.00 0.00 ? 64 ASP A HB2  1 
ATOM   992  H  HB3  . ASP A 1 64 ? -10.597 1.897   10.650  1.00 0.00 ? 64 ASP A HB3  1 
ATOM   993  N  N    . THR A 1 65 ? -8.016  2.727   10.040  1.00 0.00 ? 65 THR A N    1 
ATOM   994  C  CA   . THR A 1 65 ? -7.071  3.581   10.739  1.00 0.00 ? 65 THR A CA   1 
ATOM   995  C  C    . THR A 1 65 ? -5.636  3.145   10.439  1.00 0.00 ? 65 THR A C    1 
ATOM   996  O  O    . THR A 1 65 ? -4.762  3.984   10.221  1.00 0.00 ? 65 THR A O    1 
ATOM   997  C  CB   . THR A 1 65 ? -7.418  3.545   12.229  1.00 0.00 ? 65 THR A CB   1 
ATOM   998  O  OG1  . THR A 1 65 ? -7.469  4.920   12.606  1.00 0.00 ? 65 THR A OG1  1 
ATOM   999  C  CG2  . THR A 1 65 ? -6.284  2.968   13.080  1.00 0.00 ? 65 THR A CG2  1 
ATOM   1000 H  H    . THR A 1 65 ? -7.859  1.745   10.146  1.00 0.00 ? 65 THR A H    1 
ATOM   1001 H  HA   . THR A 1 65 ? -7.184  4.598   10.363  1.00 0.00 ? 65 THR A HA   1 
ATOM   1002 H  HB   . THR A 1 65 ? -8.348  3.006   12.401  1.00 0.00 ? 65 THR A HB   1 
ATOM   1003 H  HG1  . THR A 1 65 ? -8.053  5.426   11.973  1.00 0.00 ? 65 THR A HG1  1 
ATOM   1004 H  HG21 . THR A 1 65 ? -5.343  3.440   12.801  1.00 0.00 ? 65 THR A HG21 1 
ATOM   1005 H  HG22 . THR A 1 65 ? -6.488  3.160   14.134  1.00 0.00 ? 65 THR A HG22 1 
ATOM   1006 H  HG23 . THR A 1 65 ? -6.216  1.894   12.913  1.00 0.00 ? 65 THR A HG23 1 
ATOM   1007 N  N    . LEU A 1 66 ? -5.436  1.835   10.437  1.00 0.00 ? 66 LEU A N    1 
ATOM   1008 C  CA   . LEU A 1 66 ? -4.121  1.280   10.167  1.00 0.00 ? 66 LEU A CA   1 
ATOM   1009 C  C    . LEU A 1 66 ? -3.178  1.630   11.319  1.00 0.00 ? 66 LEU A C    1 
ATOM   1010 O  O    . LEU A 1 66 ? -2.586  2.706   11.334  1.00 0.00 ? 66 LEU A O    1 
ATOM   1011 C  CB   . LEU A 1 66 ? -3.617  1.738   8.798   1.00 0.00 ? 66 LEU A CB   1 
ATOM   1012 C  CG   . LEU A 1 66 ? -2.124  1.536   8.532   1.00 0.00 ? 66 LEU A CG   1 
ATOM   1013 C  CD1  . LEU A 1 66 ? -1.860  1.303   7.042   1.00 0.00 ? 66 LEU A CD1  1 
ATOM   1014 C  CD2  . LEU A 1 66 ? -1.305  2.704   9.082   1.00 0.00 ? 66 LEU A CD2  1 
ATOM   1015 H  H    . LEU A 1 66 ? -6.152  1.161   10.616  1.00 0.00 ? 66 LEU A H    1 
ATOM   1016 H  HA   . LEU A 1 66 ? -4.228  0.196   10.125  1.00 0.00 ? 66 LEU A HA   1 
ATOM   1017 H  HB2  . LEU A 1 66 ? -4.179  1.207   8.029   1.00 0.00 ? 66 LEU A HB2  1 
ATOM   1018 H  HB3  . LEU A 1 66 ? -3.845  2.798   8.684   1.00 0.00 ? 66 LEU A HB3  1 
ATOM   1019 H  HG   . LEU A 1 66 ? -1.800  0.639   9.059   1.00 0.00 ? 66 LEU A HG   1 
ATOM   1020 H  HD11 . LEU A 1 66 ? -2.806  1.291   6.503   1.00 0.00 ? 66 LEU A HD11 1 
ATOM   1021 H  HD12 . LEU A 1 66 ? -1.231  2.104   6.654   1.00 0.00 ? 66 LEU A HD12 1 
ATOM   1022 H  HD13 . LEU A 1 66 ? -1.353  0.348   6.908   1.00 0.00 ? 66 LEU A HD13 1 
ATOM   1023 H  HD21 . LEU A 1 66 ? -1.978  3.494   9.414   1.00 0.00 ? 66 LEU A HD21 1 
ATOM   1024 H  HD22 . LEU A 1 66 ? -0.704  2.361   9.925   1.00 0.00 ? 66 LEU A HD22 1 
ATOM   1025 H  HD23 . LEU A 1 66 ? -0.650  3.089   8.301   1.00 0.00 ? 66 LEU A HD23 1 
ATOM   1026 N  N    . PRO A 1 67 ? -3.065  0.674   12.280  1.00 0.00 ? 67 PRO A N    1 
ATOM   1027 C  CA   . PRO A 1 67 ? -2.203  0.870   13.434  1.00 0.00 ? 67 PRO A CA   1 
ATOM   1028 C  C    . PRO A 1 67 ? -0.731  0.710   13.052  1.00 0.00 ? 67 PRO A C    1 
ATOM   1029 O  O    . PRO A 1 67 ? -0.058  -0.204  13.527  1.00 0.00 ? 67 PRO A O    1 
ATOM   1030 C  CB   . PRO A 1 67 ? -2.668  -0.157  14.452  1.00 0.00 ? 67 PRO A CB   1 
ATOM   1031 C  CG   . PRO A 1 67 ? -3.455  -1.195  13.668  1.00 0.00 ? 67 PRO A CG   1 
ATOM   1032 C  CD   . PRO A 1 67 ? -3.751  -0.615  12.294  1.00 0.00 ? 67 PRO A CD   1 
ATOM   1033 H  HA   . PRO A 1 67 ? -2.295  1.803   13.780  1.00 0.00 ? 67 PRO A HA   1 
ATOM   1034 H  HB2  . PRO A 1 67 ? -1.820  -0.615  14.962  1.00 0.00 ? 67 PRO A HB2  1 
ATOM   1035 H  HB3  . PRO A 1 67 ? -3.288  0.306   15.219  1.00 0.00 ? 67 PRO A HB3  1 
ATOM   1036 H  HG2  . PRO A 1 67 ? -2.883  -2.119  13.577  1.00 0.00 ? 67 PRO A HG2  1 
ATOM   1037 H  HG3  . PRO A 1 67 ? -4.382  -1.442  14.186  1.00 0.00 ? 67 PRO A HG3  1 
ATOM   1038 H  HD2  . PRO A 1 67 ? -3.386  -1.266  11.501  1.00 0.00 ? 67 PRO A HD2  1 
ATOM   1039 H  HD3  . PRO A 1 67 ? -4.823  -0.494  12.139  1.00 0.00 ? 67 PRO A HD3  1 
ATOM   1040 N  N    . TYR A 1 68 ? -0.272  1.612   12.196  1.00 0.00 ? 68 TYR A N    1 
ATOM   1041 C  CA   . TYR A 1 68 ? 1.108   1.582   11.745  1.00 0.00 ? 68 TYR A CA   1 
ATOM   1042 C  C    . TYR A 1 68 ? 2.049   1.187   12.884  1.00 0.00 ? 68 TYR A C    1 
ATOM   1043 O  O    . TYR A 1 68 ? 2.140   1.888   13.891  1.00 0.00 ? 68 TYR A O    1 
ATOM   1044 C  CB   . TYR A 1 68 ? 1.438   3.007   11.299  1.00 0.00 ? 68 TYR A CB   1 
ATOM   1045 C  CG   . TYR A 1 68 ? 0.808   4.094   12.172  1.00 0.00 ? 68 TYR A CG   1 
ATOM   1046 C  CD1  . TYR A 1 68 ? 1.442   4.506   13.327  1.00 0.00 ? 68 TYR A CD1  1 
ATOM   1047 C  CD2  . TYR A 1 68 ? -0.396  4.663   11.807  1.00 0.00 ? 68 TYR A CD2  1 
ATOM   1048 C  CE1  . TYR A 1 68 ? 0.850   5.529   14.149  1.00 0.00 ? 68 TYR A CE1  1 
ATOM   1049 C  CE2  . TYR A 1 68 ? -0.989  5.684   12.630  1.00 0.00 ? 68 TYR A CE2  1 
ATOM   1050 C  CZ   . TYR A 1 68 ? -0.337  6.068   13.760  1.00 0.00 ? 68 TYR A CZ   1 
ATOM   1051 O  OH   . TYR A 1 68 ? -0.897  7.033   14.536  1.00 0.00 ? 68 TYR A OH   1 
ATOM   1052 H  H    . TYR A 1 68 ? -0.825  2.352   11.814  1.00 0.00 ? 68 TYR A H    1 
ATOM   1053 H  HA   . TYR A 1 68 ? 1.187   0.843   10.947  1.00 0.00 ? 68 TYR A HA   1 
ATOM   1054 H  HB2  . TYR A 1 68 ? 2.520   3.137   11.300  1.00 0.00 ? 68 TYR A HB2  1 
ATOM   1055 H  HB3  . TYR A 1 68 ? 1.102   3.143   10.271  1.00 0.00 ? 68 TYR A HB3  1 
ATOM   1056 H  HD1  . TYR A 1 68 ? 2.394   4.058   13.616  1.00 0.00 ? 68 TYR A HD1  1 
ATOM   1057 H  HD2  . TYR A 1 68 ? -0.898  4.336   10.896  1.00 0.00 ? 68 TYR A HD2  1 
ATOM   1058 H  HE1  . TYR A 1 68 ? 1.341   5.863   15.063  1.00 0.00 ? 68 TYR A HE1  1 
ATOM   1059 H  HE2  . TYR A 1 68 ? -1.939  6.140   12.352  1.00 0.00 ? 68 TYR A HE2  1 
ATOM   1060 H  HH   . TYR A 1 68 ? -1.382  6.615   15.305  1.00 0.00 ? 68 TYR A HH   1 
ATOM   1061 N  N    . LYS A 1 69 ? 2.727   0.065   12.689  1.00 0.00 ? 69 LYS A N    1 
ATOM   1062 C  CA   . LYS A 1 69 ? 3.658   -0.433  13.689  1.00 0.00 ? 69 LYS A CA   1 
ATOM   1063 C  C    . LYS A 1 69 ? 4.841   -1.102  12.987  1.00 0.00 ? 69 LYS A C    1 
ATOM   1064 O  O    . LYS A 1 69 ? 4.716   -1.563  11.853  1.00 0.00 ? 69 LYS A O    1 
ATOM   1065 C  CB   . LYS A 1 69 ? 2.938   -1.342  14.685  1.00 0.00 ? 69 LYS A CB   1 
ATOM   1066 C  CG   . LYS A 1 69 ? 3.490   -1.151  16.100  1.00 0.00 ? 69 LYS A CG   1 
ATOM   1067 C  CD   . LYS A 1 69 ? 3.100   -2.321  17.005  1.00 0.00 ? 69 LYS A CD   1 
ATOM   1068 C  CE   . LYS A 1 69 ? 4.017   -2.400  18.225  1.00 0.00 ? 69 LYS A CE   1 
ATOM   1069 N  NZ   . LYS A 1 69 ? 3.355   -3.142  19.324  1.00 0.00 ? 69 LYS A NZ   1 
ATOM   1070 H  H    . LYS A 1 69 ? 2.647   -0.500  11.868  1.00 0.00 ? 69 LYS A H    1 
ATOM   1071 H  HA   . LYS A 1 69 ? 4.028   0.428   14.245  1.00 0.00 ? 69 LYS A HA   1 
ATOM   1072 H  HB2  . LYS A 1 69 ? 1.870   -1.125  14.678  1.00 0.00 ? 69 LYS A HB2  1 
ATOM   1073 H  HB3  . LYS A 1 69 ? 3.053   -2.382  14.383  1.00 0.00 ? 69 LYS A HB3  1 
ATOM   1074 H  HG2  . LYS A 1 69 ? 4.577   -1.064  16.060  1.00 0.00 ? 69 LYS A HG2  1 
ATOM   1075 H  HG3  . LYS A 1 69 ? 3.112   -0.220  16.519  1.00 0.00 ? 69 LYS A HG3  1 
ATOM   1076 H  HD2  . LYS A 1 69 ? 2.066   -2.205  17.328  1.00 0.00 ? 69 LYS A HD2  1 
ATOM   1077 H  HD3  . LYS A 1 69 ? 3.154   -3.254  16.443  1.00 0.00 ? 69 LYS A HD3  1 
ATOM   1078 H  HE2  . LYS A 1 69 ? 4.950   -2.896  17.956  1.00 0.00 ? 69 LYS A HE2  1 
ATOM   1079 H  HE3  . LYS A 1 69 ? 4.275   -1.396  18.561  1.00 0.00 ? 69 LYS A HE3  1 
ATOM   1080 H  HZ1  . LYS A 1 69 ? 2.625   -3.713  18.948  1.00 0.00 ? 69 LYS A HZ1  1 
ATOM   1081 H  HZ2  . LYS A 1 69 ? 4.026   -3.721  19.786  1.00 0.00 ? 69 LYS A HZ2  1 
ATOM   1082 H  HZ3  . LYS A 1 69 ? 2.968   -2.492  19.978  1.00 0.00 ? 69 LYS A HZ3  1 
ATOM   1083 N  N    . ASN A 1 70 ? 5.962   -1.137  13.691  1.00 0.00 ? 70 ASN A N    1 
ATOM   1084 C  CA   . ASN A 1 70 ? 7.168   -1.744  13.152  1.00 0.00 ? 70 ASN A CA   1 
ATOM   1085 C  C    . ASN A 1 70 ? 7.142   -3.248  13.427  1.00 0.00 ? 70 ASN A C    1 
ATOM   1086 O  O    . ASN A 1 70 ? 6.337   -3.724  14.226  1.00 0.00 ? 70 ASN A O    1 
ATOM   1087 C  CB   . ASN A 1 70 ? 8.420   -1.163  13.811  1.00 0.00 ? 70 ASN A CB   1 
ATOM   1088 C  CG   . ASN A 1 70 ? 9.474   -0.803  12.764  1.00 0.00 ? 70 ASN A CG   1 
ATOM   1089 O  OD1  . ASN A 1 70 ? 9.730   -1.538  11.824  1.00 0.00 ? 70 ASN A OD1  1 
ATOM   1090 N  ND2  . ASN A 1 70 ? 10.070  0.367   12.976  1.00 0.00 ? 70 ASN A ND2  1 
ATOM   1091 H  H    . ASN A 1 70 ? 6.056   -0.762  14.614  1.00 0.00 ? 70 ASN A H    1 
ATOM   1092 H  HA   . ASN A 1 70 ? 7.150   -1.514  12.087  1.00 0.00 ? 70 ASN A HA   1 
ATOM   1093 H  HB2  . ASN A 1 70 ? 8.154   -0.276  14.386  1.00 0.00 ? 70 ASN A HB2  1 
ATOM   1094 H  HB3  . ASN A 1 70 ? 8.832   -1.886  14.516  1.00 0.00 ? 70 ASN A HB3  1 
ATOM   1095 H  HD21 . ASN A 1 70 ? 9.812   0.922   13.767  1.00 0.00 ? 70 ASN A HD21 1 
ATOM   1096 H  HD22 . ASN A 1 70 ? 10.775  0.691   12.345  1.00 0.00 ? 70 ASN A HD22 1 
ATOM   1097 N  N    . GLY A 1 71 ? 8.034   -3.957  12.749  1.00 0.00 ? 71 GLY A N    1 
ATOM   1098 C  CA   . GLY A 1 71 ? 8.124   -5.397  12.909  1.00 0.00 ? 71 GLY A CA   1 
ATOM   1099 C  C    . GLY A 1 71 ? 8.967   -6.022  11.795  1.00 0.00 ? 71 GLY A C    1 
ATOM   1100 O  O    . GLY A 1 71 ? 9.307   -7.202  11.856  1.00 0.00 ? 71 GLY A O    1 
ATOM   1101 H  H    . GLY A 1 71 ? 8.685   -3.562  12.100  1.00 0.00 ? 71 GLY A H    1 
ATOM   1102 H  HA2  . GLY A 1 71 ? 8.565   -5.632  13.878  1.00 0.00 ? 71 GLY A HA2  1 
ATOM   1103 H  HA3  . GLY A 1 71 ? 7.125   -5.831  12.901  1.00 0.00 ? 71 GLY A HA3  1 
HETATM 1104 CA CA   . CA  B 2 .  ? -5.605  -2.859  -4.080  1.00 0.00 ? 72 CA  A CA   1 
HETATM 1105 CA CA   . CA  C 2 .  ? 5.977   2.208   2.894   1.00 0.00 ? 73 CA  A CA   1 
# 
